data_2YST
#
_entry.id   2YST
#
_entity_poly.entity_id   1
_entity_poly.type   'polypeptide(L)'
_entity_poly.pdbx_seq_one_letter_code
;GSSGSSGNDNSPRFEKSVYEADLAENSAPGTPILQLRAADLDVGVNGQIEYVFGAATESVRRLLRLDETSGWLSVLHRID
REEVNQLRFTVMARDRGQPPKTDKATVVLNIKDENDNVP
;
_entity_poly.pdbx_strand_id   A
#
# COMPACT_ATOMS: atom_id res chain seq x y z
N GLY A 1 29.22 2.33 19.92
CA GLY A 1 28.07 3.20 19.80
C GLY A 1 26.77 2.49 20.13
N SER A 2 25.93 2.28 19.12
CA SER A 2 24.65 1.62 19.32
C SER A 2 24.52 0.40 18.41
N SER A 3 24.59 0.63 17.11
CA SER A 3 24.48 -0.44 16.12
C SER A 3 25.21 -0.07 14.83
N GLY A 4 25.24 -1.02 13.90
CA GLY A 4 25.91 -0.78 12.63
C GLY A 4 25.87 -1.99 11.72
N SER A 5 24.67 -2.42 11.35
CA SER A 5 24.50 -3.57 10.48
C SER A 5 25.32 -3.41 9.20
N SER A 6 25.94 -4.51 8.77
CA SER A 6 26.77 -4.50 7.57
C SER A 6 26.91 -5.90 6.99
N GLY A 7 26.43 -6.08 5.77
CA GLY A 7 26.52 -7.38 5.12
C GLY A 7 25.46 -7.58 4.07
N ASN A 8 24.74 -8.70 4.14
CA ASN A 8 23.68 -9.01 3.18
C ASN A 8 22.40 -9.42 3.91
N ASP A 9 21.27 -8.96 3.39
CA ASP A 9 19.97 -9.28 3.97
C ASP A 9 18.89 -9.33 2.91
N ASN A 10 18.14 -10.43 2.89
CA ASN A 10 17.07 -10.60 1.92
C ASN A 10 15.76 -10.00 2.43
N SER A 11 15.87 -8.92 3.19
CA SER A 11 14.71 -8.24 3.74
C SER A 11 13.76 -7.78 2.63
N PRO A 12 12.45 -7.73 2.95
CA PRO A 12 11.43 -7.32 1.99
C PRO A 12 11.52 -5.83 1.66
N ARG A 13 11.48 -5.51 0.37
CA ARG A 13 11.56 -4.12 -0.07
C ARG A 13 10.55 -3.86 -1.20
N PHE A 14 9.77 -2.80 -1.04
CA PHE A 14 8.77 -2.45 -2.04
C PHE A 14 9.42 -1.79 -3.25
N GLU A 15 8.74 -1.86 -4.40
CA GLU A 15 9.26 -1.27 -5.62
C GLU A 15 9.39 0.24 -5.49
N LYS A 16 8.32 0.88 -5.02
CA LYS A 16 8.33 2.33 -4.85
C LYS A 16 8.26 2.70 -3.36
N SER A 17 9.13 3.61 -2.95
CA SER A 17 9.17 4.05 -1.56
C SER A 17 7.82 4.63 -1.13
N VAL A 18 7.26 5.48 -2.00
CA VAL A 18 5.97 6.10 -1.72
C VAL A 18 4.98 5.87 -2.85
N TYR A 19 4.13 4.85 -2.69
CA TYR A 19 3.14 4.53 -3.72
C TYR A 19 2.13 5.66 -3.86
N GLU A 20 2.20 6.36 -5.00
CA GLU A 20 1.29 7.46 -5.26
C GLU A 20 0.26 7.07 -6.33
N ALA A 21 -1.01 7.14 -5.96
CA ALA A 21 -2.10 6.79 -6.88
C ALA A 21 -3.29 7.72 -6.69
N ASP A 22 -4.13 7.81 -7.71
CA ASP A 22 -5.31 8.66 -7.66
C ASP A 22 -6.57 7.83 -7.45
N LEU A 23 -7.29 8.12 -6.37
CA LEU A 23 -8.51 7.40 -6.04
C LEU A 23 -9.74 8.30 -6.23
N ALA A 24 -10.66 7.86 -7.09
CA ALA A 24 -11.87 8.62 -7.34
C ALA A 24 -12.82 8.56 -6.16
N GLU A 25 -13.03 9.71 -5.51
CA GLU A 25 -13.92 9.79 -4.36
C GLU A 25 -15.17 8.95 -4.57
N ASN A 26 -15.59 8.84 -5.83
CA ASN A 26 -16.78 8.06 -6.18
C ASN A 26 -16.43 6.58 -6.34
N SER A 27 -15.44 6.12 -5.58
CA SER A 27 -15.01 4.73 -5.64
C SER A 27 -15.87 3.85 -4.72
N ALA A 28 -16.48 2.84 -5.29
CA ALA A 28 -17.33 1.92 -4.53
C ALA A 28 -16.57 1.35 -3.34
N PRO A 29 -17.32 0.70 -2.43
CA PRO A 29 -16.74 0.09 -1.22
C PRO A 29 -15.88 -1.13 -1.54
N GLY A 30 -15.72 -1.41 -2.84
CA GLY A 30 -14.92 -2.54 -3.26
C GLY A 30 -14.16 -2.28 -4.53
N THR A 31 -13.73 -1.03 -4.72
CA THR A 31 -12.98 -0.65 -5.90
C THR A 31 -11.48 -0.82 -5.70
N PRO A 32 -10.81 -1.47 -6.66
CA PRO A 32 -9.37 -1.72 -6.61
C PRO A 32 -8.56 -0.44 -6.77
N ILE A 33 -7.68 -0.17 -5.81
CA ILE A 33 -6.84 1.02 -5.85
C ILE A 33 -5.50 0.72 -6.51
N LEU A 34 -4.71 -0.14 -5.87
CA LEU A 34 -3.40 -0.51 -6.39
C LEU A 34 -2.89 -1.78 -5.71
N GLN A 35 -1.72 -2.24 -6.15
CA GLN A 35 -1.11 -3.45 -5.59
C GLN A 35 0.26 -3.14 -5.02
N LEU A 36 0.60 -3.79 -3.91
CA LEU A 36 1.89 -3.59 -3.27
C LEU A 36 2.83 -4.75 -3.56
N ARG A 37 3.80 -4.51 -4.44
CA ARG A 37 4.77 -5.54 -4.82
C ARG A 37 5.90 -5.62 -3.80
N ALA A 38 6.49 -6.79 -3.67
CA ALA A 38 7.58 -7.01 -2.72
C ALA A 38 8.77 -7.66 -3.41
N ALA A 39 9.10 -7.19 -4.61
CA ALA A 39 10.22 -7.73 -5.37
C ALA A 39 11.35 -8.18 -4.44
N ASP A 40 11.72 -9.45 -4.55
CA ASP A 40 12.78 -10.01 -3.73
C ASP A 40 14.03 -10.28 -4.55
N LEU A 41 13.93 -10.04 -5.86
CA LEU A 41 15.06 -10.26 -6.76
C LEU A 41 15.52 -11.71 -6.71
N ASP A 42 14.59 -12.61 -6.41
CA ASP A 42 14.89 -14.03 -6.33
C ASP A 42 14.14 -14.80 -7.41
N VAL A 43 13.71 -14.09 -8.45
CA VAL A 43 12.98 -14.72 -9.54
C VAL A 43 11.89 -15.64 -9.02
N GLY A 44 11.36 -15.32 -7.85
CA GLY A 44 10.31 -16.14 -7.25
C GLY A 44 10.72 -16.73 -5.92
N VAL A 45 10.09 -16.27 -4.84
CA VAL A 45 10.39 -16.76 -3.51
C VAL A 45 9.40 -17.83 -3.08
N ASN A 46 9.52 -18.27 -1.83
CA ASN A 46 8.63 -19.30 -1.29
C ASN A 46 7.35 -18.67 -0.74
N GLY A 47 7.01 -17.49 -1.25
CA GLY A 47 5.81 -16.81 -0.79
C GLY A 47 5.83 -16.54 0.70
N GLN A 48 6.86 -15.85 1.16
CA GLN A 48 7.00 -15.53 2.58
C GLN A 48 6.95 -14.02 2.80
N ILE A 49 6.07 -13.34 2.06
CA ILE A 49 5.93 -11.89 2.18
C ILE A 49 4.46 -11.48 2.20
N GLU A 50 4.01 -10.93 3.32
CA GLU A 50 2.63 -10.49 3.46
C GLU A 50 2.54 -8.97 3.49
N TYR A 51 1.32 -8.45 3.38
CA TYR A 51 1.10 -7.02 3.39
C TYR A 51 0.05 -6.63 4.43
N VAL A 52 0.49 -5.94 5.47
CA VAL A 52 -0.41 -5.50 6.54
C VAL A 52 -0.33 -3.99 6.74
N PHE A 53 -1.24 -3.47 7.55
CA PHE A 53 -1.28 -2.04 7.84
C PHE A 53 -0.19 -1.65 8.84
N GLY A 54 0.63 -0.68 8.48
CA GLY A 54 1.70 -0.23 9.35
C GLY A 54 1.29 0.94 10.21
N ALA A 55 1.37 2.14 9.64
CA ALA A 55 0.99 3.36 10.38
C ALA A 55 -0.23 4.01 9.75
N ALA A 56 -1.40 3.49 10.08
CA ALA A 56 -2.66 4.04 9.54
C ALA A 56 -3.58 4.49 10.68
N THR A 57 -4.70 5.09 10.31
CA THR A 57 -5.66 5.58 11.28
C THR A 57 -6.82 4.59 11.44
N GLU A 58 -7.73 4.91 12.36
CA GLU A 58 -8.89 4.06 12.60
C GLU A 58 -9.94 4.23 11.50
N SER A 59 -9.89 5.38 10.82
CA SER A 59 -10.84 5.66 9.76
C SER A 59 -10.30 5.18 8.41
N VAL A 60 -9.01 4.90 8.36
CA VAL A 60 -8.37 4.42 7.14
C VAL A 60 -8.41 2.90 7.05
N ARG A 61 -8.40 2.24 8.20
CA ARG A 61 -8.43 0.78 8.25
C ARG A 61 -9.85 0.26 8.01
N ARG A 62 -10.84 1.14 8.21
CA ARG A 62 -12.23 0.77 8.02
C ARG A 62 -12.76 1.31 6.69
N LEU A 63 -12.07 2.30 6.15
CA LEU A 63 -12.46 2.91 4.88
C LEU A 63 -11.79 2.21 3.71
N LEU A 64 -10.68 1.53 3.98
CA LEU A 64 -9.95 0.80 2.95
C LEU A 64 -9.62 -0.62 3.40
N ARG A 65 -9.53 -1.52 2.44
CA ARG A 65 -9.22 -2.92 2.73
C ARG A 65 -8.01 -3.39 1.94
N LEU A 66 -7.13 -4.14 2.60
CA LEU A 66 -5.92 -4.65 1.97
C LEU A 66 -5.77 -6.14 2.20
N ASP A 67 -5.55 -6.89 1.13
CA ASP A 67 -5.39 -8.34 1.21
C ASP A 67 -3.95 -8.71 1.55
N GLU A 68 -3.78 -9.53 2.59
CA GLU A 68 -2.46 -9.95 3.01
C GLU A 68 -2.01 -11.21 2.27
N THR A 69 -2.99 -11.94 1.73
CA THR A 69 -2.71 -13.16 1.00
C THR A 69 -2.27 -12.86 -0.43
N SER A 70 -2.73 -11.73 -0.96
CA SER A 70 -2.38 -11.32 -2.32
C SER A 70 -1.60 -10.01 -2.31
N GLY A 71 -1.95 -9.13 -1.37
CA GLY A 71 -1.28 -7.85 -1.26
C GLY A 71 -1.96 -6.77 -2.09
N TRP A 72 -3.21 -7.02 -2.47
CA TRP A 72 -3.98 -6.08 -3.26
C TRP A 72 -4.69 -5.07 -2.37
N LEU A 73 -4.59 -3.79 -2.72
CA LEU A 73 -5.22 -2.73 -1.95
C LEU A 73 -6.46 -2.20 -2.68
N SER A 74 -7.60 -2.23 -1.99
CA SER A 74 -8.85 -1.74 -2.56
C SER A 74 -9.68 -1.00 -1.53
N VAL A 75 -10.87 -0.56 -1.93
CA VAL A 75 -11.76 0.17 -1.04
C VAL A 75 -12.66 -0.78 -0.26
N LEU A 76 -13.14 -0.33 0.89
CA LEU A 76 -14.02 -1.14 1.72
C LEU A 76 -15.35 -0.43 1.97
N HIS A 77 -15.29 0.88 2.13
CA HIS A 77 -16.49 1.68 2.38
C HIS A 77 -16.49 2.93 1.51
N ARG A 78 -17.68 3.43 1.20
CA ARG A 78 -17.83 4.63 0.37
C ARG A 78 -16.81 5.70 0.79
N ILE A 79 -16.41 6.53 -0.17
CA ILE A 79 -15.45 7.59 0.10
C ILE A 79 -16.02 8.95 -0.30
N ASP A 80 -16.02 9.89 0.65
CA ASP A 80 -16.52 11.23 0.40
C ASP A 80 -15.40 12.26 0.48
N ARG A 81 -14.96 12.74 -0.69
CA ARG A 81 -13.89 13.72 -0.75
C ARG A 81 -14.06 14.77 0.35
N GLU A 82 -15.30 15.01 0.75
CA GLU A 82 -15.59 15.99 1.79
C GLU A 82 -14.94 15.60 3.12
N GLU A 83 -15.19 14.35 3.53
CA GLU A 83 -14.62 13.84 4.78
C GLU A 83 -13.10 13.76 4.69
N VAL A 84 -12.59 13.59 3.48
CA VAL A 84 -11.15 13.50 3.26
C VAL A 84 -10.77 13.95 1.86
N ASN A 85 -9.79 14.85 1.79
CA ASN A 85 -9.34 15.37 0.50
C ASN A 85 -8.14 14.58 -0.01
N GLN A 86 -7.45 13.91 0.90
CA GLN A 86 -6.28 13.11 0.54
C GLN A 86 -5.84 12.23 1.70
N LEU A 87 -5.88 10.92 1.49
CA LEU A 87 -5.48 9.97 2.52
C LEU A 87 -3.98 9.71 2.48
N ARG A 88 -3.42 9.32 3.62
CA ARG A 88 -1.99 9.04 3.72
C ARG A 88 -1.71 8.03 4.83
N PHE A 89 -1.31 6.82 4.43
CA PHE A 89 -1.01 5.77 5.38
C PHE A 89 0.26 5.02 4.99
N THR A 90 0.60 3.98 5.74
CA THR A 90 1.79 3.19 5.47
C THR A 90 1.50 1.70 5.60
N VAL A 91 2.17 0.90 4.79
CA VAL A 91 1.99 -0.55 4.82
C VAL A 91 3.29 -1.26 5.20
N MET A 92 3.16 -2.33 5.96
CA MET A 92 4.32 -3.11 6.40
C MET A 92 4.38 -4.46 5.68
N ALA A 93 5.59 -4.99 5.53
CA ALA A 93 5.77 -6.27 4.87
C ALA A 93 6.71 -7.17 5.67
N ARG A 94 6.15 -8.23 6.26
CA ARG A 94 6.93 -9.16 7.05
C ARG A 94 7.55 -10.24 6.17
N ASP A 95 8.75 -10.68 6.54
CA ASP A 95 9.44 -11.72 5.78
C ASP A 95 10.04 -12.77 6.71
N ARG A 96 11.06 -12.37 7.47
CA ARG A 96 11.72 -13.26 8.41
C ARG A 96 12.23 -12.51 9.62
N GLY A 97 12.21 -13.17 10.78
CA GLY A 97 12.67 -12.54 12.01
C GLY A 97 11.57 -12.39 13.03
N GLN A 98 11.95 -12.26 14.30
CA GLN A 98 10.98 -12.12 15.38
C GLN A 98 11.41 -11.02 16.35
N PRO A 99 10.90 -9.81 16.12
CA PRO A 99 9.97 -9.53 15.02
C PRO A 99 10.65 -9.60 13.66
N PRO A 100 9.89 -9.99 12.62
CA PRO A 100 10.40 -10.11 11.26
C PRO A 100 10.70 -8.75 10.64
N LYS A 101 11.74 -8.69 9.81
CA LYS A 101 12.12 -7.46 9.14
C LYS A 101 10.94 -6.85 8.38
N THR A 102 10.22 -5.94 9.04
CA THR A 102 9.08 -5.30 8.42
C THR A 102 9.49 -4.01 7.71
N ASP A 103 9.13 -3.90 6.44
CA ASP A 103 9.45 -2.72 5.65
C ASP A 103 8.23 -1.82 5.48
N LYS A 104 8.42 -0.53 5.72
CA LYS A 104 7.33 0.44 5.60
C LYS A 104 7.36 1.10 4.23
N ALA A 105 6.18 1.37 3.68
CA ALA A 105 6.06 2.01 2.37
C ALA A 105 4.89 2.99 2.34
N THR A 106 5.19 4.28 2.26
CA THR A 106 4.18 5.31 2.22
C THR A 106 3.25 5.13 1.03
N VAL A 107 1.97 5.43 1.22
CA VAL A 107 0.98 5.30 0.16
C VAL A 107 0.11 6.54 0.06
N VAL A 108 0.43 7.40 -0.90
CA VAL A 108 -0.33 8.63 -1.10
C VAL A 108 -1.48 8.42 -2.08
N LEU A 109 -2.69 8.73 -1.64
CA LEU A 109 -3.87 8.57 -2.48
C LEU A 109 -4.58 9.90 -2.68
N ASN A 110 -4.53 10.42 -3.90
CA ASN A 110 -5.17 11.69 -4.21
C ASN A 110 -6.66 11.49 -4.48
N ILE A 111 -7.48 11.99 -3.58
CA ILE A 111 -8.94 11.87 -3.72
C ILE A 111 -9.44 12.70 -4.90
N LYS A 112 -9.51 12.06 -6.06
CA LYS A 112 -9.98 12.74 -7.27
C LYS A 112 -11.51 12.77 -7.31
N ASP A 113 -12.05 13.36 -8.37
CA ASP A 113 -13.50 13.47 -8.53
C ASP A 113 -13.91 13.11 -9.96
N GLU A 114 -14.92 12.25 -10.07
CA GLU A 114 -15.41 11.83 -11.38
C GLU A 114 -16.46 12.80 -11.91
N ASN A 115 -17.21 13.39 -10.99
CA ASN A 115 -18.26 14.34 -11.36
C ASN A 115 -17.65 15.65 -11.88
N ASP A 116 -16.41 15.91 -11.47
CA ASP A 116 -15.71 17.12 -11.89
C ASP A 116 -14.85 16.85 -13.11
N ASN A 117 -15.32 15.96 -13.98
CA ASN A 117 -14.59 15.61 -15.19
C ASN A 117 -14.90 16.60 -16.31
N VAL A 118 -13.85 17.20 -16.86
CA VAL A 118 -13.99 18.17 -17.94
C VAL A 118 -14.78 17.58 -19.10
N PRO A 119 -15.70 18.38 -19.66
CA PRO A 119 -16.54 17.95 -20.79
C PRO A 119 -15.75 17.81 -22.08
N GLY A 1 36.40 -5.74 15.43
CA GLY A 1 35.19 -6.41 15.87
C GLY A 1 34.48 -7.13 14.73
N SER A 2 33.30 -6.65 14.36
CA SER A 2 32.52 -7.25 13.29
C SER A 2 33.43 -7.76 12.18
N SER A 3 33.50 -9.08 12.02
CA SER A 3 34.34 -9.68 10.99
C SER A 3 34.10 -11.19 10.92
N GLY A 4 33.69 -11.66 9.75
CA GLY A 4 33.43 -13.07 9.57
C GLY A 4 32.73 -13.37 8.25
N SER A 5 31.62 -14.09 8.32
CA SER A 5 30.86 -14.45 7.14
C SER A 5 29.50 -13.76 7.13
N SER A 6 29.13 -13.20 5.98
CA SER A 6 27.86 -12.50 5.85
C SER A 6 27.03 -13.09 4.71
N GLY A 7 25.87 -13.64 5.05
CA GLY A 7 25.00 -14.24 4.05
C GLY A 7 24.16 -13.21 3.34
N ASN A 8 23.58 -13.60 2.21
CA ASN A 8 22.74 -12.70 1.43
C ASN A 8 21.49 -12.31 2.21
N ASP A 9 21.45 -11.05 2.65
CA ASP A 9 20.31 -10.55 3.40
C ASP A 9 19.63 -9.39 2.67
N ASN A 10 18.53 -9.70 1.99
CA ASN A 10 17.80 -8.69 1.24
C ASN A 10 16.42 -8.46 1.86
N SER A 11 16.38 -7.67 2.92
CA SER A 11 15.12 -7.37 3.60
C SER A 11 14.00 -7.12 2.60
N PRO A 12 12.76 -7.42 3.02
CA PRO A 12 11.57 -7.24 2.17
C PRO A 12 11.25 -5.77 1.92
N ARG A 13 11.86 -5.20 0.89
CA ARG A 13 11.64 -3.80 0.55
C ARG A 13 10.59 -3.67 -0.56
N PHE A 14 9.68 -2.72 -0.38
CA PHE A 14 8.62 -2.49 -1.36
C PHE A 14 9.20 -1.99 -2.68
N GLU A 15 8.36 -1.91 -3.70
CA GLU A 15 8.79 -1.44 -5.02
C GLU A 15 9.10 0.06 -4.99
N LYS A 16 8.21 0.82 -4.36
CA LYS A 16 8.39 2.26 -4.26
C LYS A 16 8.36 2.72 -2.81
N SER A 17 9.11 3.78 -2.50
CA SER A 17 9.18 4.31 -1.15
C SER A 17 7.84 4.91 -0.74
N VAL A 18 7.21 5.64 -1.66
CA VAL A 18 5.92 6.27 -1.39
C VAL A 18 4.92 5.96 -2.50
N TYR A 19 4.13 4.92 -2.30
CA TYR A 19 3.13 4.51 -3.28
C TYR A 19 2.19 5.67 -3.60
N GLU A 20 2.34 6.25 -4.77
CA GLU A 20 1.50 7.37 -5.19
C GLU A 20 0.52 6.94 -6.28
N ALA A 21 -0.76 6.96 -5.96
CA ALA A 21 -1.80 6.57 -6.90
C ALA A 21 -2.96 7.56 -6.88
N ASP A 22 -3.90 7.37 -7.80
CA ASP A 22 -5.06 8.25 -7.89
C ASP A 22 -6.35 7.48 -7.59
N LEU A 23 -7.12 7.96 -6.62
CA LEU A 23 -8.37 7.32 -6.25
C LEU A 23 -9.55 8.27 -6.42
N ALA A 24 -10.61 7.77 -7.04
CA ALA A 24 -11.80 8.58 -7.27
C ALA A 24 -12.66 8.67 -6.00
N GLU A 25 -12.78 9.88 -5.46
CA GLU A 25 -13.57 10.10 -4.26
C GLU A 25 -14.88 9.33 -4.31
N ASN A 26 -15.44 9.19 -5.52
CA ASN A 26 -16.69 8.48 -5.70
C ASN A 26 -16.43 6.99 -5.92
N SER A 27 -15.46 6.44 -5.21
CA SER A 27 -15.12 5.03 -5.32
C SER A 27 -15.93 4.19 -4.36
N ALA A 28 -16.80 3.34 -4.90
CA ALA A 28 -17.64 2.47 -4.09
C ALA A 28 -16.80 1.65 -3.11
N PRO A 29 -17.46 1.10 -2.08
CA PRO A 29 -16.80 0.29 -1.06
C PRO A 29 -16.32 -1.06 -1.60
N GLY A 30 -15.19 -1.04 -2.29
CA GLY A 30 -14.65 -2.27 -2.85
C GLY A 30 -13.80 -2.01 -4.08
N THR A 31 -13.89 -0.81 -4.63
CA THR A 31 -13.13 -0.43 -5.81
C THR A 31 -11.64 -0.74 -5.63
N PRO A 32 -11.05 -1.42 -6.62
CA PRO A 32 -9.63 -1.77 -6.59
C PRO A 32 -8.72 -0.56 -6.75
N ILE A 33 -7.85 -0.36 -5.77
CA ILE A 33 -6.92 0.78 -5.80
C ILE A 33 -5.64 0.41 -6.53
N LEU A 34 -4.90 -0.56 -5.99
CA LEU A 34 -3.65 -1.00 -6.58
C LEU A 34 -3.15 -2.27 -5.92
N GLN A 35 -2.01 -2.78 -6.38
CA GLN A 35 -1.42 -3.98 -5.83
C GLN A 35 -0.03 -3.70 -5.26
N LEU A 36 0.19 -4.10 -4.01
CA LEU A 36 1.48 -3.88 -3.35
C LEU A 36 2.42 -5.05 -3.62
N ARG A 37 3.66 -4.73 -3.99
CA ARG A 37 4.65 -5.76 -4.27
C ARG A 37 6.01 -5.38 -3.67
N ALA A 38 6.90 -6.36 -3.58
CA ALA A 38 8.23 -6.12 -3.03
C ALA A 38 9.26 -5.93 -4.13
N ALA A 39 8.96 -6.48 -5.30
CA ALA A 39 9.86 -6.37 -6.45
C ALA A 39 9.24 -6.98 -7.70
N ASP A 40 9.78 -6.62 -8.86
CA ASP A 40 9.28 -7.13 -10.13
C ASP A 40 10.06 -8.36 -10.57
N LEU A 41 10.36 -9.24 -9.62
CA LEU A 41 11.11 -10.45 -9.90
C LEU A 41 10.46 -11.67 -9.25
N ASP A 42 9.90 -11.46 -8.05
CA ASP A 42 9.24 -12.54 -7.33
C ASP A 42 7.81 -12.74 -7.84
N VAL A 43 7.67 -12.87 -9.16
CA VAL A 43 6.36 -13.06 -9.77
C VAL A 43 5.92 -14.52 -9.66
N GLY A 44 6.14 -15.12 -8.49
CA GLY A 44 5.76 -16.50 -8.28
C GLY A 44 6.77 -17.26 -7.44
N VAL A 45 6.87 -16.89 -6.16
CA VAL A 45 7.81 -17.54 -5.26
C VAL A 45 7.16 -17.78 -3.89
N ASN A 46 7.37 -18.98 -3.35
CA ASN A 46 6.81 -19.32 -2.04
C ASN A 46 6.85 -18.12 -1.10
N GLY A 47 7.96 -17.38 -1.13
CA GLY A 47 8.09 -16.22 -0.27
C GLY A 47 7.11 -15.12 -0.63
N GLN A 48 5.84 -15.33 -0.29
CA GLN A 48 4.80 -14.35 -0.58
C GLN A 48 4.79 -13.24 0.46
N ILE A 49 5.76 -12.34 0.37
CA ILE A 49 5.87 -11.23 1.32
C ILE A 49 4.48 -10.75 1.74
N GLU A 50 4.28 -10.64 3.05
CA GLU A 50 3.00 -10.18 3.59
C GLU A 50 2.83 -8.68 3.37
N TYR A 51 1.57 -8.25 3.33
CA TYR A 51 1.26 -6.84 3.12
C TYR A 51 0.18 -6.36 4.09
N VAL A 52 0.60 -6.01 5.31
CA VAL A 52 -0.32 -5.55 6.32
C VAL A 52 -0.25 -4.03 6.47
N PHE A 53 -1.10 -3.49 7.34
CA PHE A 53 -1.14 -2.04 7.57
C PHE A 53 -0.20 -1.65 8.70
N GLY A 54 0.88 -0.96 8.34
CA GLY A 54 1.85 -0.53 9.34
C GLY A 54 1.28 0.50 10.30
N ALA A 55 1.40 1.77 9.94
CA ALA A 55 0.89 2.85 10.77
C ALA A 55 -0.34 3.50 10.15
N ALA A 56 -1.28 2.67 9.70
CA ALA A 56 -2.50 3.17 9.08
C ALA A 56 -3.61 3.35 10.11
N THR A 57 -3.96 4.60 10.37
CA THR A 57 -5.01 4.91 11.34
C THR A 57 -6.22 4.00 11.16
N GLU A 58 -6.95 3.76 12.25
CA GLU A 58 -8.12 2.90 12.20
C GLU A 58 -9.09 3.36 11.11
N SER A 59 -8.99 4.63 10.72
CA SER A 59 -9.85 5.19 9.70
C SER A 59 -9.43 4.72 8.32
N VAL A 60 -8.12 4.51 8.13
CA VAL A 60 -7.58 4.06 6.86
C VAL A 60 -7.88 2.58 6.63
N ARG A 61 -7.68 1.78 7.67
CA ARG A 61 -7.93 0.35 7.59
C ARG A 61 -9.41 0.05 7.41
N ARG A 62 -10.26 0.87 8.05
CA ARG A 62 -11.70 0.70 7.96
C ARG A 62 -12.24 1.27 6.65
N LEU A 63 -11.58 2.32 6.15
CA LEU A 63 -11.99 2.96 4.91
C LEU A 63 -11.37 2.25 3.71
N LEU A 64 -10.27 1.54 3.95
CA LEU A 64 -9.58 0.82 2.89
C LEU A 64 -9.17 -0.57 3.34
N ARG A 65 -9.42 -1.57 2.50
CA ARG A 65 -9.08 -2.95 2.83
C ARG A 65 -7.78 -3.36 2.14
N LEU A 66 -6.98 -4.17 2.84
CA LEU A 66 -5.72 -4.63 2.29
C LEU A 66 -5.54 -6.13 2.54
N ASP A 67 -4.82 -6.79 1.63
CA ASP A 67 -4.58 -8.22 1.74
C ASP A 67 -3.11 -8.50 2.08
N GLU A 68 -2.81 -9.76 2.39
CA GLU A 68 -1.45 -10.15 2.74
C GLU A 68 -0.97 -11.27 1.82
N THR A 69 -1.88 -12.17 1.47
CA THR A 69 -1.56 -13.30 0.59
C THR A 69 -1.57 -12.89 -0.87
N SER A 70 -2.45 -11.94 -1.21
CA SER A 70 -2.56 -11.46 -2.59
C SER A 70 -1.88 -10.10 -2.74
N GLY A 71 -1.97 -9.29 -1.70
CA GLY A 71 -1.35 -7.97 -1.74
C GLY A 71 -2.20 -6.96 -2.51
N TRP A 72 -3.48 -7.28 -2.68
CA TRP A 72 -4.40 -6.40 -3.39
C TRP A 72 -4.93 -5.32 -2.47
N LEU A 73 -5.01 -4.09 -2.98
CA LEU A 73 -5.50 -2.97 -2.20
C LEU A 73 -6.77 -2.38 -2.83
N SER A 74 -7.82 -2.26 -2.03
CA SER A 74 -9.09 -1.71 -2.51
C SER A 74 -9.82 -0.98 -1.39
N VAL A 75 -10.92 -0.32 -1.74
CA VAL A 75 -11.71 0.42 -0.77
C VAL A 75 -12.64 -0.51 0.00
N LEU A 76 -12.97 -0.13 1.22
CA LEU A 76 -13.86 -0.93 2.06
C LEU A 76 -15.16 -0.18 2.35
N HIS A 77 -15.05 1.13 2.56
CA HIS A 77 -16.21 1.95 2.84
C HIS A 77 -16.23 3.20 1.95
N ARG A 78 -17.43 3.63 1.58
CA ARG A 78 -17.58 4.82 0.73
C ARG A 78 -16.57 5.89 1.12
N ILE A 79 -16.06 6.61 0.12
CA ILE A 79 -15.09 7.67 0.35
C ILE A 79 -15.64 9.03 -0.08
N ASP A 80 -15.34 10.06 0.71
CA ASP A 80 -15.81 11.40 0.41
C ASP A 80 -14.63 12.38 0.38
N ARG A 81 -14.60 13.23 -0.64
CA ARG A 81 -13.54 14.21 -0.79
C ARG A 81 -13.61 15.25 0.32
N GLU A 82 -14.82 15.53 0.78
CA GLU A 82 -15.03 16.51 1.84
C GLU A 82 -14.33 16.08 3.13
N GLU A 83 -14.60 14.84 3.54
CA GLU A 83 -14.01 14.31 4.77
C GLU A 83 -12.49 14.19 4.63
N VAL A 84 -12.03 13.90 3.41
CA VAL A 84 -10.61 13.77 3.14
C VAL A 84 -10.28 14.18 1.71
N ASN A 85 -9.21 14.96 1.56
CA ASN A 85 -8.78 15.42 0.24
C ASN A 85 -7.50 14.73 -0.20
N GLN A 86 -6.81 14.11 0.76
CA GLN A 86 -5.57 13.41 0.48
C GLN A 86 -5.20 12.46 1.61
N LEU A 87 -5.38 11.17 1.38
CA LEU A 87 -5.06 10.15 2.39
C LEU A 87 -3.58 9.80 2.37
N ARG A 88 -3.01 9.61 3.55
CA ARG A 88 -1.59 9.26 3.67
C ARG A 88 -1.37 8.26 4.80
N PHE A 89 -1.06 7.02 4.43
CA PHE A 89 -0.82 5.97 5.41
C PHE A 89 0.44 5.18 5.07
N THR A 90 0.72 4.14 5.85
CA THR A 90 1.89 3.31 5.63
C THR A 90 1.52 1.83 5.63
N VAL A 91 2.30 1.03 4.89
CA VAL A 91 2.05 -0.40 4.80
C VAL A 91 3.31 -1.19 5.15
N MET A 92 3.15 -2.18 6.03
CA MET A 92 4.27 -3.01 6.44
C MET A 92 4.33 -4.29 5.61
N ALA A 93 5.47 -4.98 5.68
CA ALA A 93 5.65 -6.22 4.93
C ALA A 93 6.53 -7.20 5.70
N ARG A 94 5.96 -8.34 6.07
CA ARG A 94 6.70 -9.36 6.81
C ARG A 94 7.32 -10.39 5.86
N ASP A 95 8.34 -11.09 6.34
CA ASP A 95 9.01 -12.10 5.55
C ASP A 95 8.95 -13.46 6.23
N ARG A 96 9.62 -14.45 5.63
CA ARG A 96 9.64 -15.79 6.18
C ARG A 96 10.75 -15.95 7.21
N GLY A 97 11.01 -14.88 7.95
CA GLY A 97 12.05 -14.91 8.97
C GLY A 97 11.57 -14.40 10.31
N GLN A 98 12.40 -14.58 11.34
CA GLN A 98 12.05 -14.14 12.68
C GLN A 98 13.29 -13.76 13.48
N PRO A 99 13.32 -12.51 13.97
CA PRO A 99 12.24 -11.55 13.77
C PRO A 99 12.14 -11.08 12.32
N PRO A 100 10.90 -10.98 11.81
CA PRO A 100 10.64 -10.54 10.45
C PRO A 100 10.97 -9.06 10.23
N LYS A 101 11.78 -8.77 9.22
CA LYS A 101 12.15 -7.40 8.92
C LYS A 101 11.00 -6.65 8.26
N THR A 102 10.09 -6.14 9.08
CA THR A 102 8.93 -5.40 8.57
C THR A 102 9.37 -4.11 7.90
N ASP A 103 8.96 -3.94 6.64
CA ASP A 103 9.31 -2.74 5.89
C ASP A 103 8.09 -1.86 5.67
N LYS A 104 8.20 -0.59 6.06
CA LYS A 104 7.10 0.35 5.91
C LYS A 104 7.15 1.04 4.55
N ALA A 105 5.99 1.44 4.05
CA ALA A 105 5.91 2.11 2.76
C ALA A 105 4.70 3.05 2.71
N THR A 106 4.98 4.34 2.57
CA THR A 106 3.93 5.35 2.51
C THR A 106 3.11 5.22 1.23
N VAL A 107 1.81 5.44 1.33
CA VAL A 107 0.92 5.35 0.17
C VAL A 107 0.08 6.62 0.03
N VAL A 108 0.47 7.48 -0.91
CA VAL A 108 -0.25 8.72 -1.15
C VAL A 108 -1.35 8.53 -2.20
N LEU A 109 -2.59 8.75 -1.80
CA LEU A 109 -3.72 8.60 -2.69
C LEU A 109 -4.42 9.94 -2.91
N ASN A 110 -4.20 10.54 -4.07
CA ASN A 110 -4.80 11.82 -4.41
C ASN A 110 -6.30 11.67 -4.64
N ILE A 111 -7.09 12.32 -3.78
CA ILE A 111 -8.55 12.26 -3.89
C ILE A 111 -9.04 13.10 -5.05
N LYS A 112 -9.20 12.47 -6.21
CA LYS A 112 -9.68 13.17 -7.40
C LYS A 112 -11.18 13.42 -7.32
N ASP A 113 -11.69 14.20 -8.25
CA ASP A 113 -13.11 14.52 -8.29
C ASP A 113 -13.78 13.91 -9.52
N GLU A 114 -14.49 12.81 -9.30
CA GLU A 114 -15.18 12.13 -10.40
C GLU A 114 -16.43 12.88 -10.82
N ASN A 115 -17.19 13.35 -9.83
CA ASN A 115 -18.42 14.09 -10.10
C ASN A 115 -18.16 15.24 -11.07
N ASP A 116 -17.21 16.09 -10.73
CA ASP A 116 -16.86 17.23 -11.58
C ASP A 116 -16.08 16.76 -12.81
N ASN A 117 -16.58 17.13 -13.99
CA ASN A 117 -15.93 16.75 -15.25
C ASN A 117 -16.63 17.41 -16.43
N VAL A 118 -16.01 18.43 -17.00
CA VAL A 118 -16.56 19.14 -18.15
C VAL A 118 -17.16 18.16 -19.16
N PRO A 119 -18.28 18.56 -19.77
CA PRO A 119 -18.97 17.73 -20.77
C PRO A 119 -18.18 17.61 -22.06
N GLY A 1 11.93 6.90 3.93
CA GLY A 1 12.37 8.13 4.56
C GLY A 1 13.58 7.93 5.44
N SER A 2 14.61 8.73 5.21
CA SER A 2 15.84 8.65 5.99
C SER A 2 16.32 7.20 6.08
N SER A 3 16.24 6.48 4.96
CA SER A 3 16.67 5.09 4.92
C SER A 3 18.12 4.97 4.51
N GLY A 4 18.49 5.66 3.42
CA GLY A 4 19.85 5.62 2.94
C GLY A 4 19.94 5.65 1.43
N SER A 5 21.15 5.79 0.90
CA SER A 5 21.36 5.82 -0.54
C SER A 5 22.34 4.74 -0.98
N SER A 6 23.46 4.64 -0.27
CA SER A 6 24.48 3.64 -0.59
C SER A 6 24.49 2.53 0.46
N GLY A 7 23.72 1.47 0.20
CA GLY A 7 23.67 0.36 1.13
C GLY A 7 22.91 -0.83 0.57
N ASN A 8 23.57 -1.99 0.53
CA ASN A 8 22.94 -3.19 0.02
C ASN A 8 22.68 -4.20 1.14
N ASP A 9 21.44 -4.67 1.21
CA ASP A 9 21.06 -5.64 2.24
C ASP A 9 19.95 -6.56 1.74
N ASN A 10 19.73 -7.66 2.45
CA ASN A 10 18.69 -8.62 2.07
C ASN A 10 17.46 -8.46 2.94
N SER A 11 16.50 -7.67 2.47
CA SER A 11 15.27 -7.43 3.20
C SER A 11 14.14 -7.02 2.26
N PRO A 12 12.89 -7.27 2.67
CA PRO A 12 11.70 -6.93 1.89
C PRO A 12 11.48 -5.43 1.79
N ARG A 13 11.67 -4.88 0.59
CA ARG A 13 11.49 -3.45 0.37
C ARG A 13 10.58 -3.20 -0.84
N PHE A 14 9.40 -2.64 -0.59
CA PHE A 14 8.45 -2.35 -1.64
C PHE A 14 9.16 -1.79 -2.88
N GLU A 15 8.49 -1.88 -4.02
CA GLU A 15 9.06 -1.38 -5.27
C GLU A 15 9.26 0.13 -5.21
N LYS A 16 8.21 0.85 -4.83
CA LYS A 16 8.27 2.31 -4.73
C LYS A 16 8.24 2.75 -3.27
N SER A 17 9.19 3.59 -2.89
CA SER A 17 9.27 4.09 -1.53
C SER A 17 7.93 4.70 -1.10
N VAL A 18 7.34 5.49 -1.98
CA VAL A 18 6.06 6.13 -1.69
C VAL A 18 5.04 5.85 -2.80
N TYR A 19 4.18 4.87 -2.55
CA TYR A 19 3.15 4.50 -3.53
C TYR A 19 2.16 5.64 -3.74
N GLU A 20 2.34 6.36 -4.85
CA GLU A 20 1.46 7.48 -5.18
C GLU A 20 0.49 7.09 -6.28
N ALA A 21 -0.77 6.91 -5.90
CA ALA A 21 -1.81 6.54 -6.86
C ALA A 21 -2.98 7.52 -6.81
N ASP A 22 -3.79 7.51 -7.86
CA ASP A 22 -4.95 8.41 -7.93
C ASP A 22 -6.24 7.64 -7.69
N LEU A 23 -6.89 7.94 -6.57
CA LEU A 23 -8.14 7.28 -6.21
C LEU A 23 -9.34 8.16 -6.57
N ALA A 24 -10.44 7.52 -6.95
CA ALA A 24 -11.66 8.25 -7.31
C ALA A 24 -12.52 8.51 -6.08
N GLU A 25 -12.74 9.79 -5.79
CA GLU A 25 -13.55 10.18 -4.64
C GLU A 25 -14.87 9.43 -4.63
N ASN A 26 -15.39 9.12 -5.81
CA ASN A 26 -16.65 8.41 -5.94
C ASN A 26 -16.41 6.94 -6.28
N SER A 27 -15.43 6.34 -5.61
CA SER A 27 -15.11 4.94 -5.85
C SER A 27 -15.90 4.02 -4.93
N ALA A 28 -16.56 3.03 -5.52
CA ALA A 28 -17.36 2.09 -4.74
C ALA A 28 -16.58 1.56 -3.55
N PRO A 29 -17.31 0.99 -2.58
CA PRO A 29 -16.70 0.43 -1.36
C PRO A 29 -15.91 -0.84 -1.65
N GLY A 30 -15.73 -1.15 -2.93
CA GLY A 30 -14.99 -2.34 -3.31
C GLY A 30 -14.09 -2.10 -4.50
N THR A 31 -14.03 -0.86 -4.96
CA THR A 31 -13.20 -0.50 -6.11
C THR A 31 -11.73 -0.76 -5.81
N PRO A 32 -11.04 -1.39 -6.76
CA PRO A 32 -9.62 -1.71 -6.63
C PRO A 32 -8.73 -0.46 -6.69
N ILE A 33 -7.66 -0.47 -5.93
CA ILE A 33 -6.74 0.66 -5.90
C ILE A 33 -5.38 0.29 -6.50
N LEU A 34 -4.65 -0.58 -5.80
CA LEU A 34 -3.34 -1.03 -6.26
C LEU A 34 -2.91 -2.30 -5.53
N GLN A 35 -2.05 -3.08 -6.16
CA GLN A 35 -1.56 -4.31 -5.57
C GLN A 35 -0.11 -4.16 -5.11
N LEU A 36 0.07 -4.06 -3.79
CA LEU A 36 1.40 -3.91 -3.22
C LEU A 36 2.34 -5.02 -3.69
N ARG A 37 3.57 -4.65 -4.01
CA ARG A 37 4.57 -5.62 -4.48
C ARG A 37 5.95 -5.27 -3.96
N ALA A 38 6.73 -6.30 -3.64
CA ALA A 38 8.09 -6.10 -3.13
C ALA A 38 9.13 -6.53 -4.15
N ALA A 39 8.86 -6.25 -5.42
CA ALA A 39 9.76 -6.61 -6.50
C ALA A 39 10.98 -5.69 -6.53
N ASP A 40 12.09 -6.16 -5.99
CA ASP A 40 13.32 -5.37 -5.96
C ASP A 40 14.51 -6.20 -6.40
N LEU A 41 14.65 -7.39 -5.83
CA LEU A 41 15.75 -8.29 -6.17
C LEU A 41 15.23 -9.70 -6.45
N ASP A 42 14.42 -10.22 -5.54
CA ASP A 42 13.86 -11.56 -5.69
C ASP A 42 12.60 -11.52 -6.56
N VAL A 43 12.75 -11.03 -7.79
CA VAL A 43 11.63 -10.95 -8.71
C VAL A 43 11.33 -12.30 -9.34
N GLY A 44 11.29 -13.34 -8.51
CA GLY A 44 11.02 -14.67 -9.00
C GLY A 44 10.75 -15.65 -7.88
N VAL A 45 10.00 -15.22 -6.87
CA VAL A 45 9.66 -16.07 -5.73
C VAL A 45 8.17 -16.40 -5.71
N ASN A 46 7.86 -17.67 -5.44
CA ASN A 46 6.47 -18.11 -5.39
C ASN A 46 5.57 -17.01 -4.81
N GLY A 47 6.06 -16.35 -3.76
CA GLY A 47 5.28 -15.29 -3.13
C GLY A 47 5.19 -15.46 -1.63
N GLN A 48 6.32 -15.28 -0.94
CA GLN A 48 6.36 -15.41 0.50
C GLN A 48 6.47 -14.04 1.17
N ILE A 49 5.76 -13.06 0.62
CA ILE A 49 5.78 -11.71 1.16
C ILE A 49 4.36 -11.17 1.39
N GLU A 50 4.00 -10.99 2.65
CA GLU A 50 2.68 -10.50 2.99
C GLU A 50 2.68 -8.97 3.10
N TYR A 51 1.51 -8.41 3.39
CA TYR A 51 1.37 -6.96 3.51
C TYR A 51 0.28 -6.60 4.51
N VAL A 52 0.70 -6.06 5.66
CA VAL A 52 -0.25 -5.68 6.70
C VAL A 52 -0.19 -4.16 6.96
N PHE A 53 -1.30 -3.61 7.42
CA PHE A 53 -1.38 -2.18 7.70
C PHE A 53 -0.40 -1.79 8.80
N GLY A 54 0.66 -1.10 8.42
CA GLY A 54 1.66 -0.67 9.38
C GLY A 54 1.20 0.52 10.20
N ALA A 55 1.70 1.70 9.85
CA ALA A 55 1.33 2.92 10.55
C ALA A 55 0.14 3.60 9.90
N ALA A 56 -1.05 3.09 10.17
CA ALA A 56 -2.27 3.65 9.61
C ALA A 56 -3.35 3.79 10.68
N THR A 57 -4.20 4.81 10.52
CA THR A 57 -5.28 5.06 11.48
C THR A 57 -6.48 4.17 11.20
N GLU A 58 -7.23 3.84 12.24
CA GLU A 58 -8.41 3.00 12.11
C GLU A 58 -9.28 3.46 10.94
N SER A 59 -9.35 4.77 10.76
CA SER A 59 -10.15 5.34 9.69
C SER A 59 -9.71 4.82 8.32
N VAL A 60 -8.40 4.59 8.18
CA VAL A 60 -7.85 4.08 6.93
C VAL A 60 -8.08 2.58 6.80
N ARG A 61 -8.15 1.90 7.93
CA ARG A 61 -8.37 0.45 7.95
C ARG A 61 -9.81 0.12 7.58
N ARG A 62 -10.75 0.89 8.12
CA ARG A 62 -12.17 0.67 7.86
C ARG A 62 -12.55 1.26 6.50
N LEU A 63 -11.88 2.33 6.10
CA LEU A 63 -12.15 2.99 4.83
C LEU A 63 -11.52 2.22 3.67
N LEU A 64 -10.34 1.67 3.92
CA LEU A 64 -9.63 0.91 2.90
C LEU A 64 -9.29 -0.49 3.40
N ARG A 65 -9.51 -1.49 2.55
CA ARG A 65 -9.23 -2.87 2.90
C ARG A 65 -7.98 -3.37 2.19
N LEU A 66 -7.06 -3.96 2.96
CA LEU A 66 -5.82 -4.49 2.41
C LEU A 66 -5.77 -6.01 2.53
N ASP A 67 -5.22 -6.66 1.51
CA ASP A 67 -5.09 -8.11 1.52
C ASP A 67 -3.67 -8.55 1.84
N GLU A 68 -3.54 -9.56 2.69
CA GLU A 68 -2.23 -10.07 3.09
C GLU A 68 -1.93 -11.39 2.40
N THR A 69 -2.98 -12.10 2.02
CA THR A 69 -2.83 -13.40 1.36
C THR A 69 -2.29 -13.22 -0.05
N SER A 70 -2.57 -12.07 -0.66
CA SER A 70 -2.11 -11.78 -2.01
C SER A 70 -1.36 -10.46 -2.07
N GLY A 71 -1.86 -9.47 -1.32
CA GLY A 71 -1.22 -8.17 -1.29
C GLY A 71 -1.92 -7.17 -2.19
N TRP A 72 -3.25 -7.20 -2.20
CA TRP A 72 -4.03 -6.28 -3.03
C TRP A 72 -4.70 -5.22 -2.17
N LEU A 73 -4.81 -4.02 -2.72
CA LEU A 73 -5.43 -2.90 -2.00
C LEU A 73 -6.66 -2.39 -2.74
N SER A 74 -7.73 -2.12 -2.01
CA SER A 74 -8.95 -1.63 -2.60
C SER A 74 -9.80 -0.89 -1.56
N VAL A 75 -10.82 -0.19 -2.03
CA VAL A 75 -11.71 0.56 -1.16
C VAL A 75 -12.62 -0.38 -0.36
N LEU A 76 -12.87 -0.03 0.90
CA LEU A 76 -13.73 -0.84 1.75
C LEU A 76 -15.08 -0.16 1.97
N HIS A 77 -15.05 1.15 2.20
CA HIS A 77 -16.26 1.92 2.42
C HIS A 77 -16.29 3.18 1.56
N ARG A 78 -17.48 3.62 1.17
CA ARG A 78 -17.63 4.81 0.35
C ARG A 78 -16.68 5.90 0.81
N ILE A 79 -16.03 6.57 -0.16
CA ILE A 79 -15.10 7.64 0.15
C ILE A 79 -15.68 9.00 -0.23
N ASP A 80 -15.41 10.00 0.60
CA ASP A 80 -15.89 11.36 0.34
C ASP A 80 -14.74 12.36 0.34
N ARG A 81 -14.69 13.18 -0.71
CA ARG A 81 -13.65 14.18 -0.84
C ARG A 81 -13.77 15.24 0.25
N GLU A 82 -15.00 15.52 0.67
CA GLU A 82 -15.25 16.51 1.70
C GLU A 82 -14.57 16.11 3.01
N GLU A 83 -14.91 14.94 3.53
CA GLU A 83 -14.33 14.46 4.76
C GLU A 83 -12.81 14.37 4.67
N VAL A 84 -12.32 14.01 3.48
CA VAL A 84 -10.88 13.90 3.25
C VAL A 84 -10.52 14.31 1.83
N ASN A 85 -9.48 15.14 1.70
CA ASN A 85 -9.04 15.61 0.40
C ASN A 85 -7.88 14.77 -0.12
N GLN A 86 -7.07 14.25 0.79
CA GLN A 86 -5.93 13.42 0.43
C GLN A 86 -5.55 12.48 1.57
N LEU A 87 -5.77 11.19 1.36
CA LEU A 87 -5.45 10.18 2.37
C LEU A 87 -3.96 9.90 2.40
N ARG A 88 -3.48 9.39 3.53
CA ARG A 88 -2.07 9.07 3.69
C ARG A 88 -1.86 8.05 4.81
N PHE A 89 -1.38 6.87 4.44
CA PHE A 89 -1.13 5.81 5.42
C PHE A 89 0.19 5.10 5.13
N THR A 90 0.46 4.05 5.90
CA THR A 90 1.69 3.28 5.73
C THR A 90 1.41 1.78 5.71
N VAL A 91 2.18 1.04 4.91
CA VAL A 91 2.00 -0.40 4.81
C VAL A 91 3.28 -1.13 5.18
N MET A 92 3.14 -2.31 5.78
CA MET A 92 4.29 -3.12 6.18
C MET A 92 4.40 -4.37 5.34
N ALA A 93 5.62 -4.86 5.17
CA ALA A 93 5.86 -6.07 4.38
C ALA A 93 6.72 -7.06 5.14
N ARG A 94 6.09 -8.13 5.64
CA ARG A 94 6.81 -9.16 6.39
C ARG A 94 7.46 -10.16 5.45
N ASP A 95 8.45 -10.88 5.97
CA ASP A 95 9.17 -11.87 5.18
C ASP A 95 9.26 -13.20 5.93
N ARG A 96 9.70 -14.24 5.22
CA ARG A 96 9.83 -15.56 5.83
C ARG A 96 10.95 -15.58 6.87
N GLY A 97 10.65 -15.07 8.05
CA GLY A 97 11.63 -15.03 9.12
C GLY A 97 11.04 -14.57 10.44
N GLN A 98 11.81 -14.72 11.52
CA GLN A 98 11.35 -14.32 12.84
C GLN A 98 12.51 -13.80 13.67
N PRO A 99 12.46 -12.49 14.01
CA PRO A 99 11.35 -11.61 13.62
C PRO A 99 11.35 -11.33 12.12
N PRO A 100 10.15 -11.31 11.52
CA PRO A 100 9.99 -11.04 10.09
C PRO A 100 10.29 -9.59 9.72
N LYS A 101 11.40 -9.39 9.01
CA LYS A 101 11.81 -8.05 8.59
C LYS A 101 10.66 -7.32 7.92
N THR A 102 10.17 -6.26 8.57
CA THR A 102 9.07 -5.47 8.04
C THR A 102 9.58 -4.14 7.48
N ASP A 103 8.90 -3.64 6.45
CA ASP A 103 9.27 -2.38 5.82
C ASP A 103 8.06 -1.48 5.64
N LYS A 104 8.15 -0.26 6.16
CA LYS A 104 7.05 0.69 6.05
C LYS A 104 7.14 1.49 4.76
N ALA A 105 6.04 1.55 4.02
CA ALA A 105 5.99 2.28 2.76
C ALA A 105 4.84 3.27 2.74
N THR A 106 5.16 4.54 2.50
CA THR A 106 4.14 5.59 2.46
C THR A 106 3.26 5.46 1.23
N VAL A 107 1.96 5.63 1.41
CA VAL A 107 1.00 5.53 0.31
C VAL A 107 0.18 6.81 0.17
N VAL A 108 0.50 7.61 -0.85
CA VAL A 108 -0.21 8.86 -1.09
C VAL A 108 -1.29 8.67 -2.15
N LEU A 109 -2.54 8.83 -1.74
CA LEU A 109 -3.67 8.69 -2.65
C LEU A 109 -4.36 10.03 -2.88
N ASN A 110 -4.13 10.61 -4.05
CA ASN A 110 -4.73 11.90 -4.39
C ASN A 110 -6.21 11.72 -4.75
N ILE A 111 -7.07 12.39 -4.00
CA ILE A 111 -8.51 12.32 -4.24
C ILE A 111 -8.89 13.04 -5.52
N LYS A 112 -8.95 12.29 -6.61
CA LYS A 112 -9.31 12.86 -7.91
C LYS A 112 -10.71 13.45 -7.87
N ASP A 113 -11.09 14.15 -8.94
CA ASP A 113 -12.42 14.75 -9.04
C ASP A 113 -13.11 14.32 -10.33
N GLU A 114 -13.86 13.23 -10.25
CA GLU A 114 -14.58 12.71 -11.41
C GLU A 114 -15.81 13.56 -11.71
N ASN A 115 -16.68 13.71 -10.71
CA ASN A 115 -17.90 14.50 -10.86
C ASN A 115 -17.59 15.87 -11.43
N ASP A 116 -16.60 16.54 -10.86
CA ASP A 116 -16.20 17.86 -11.31
C ASP A 116 -15.87 17.85 -12.80
N ASN A 117 -16.00 19.00 -13.45
CA ASN A 117 -15.72 19.12 -14.87
C ASN A 117 -14.21 19.17 -15.12
N VAL A 118 -13.66 18.06 -15.61
CA VAL A 118 -12.23 17.98 -15.89
C VAL A 118 -11.89 18.70 -17.18
N PRO A 119 -10.74 19.40 -17.18
CA PRO A 119 -10.28 20.16 -18.35
C PRO A 119 -9.83 19.24 -19.49
N GLY A 1 27.77 12.61 4.23
CA GLY A 1 27.28 11.52 3.42
C GLY A 1 28.21 10.32 3.42
N SER A 2 27.85 9.29 4.17
CA SER A 2 28.67 8.08 4.26
C SER A 2 28.40 7.16 3.08
N SER A 3 29.27 7.24 2.08
CA SER A 3 29.13 6.40 0.88
C SER A 3 28.87 4.95 1.25
N GLY A 4 27.95 4.32 0.54
CA GLY A 4 27.63 2.93 0.82
C GLY A 4 27.73 2.05 -0.42
N SER A 5 26.65 1.35 -0.74
CA SER A 5 26.63 0.47 -1.90
C SER A 5 27.56 -0.72 -1.70
N SER A 6 27.51 -1.32 -0.52
CA SER A 6 28.34 -2.47 -0.19
C SER A 6 27.52 -3.61 0.38
N GLY A 7 27.61 -4.77 -0.25
CA GLY A 7 26.86 -5.93 0.21
C GLY A 7 25.37 -5.77 0.00
N ASN A 8 24.68 -6.89 -0.21
CA ASN A 8 23.24 -6.86 -0.41
C ASN A 8 22.53 -7.73 0.62
N ASP A 9 21.43 -7.22 1.17
CA ASP A 9 20.66 -7.95 2.17
C ASP A 9 19.43 -8.59 1.54
N ASN A 10 18.85 -9.57 2.23
CA ASN A 10 17.67 -10.27 1.75
C ASN A 10 16.44 -9.90 2.57
N SER A 11 15.93 -8.69 2.36
CA SER A 11 14.76 -8.21 3.09
C SER A 11 13.64 -7.84 2.12
N PRO A 12 12.39 -7.97 2.60
CA PRO A 12 11.20 -7.65 1.80
C PRO A 12 11.06 -6.16 1.53
N ARG A 13 11.54 -5.72 0.37
CA ARG A 13 11.47 -4.31 -0.01
C ARG A 13 10.38 -4.08 -1.04
N PHE A 14 9.75 -2.91 -0.98
CA PHE A 14 8.69 -2.56 -1.92
C PHE A 14 9.26 -2.01 -3.21
N GLU A 15 8.47 -2.08 -4.28
CA GLU A 15 8.90 -1.58 -5.58
C GLU A 15 9.03 -0.06 -5.57
N LYS A 16 8.09 0.60 -4.93
CA LYS A 16 8.10 2.06 -4.83
C LYS A 16 8.10 2.52 -3.37
N SER A 17 9.03 3.42 -3.05
CA SER A 17 9.15 3.93 -1.69
C SER A 17 7.82 4.52 -1.21
N VAL A 18 7.20 5.32 -2.07
CA VAL A 18 5.92 5.95 -1.74
C VAL A 18 4.89 5.68 -2.83
N TYR A 19 4.03 4.69 -2.60
CA TYR A 19 3.00 4.33 -3.56
C TYR A 19 1.99 5.47 -3.72
N GLU A 20 2.15 6.23 -4.80
CA GLU A 20 1.25 7.34 -5.07
C GLU A 20 0.27 7.00 -6.19
N ALA A 21 -1.00 6.85 -5.83
CA ALA A 21 -2.04 6.52 -6.79
C ALA A 21 -3.25 7.44 -6.64
N ASP A 22 -3.94 7.69 -7.74
CA ASP A 22 -5.12 8.55 -7.73
C ASP A 22 -6.37 7.75 -7.41
N LEU A 23 -7.04 8.13 -6.32
CA LEU A 23 -8.26 7.45 -5.89
C LEU A 23 -9.48 8.34 -6.09
N ALA A 24 -10.44 7.87 -6.89
CA ALA A 24 -11.66 8.62 -7.14
C ALA A 24 -12.54 8.69 -5.91
N GLU A 25 -12.67 9.89 -5.34
CA GLU A 25 -13.49 10.09 -4.15
C GLU A 25 -14.77 9.26 -4.23
N ASN A 26 -15.31 9.14 -5.43
CA ASN A 26 -16.54 8.37 -5.63
C ASN A 26 -16.23 6.89 -5.83
N SER A 27 -15.24 6.39 -5.10
CA SER A 27 -14.85 5.00 -5.19
C SER A 27 -15.70 4.12 -4.28
N ALA A 28 -16.34 3.11 -4.86
CA ALA A 28 -17.19 2.21 -4.10
C ALA A 28 -16.41 1.53 -2.97
N PRO A 29 -17.14 0.87 -2.06
CA PRO A 29 -16.54 0.18 -0.92
C PRO A 29 -15.75 -1.06 -1.34
N GLY A 30 -15.65 -1.28 -2.65
CA GLY A 30 -14.93 -2.42 -3.16
C GLY A 30 -14.21 -2.12 -4.46
N THR A 31 -13.66 -0.92 -4.58
CA THR A 31 -12.95 -0.51 -5.79
C THR A 31 -11.45 -0.77 -5.66
N PRO A 32 -10.87 -1.36 -6.71
CA PRO A 32 -9.43 -1.67 -6.74
C PRO A 32 -8.57 -0.42 -6.83
N ILE A 33 -7.53 -0.36 -6.00
CA ILE A 33 -6.63 0.77 -5.98
C ILE A 33 -5.31 0.43 -6.65
N LEU A 34 -4.57 -0.51 -6.07
CA LEU A 34 -3.28 -0.93 -6.62
C LEU A 34 -2.85 -2.26 -6.02
N GLN A 35 -1.71 -2.77 -6.49
CA GLN A 35 -1.19 -4.04 -5.99
C GLN A 35 0.25 -3.89 -5.53
N LEU A 36 0.47 -4.08 -4.24
CA LEU A 36 1.81 -3.96 -3.66
C LEU A 36 2.65 -5.19 -3.99
N ARG A 37 3.93 -4.96 -4.30
CA ARG A 37 4.84 -6.05 -4.64
C ARG A 37 6.11 -5.96 -3.81
N ALA A 38 6.82 -7.07 -3.71
CA ALA A 38 8.06 -7.12 -2.94
C ALA A 38 9.18 -7.79 -3.74
N ALA A 39 9.27 -7.45 -5.03
CA ALA A 39 10.28 -8.01 -5.90
C ALA A 39 11.58 -8.27 -5.14
N ASP A 40 12.28 -9.32 -5.52
CA ASP A 40 13.54 -9.68 -4.87
C ASP A 40 14.73 -9.39 -5.80
N LEU A 41 14.42 -9.02 -7.04
CA LEU A 41 15.46 -8.72 -8.02
C LEU A 41 16.41 -9.91 -8.20
N ASP A 42 15.90 -11.10 -7.90
CA ASP A 42 16.70 -12.32 -8.03
C ASP A 42 16.11 -13.25 -9.09
N VAL A 43 15.24 -12.70 -9.92
CA VAL A 43 14.61 -13.48 -10.98
C VAL A 43 14.11 -14.82 -10.45
N GLY A 44 13.48 -14.79 -9.28
CA GLY A 44 12.96 -16.01 -8.69
C GLY A 44 11.73 -15.76 -7.83
N VAL A 45 11.95 -15.27 -6.62
CA VAL A 45 10.85 -14.98 -5.70
C VAL A 45 9.73 -14.22 -6.40
N ASN A 46 8.54 -14.82 -6.42
CA ASN A 46 7.39 -14.19 -7.06
C ASN A 46 6.89 -13.01 -6.24
N GLY A 47 6.92 -13.16 -4.92
CA GLY A 47 6.46 -12.09 -4.04
C GLY A 47 5.54 -12.59 -2.95
N GLN A 48 6.06 -13.48 -2.11
CA GLN A 48 5.28 -14.05 -1.02
C GLN A 48 5.51 -13.26 0.27
N ILE A 49 4.96 -12.06 0.33
CA ILE A 49 5.11 -11.20 1.50
C ILE A 49 3.76 -10.79 2.06
N GLU A 50 3.62 -10.85 3.38
CA GLU A 50 2.37 -10.48 4.04
C GLU A 50 2.27 -8.96 4.20
N TYR A 51 1.48 -8.32 3.35
CA TYR A 51 1.31 -6.88 3.39
C TYR A 51 0.18 -6.50 4.34
N VAL A 52 0.53 -5.87 5.46
CA VAL A 52 -0.46 -5.46 6.44
C VAL A 52 -0.44 -3.94 6.64
N PHE A 53 -1.30 -3.46 7.52
CA PHE A 53 -1.39 -2.03 7.79
C PHE A 53 -0.37 -1.61 8.85
N GLY A 54 0.65 -0.88 8.41
CA GLY A 54 1.69 -0.44 9.33
C GLY A 54 1.28 0.80 10.11
N ALA A 55 1.89 1.94 9.77
CA ALA A 55 1.58 3.18 10.45
C ALA A 55 0.39 3.88 9.80
N ALA A 56 -0.81 3.38 10.07
CA ALA A 56 -2.02 3.96 9.51
C ALA A 56 -3.06 4.23 10.59
N THR A 57 -3.92 5.22 10.35
CA THR A 57 -4.95 5.58 11.32
C THR A 57 -6.12 4.59 11.26
N GLU A 58 -6.82 4.45 12.38
CA GLU A 58 -7.96 3.55 12.46
C GLU A 58 -9.07 3.98 11.51
N SER A 59 -8.90 5.15 10.90
CA SER A 59 -9.88 5.68 9.97
C SER A 59 -9.58 5.23 8.54
N VAL A 60 -8.35 4.80 8.31
CA VAL A 60 -7.94 4.34 6.99
C VAL A 60 -8.13 2.84 6.84
N ARG A 61 -7.48 2.07 7.70
CA ARG A 61 -7.59 0.62 7.67
C ARG A 61 -9.04 0.18 7.53
N ARG A 62 -9.95 1.01 8.04
CA ARG A 62 -11.38 0.70 7.98
C ARG A 62 -11.98 1.20 6.66
N LEU A 63 -11.54 2.38 6.23
CA LEU A 63 -12.04 2.97 4.99
C LEU A 63 -11.41 2.29 3.78
N LEU A 64 -10.34 1.53 4.02
CA LEU A 64 -9.66 0.83 2.94
C LEU A 64 -9.22 -0.56 3.39
N ARG A 65 -9.43 -1.55 2.53
CA ARG A 65 -9.05 -2.92 2.83
C ARG A 65 -7.76 -3.31 2.13
N LEU A 66 -6.91 -4.08 2.81
CA LEU A 66 -5.65 -4.52 2.25
C LEU A 66 -5.44 -6.01 2.48
N ASP A 67 -4.97 -6.71 1.45
CA ASP A 67 -4.72 -8.14 1.54
C ASP A 67 -3.24 -8.42 1.72
N GLU A 68 -2.92 -9.61 2.21
CA GLU A 68 -1.53 -10.01 2.42
C GLU A 68 -1.18 -11.25 1.61
N THR A 69 -2.19 -12.07 1.32
CA THR A 69 -1.99 -13.30 0.56
C THR A 69 -1.64 -12.97 -0.90
N SER A 70 -2.20 -11.89 -1.42
CA SER A 70 -1.95 -11.48 -2.80
C SER A 70 -1.23 -10.14 -2.84
N GLY A 71 -1.69 -9.20 -2.01
CA GLY A 71 -1.07 -7.89 -1.97
C GLY A 71 -1.85 -6.85 -2.75
N TRP A 72 -3.15 -7.12 -2.93
CA TRP A 72 -4.02 -6.20 -3.66
C TRP A 72 -4.77 -5.28 -2.70
N LEU A 73 -4.66 -3.98 -2.93
CA LEU A 73 -5.33 -2.99 -2.08
C LEU A 73 -6.57 -2.44 -2.78
N SER A 74 -7.66 -2.31 -2.03
CA SER A 74 -8.91 -1.79 -2.56
C SER A 74 -9.73 -1.11 -1.48
N VAL A 75 -10.68 -0.26 -1.90
CA VAL A 75 -11.52 0.46 -0.96
C VAL A 75 -12.47 -0.49 -0.23
N LEU A 76 -12.81 -0.14 1.00
CA LEU A 76 -13.70 -0.96 1.81
C LEU A 76 -15.02 -0.24 2.06
N HIS A 77 -14.95 1.06 2.32
CA HIS A 77 -16.13 1.87 2.58
C HIS A 77 -16.12 3.13 1.72
N ARG A 78 -17.30 3.73 1.53
CA ARG A 78 -17.43 4.94 0.74
C ARG A 78 -16.35 5.96 1.13
N ILE A 79 -15.98 6.80 0.17
CA ILE A 79 -14.97 7.82 0.41
C ILE A 79 -15.50 9.21 0.10
N ASP A 80 -15.15 10.18 0.93
CA ASP A 80 -15.58 11.56 0.75
C ASP A 80 -14.39 12.51 0.70
N ARG A 81 -14.42 13.41 -0.27
CA ARG A 81 -13.34 14.38 -0.44
C ARG A 81 -13.48 15.52 0.57
N GLU A 82 -14.71 15.86 0.90
CA GLU A 82 -14.98 16.94 1.85
C GLU A 82 -14.34 16.64 3.21
N GLU A 83 -14.59 15.43 3.72
CA GLU A 83 -14.05 15.02 5.01
C GLU A 83 -12.53 14.93 4.95
N VAL A 84 -12.01 14.43 3.83
CA VAL A 84 -10.57 14.28 3.64
C VAL A 84 -10.17 14.58 2.21
N ASN A 85 -9.10 15.35 2.05
CA ASN A 85 -8.61 15.72 0.73
C ASN A 85 -7.52 14.75 0.27
N GLN A 86 -6.73 14.26 1.22
CA GLN A 86 -5.65 13.33 0.91
C GLN A 86 -5.52 12.27 2.00
N LEU A 87 -5.40 11.01 1.58
CA LEU A 87 -5.27 9.91 2.52
C LEU A 87 -3.85 9.34 2.50
N ARG A 88 -3.15 9.47 3.62
CA ARG A 88 -1.79 8.96 3.74
C ARG A 88 -1.70 7.85 4.77
N PHE A 89 -1.27 6.67 4.34
CA PHE A 89 -1.13 5.53 5.23
C PHE A 89 0.07 4.67 4.85
N THR A 90 0.80 4.20 5.85
CA THR A 90 1.98 3.38 5.62
C THR A 90 1.63 1.90 5.69
N VAL A 91 2.34 1.09 4.92
CA VAL A 91 2.11 -0.35 4.89
C VAL A 91 3.38 -1.12 5.24
N MET A 92 3.25 -2.13 6.09
CA MET A 92 4.38 -2.95 6.50
C MET A 92 4.47 -4.22 5.67
N ALA A 93 5.64 -4.84 5.66
CA ALA A 93 5.86 -6.06 4.91
C ALA A 93 6.66 -7.07 5.71
N ARG A 94 6.02 -8.19 6.07
CA ARG A 94 6.67 -9.24 6.85
C ARG A 94 7.15 -10.36 5.94
N ASP A 95 8.40 -10.77 6.13
CA ASP A 95 8.99 -11.85 5.34
C ASP A 95 9.11 -13.12 6.16
N ARG A 96 9.40 -14.23 5.47
CA ARG A 96 9.53 -15.52 6.14
C ARG A 96 10.89 -15.64 6.83
N GLY A 97 11.22 -14.63 7.64
CA GLY A 97 12.48 -14.63 8.35
C GLY A 97 12.34 -14.19 9.80
N GLN A 98 13.40 -14.38 10.58
CA GLN A 98 13.38 -14.00 11.98
C GLN A 98 14.78 -13.60 12.45
N PRO A 99 14.90 -12.37 12.96
CA PRO A 99 13.77 -11.43 13.06
C PRO A 99 13.31 -10.93 11.69
N PRO A 100 11.98 -10.84 11.52
CA PRO A 100 11.38 -10.38 10.27
C PRO A 100 11.61 -8.89 10.03
N LYS A 101 12.07 -8.56 8.82
CA LYS A 101 12.33 -7.17 8.47
C LYS A 101 11.06 -6.50 7.93
N THR A 102 10.36 -5.79 8.80
CA THR A 102 9.14 -5.11 8.42
C THR A 102 9.44 -3.81 7.67
N ASP A 103 9.22 -3.82 6.37
CA ASP A 103 9.47 -2.65 5.54
C ASP A 103 8.23 -1.76 5.45
N LYS A 104 8.41 -0.48 5.75
CA LYS A 104 7.31 0.47 5.71
C LYS A 104 7.27 1.21 4.37
N ALA A 105 6.08 1.37 3.82
CA ALA A 105 5.90 2.07 2.55
C ALA A 105 4.75 3.06 2.61
N THR A 106 5.07 4.35 2.48
CA THR A 106 4.07 5.41 2.53
C THR A 106 3.15 5.34 1.30
N VAL A 107 1.85 5.43 1.53
CA VAL A 107 0.87 5.40 0.45
C VAL A 107 0.07 6.69 0.39
N VAL A 108 0.33 7.49 -0.64
CA VAL A 108 -0.37 8.75 -0.83
C VAL A 108 -1.44 8.64 -1.91
N LEU A 109 -2.69 8.81 -1.50
CA LEU A 109 -3.81 8.73 -2.43
C LEU A 109 -4.47 10.09 -2.61
N ASN A 110 -4.14 10.77 -3.71
CA ASN A 110 -4.71 12.09 -4.00
C ASN A 110 -6.17 11.97 -4.43
N ILE A 111 -7.07 12.36 -3.54
CA ILE A 111 -8.50 12.30 -3.82
C ILE A 111 -8.85 13.13 -5.05
N LYS A 112 -9.34 12.48 -6.10
CA LYS A 112 -9.72 13.17 -7.33
C LYS A 112 -11.20 13.54 -7.31
N ASP A 113 -11.57 14.49 -8.16
CA ASP A 113 -12.96 14.93 -8.24
C ASP A 113 -13.68 14.25 -9.41
N GLU A 114 -14.61 13.36 -9.07
CA GLU A 114 -15.37 12.63 -10.08
C GLU A 114 -16.77 13.21 -10.23
N ASN A 115 -17.43 13.43 -9.10
CA ASN A 115 -18.78 13.98 -9.10
C ASN A 115 -18.75 15.51 -9.03
N ASP A 116 -18.06 16.03 -8.03
CA ASP A 116 -17.94 17.48 -7.86
C ASP A 116 -17.20 18.11 -9.02
N ASN A 117 -17.59 19.33 -9.38
CA ASN A 117 -16.96 20.05 -10.48
C ASN A 117 -16.61 21.47 -10.08
N VAL A 118 -15.39 21.89 -10.41
CA VAL A 118 -14.94 23.24 -10.08
C VAL A 118 -15.62 24.28 -10.95
N PRO A 119 -16.23 25.29 -10.31
CA PRO A 119 -16.93 26.37 -11.02
C PRO A 119 -15.96 27.30 -11.75
N GLY A 1 20.47 13.15 -6.99
CA GLY A 1 20.10 11.78 -6.68
C GLY A 1 21.29 10.84 -6.65
N SER A 2 21.08 9.62 -6.18
CA SER A 2 22.14 8.63 -6.09
C SER A 2 21.79 7.38 -6.89
N SER A 3 22.77 6.85 -7.61
CA SER A 3 22.56 5.66 -8.43
C SER A 3 22.26 4.45 -7.55
N GLY A 4 23.21 4.09 -6.71
CA GLY A 4 23.04 2.95 -5.82
C GLY A 4 24.32 2.18 -5.60
N SER A 5 24.64 1.91 -4.34
CA SER A 5 25.85 1.17 -4.00
C SER A 5 25.83 0.74 -2.53
N SER A 6 25.74 -0.57 -2.31
CA SER A 6 25.71 -1.11 -0.95
C SER A 6 26.14 -2.58 -0.96
N GLY A 7 26.29 -3.14 0.24
CA GLY A 7 26.69 -4.53 0.36
C GLY A 7 25.54 -5.48 0.13
N ASN A 8 25.86 -6.73 -0.19
CA ASN A 8 24.84 -7.75 -0.45
C ASN A 8 23.84 -7.81 0.71
N ASP A 9 22.58 -8.09 0.37
CA ASP A 9 21.53 -8.18 1.37
C ASP A 9 20.28 -8.85 0.80
N ASN A 10 19.57 -9.58 1.64
CA ASN A 10 18.35 -10.27 1.21
C ASN A 10 17.20 -9.99 2.18
N SER A 11 16.36 -9.02 1.84
CA SER A 11 15.23 -8.67 2.67
C SER A 11 14.07 -8.16 1.82
N PRO A 12 12.85 -8.28 2.36
CA PRO A 12 11.63 -7.85 1.67
C PRO A 12 11.53 -6.33 1.57
N ARG A 13 11.56 -5.82 0.34
CA ARG A 13 11.48 -4.38 0.10
C ARG A 13 10.49 -4.08 -1.01
N PHE A 14 9.61 -3.11 -0.76
CA PHE A 14 8.61 -2.71 -1.74
C PHE A 14 9.26 -2.12 -2.99
N GLU A 15 8.57 -2.23 -4.12
CA GLU A 15 9.09 -1.72 -5.38
C GLU A 15 9.31 -0.21 -5.30
N LYS A 16 8.34 0.50 -4.76
CA LYS A 16 8.43 1.95 -4.61
C LYS A 16 8.43 2.36 -3.14
N SER A 17 9.19 3.40 -2.81
CA SER A 17 9.26 3.88 -1.44
C SER A 17 7.94 4.51 -1.01
N VAL A 18 7.31 5.23 -1.93
CA VAL A 18 6.04 5.88 -1.64
C VAL A 18 5.04 5.66 -2.77
N TYR A 19 4.15 4.69 -2.58
CA TYR A 19 3.13 4.37 -3.58
C TYR A 19 2.14 5.52 -3.73
N GLU A 20 2.20 6.19 -4.88
CA GLU A 20 1.30 7.31 -5.15
C GLU A 20 0.29 6.95 -6.24
N ALA A 21 -1.00 7.01 -5.90
CA ALA A 21 -2.05 6.69 -6.85
C ALA A 21 -3.23 7.64 -6.69
N ASP A 22 -4.11 7.66 -7.69
CA ASP A 22 -5.29 8.53 -7.66
C ASP A 22 -6.55 7.71 -7.40
N LEU A 23 -7.16 7.94 -6.24
CA LEU A 23 -8.38 7.23 -5.86
C LEU A 23 -9.61 8.09 -6.11
N ALA A 24 -10.64 7.49 -6.70
CA ALA A 24 -11.88 8.20 -6.99
C ALA A 24 -12.71 8.39 -5.72
N GLU A 25 -12.93 9.66 -5.35
CA GLU A 25 -13.70 9.98 -4.16
C GLU A 25 -15.02 9.21 -4.14
N ASN A 26 -15.58 8.97 -5.32
CA ASN A 26 -16.83 8.24 -5.44
C ASN A 26 -16.59 6.81 -5.93
N SER A 27 -15.60 6.16 -5.34
CA SER A 27 -15.26 4.78 -5.72
C SER A 27 -16.00 3.78 -4.85
N ALA A 28 -16.68 2.83 -5.49
CA ALA A 28 -17.43 1.81 -4.78
C ALA A 28 -16.57 1.15 -3.70
N PRO A 29 -17.24 0.44 -2.77
CA PRO A 29 -16.56 -0.25 -1.67
C PRO A 29 -15.74 -1.45 -2.15
N GLY A 30 -15.56 -1.54 -3.46
CA GLY A 30 -14.80 -2.64 -4.02
C GLY A 30 -13.75 -2.18 -5.01
N THR A 31 -13.94 -0.99 -5.56
CA THR A 31 -13.01 -0.43 -6.52
C THR A 31 -11.56 -0.67 -6.10
N PRO A 32 -10.79 -1.34 -6.95
CA PRO A 32 -9.37 -1.64 -6.68
C PRO A 32 -8.50 -0.39 -6.71
N ILE A 33 -7.50 -0.36 -5.83
CA ILE A 33 -6.58 0.77 -5.75
C ILE A 33 -5.27 0.46 -6.46
N LEU A 34 -4.48 -0.42 -5.84
CA LEU A 34 -3.19 -0.80 -6.40
C LEU A 34 -2.68 -2.09 -5.76
N GLN A 35 -1.63 -2.66 -6.34
CA GLN A 35 -1.06 -3.90 -5.84
C GLN A 35 0.35 -3.67 -5.31
N LEU A 36 0.56 -4.00 -4.04
CA LEU A 36 1.87 -3.82 -3.41
C LEU A 36 2.74 -5.07 -3.60
N ARG A 37 3.76 -4.94 -4.44
CA ARG A 37 4.67 -6.05 -4.70
C ARG A 37 5.98 -5.88 -3.95
N ALA A 38 6.42 -6.94 -3.28
CA ALA A 38 7.67 -6.91 -2.53
C ALA A 38 8.83 -7.48 -3.34
N ALA A 39 8.82 -7.21 -4.65
CA ALA A 39 9.87 -7.71 -5.53
C ALA A 39 11.24 -7.61 -4.85
N ASP A 40 12.14 -8.53 -5.23
CA ASP A 40 13.48 -8.54 -4.67
C ASP A 40 14.53 -8.32 -5.75
N LEU A 41 14.08 -8.31 -7.01
CA LEU A 41 14.98 -8.11 -8.14
C LEU A 41 16.05 -9.19 -8.20
N ASP A 42 15.72 -10.35 -7.64
CA ASP A 42 16.65 -11.49 -7.62
C ASP A 42 16.17 -12.60 -8.55
N VAL A 43 15.23 -12.26 -9.43
CA VAL A 43 14.69 -13.23 -10.37
C VAL A 43 14.40 -14.55 -9.68
N GLY A 44 13.63 -14.51 -8.60
CA GLY A 44 13.29 -15.71 -7.87
C GLY A 44 12.40 -15.44 -6.67
N VAL A 45 11.47 -14.51 -6.83
CA VAL A 45 10.55 -14.15 -5.76
C VAL A 45 9.14 -13.93 -6.29
N ASN A 46 8.18 -14.63 -5.70
CA ASN A 46 6.79 -14.52 -6.11
C ASN A 46 6.05 -13.50 -5.26
N GLY A 47 6.72 -12.40 -4.93
CA GLY A 47 6.12 -11.37 -4.11
C GLY A 47 5.21 -11.93 -3.05
N GLN A 48 5.76 -12.78 -2.18
CA GLN A 48 4.98 -13.38 -1.11
C GLN A 48 5.34 -12.79 0.24
N ILE A 49 4.81 -11.60 0.52
CA ILE A 49 5.09 -10.93 1.79
C ILE A 49 3.80 -10.42 2.43
N GLU A 50 3.72 -10.55 3.75
CA GLU A 50 2.54 -10.11 4.49
C GLU A 50 2.39 -8.59 4.42
N TYR A 51 1.41 -8.14 3.65
CA TYR A 51 1.15 -6.71 3.50
C TYR A 51 0.07 -6.24 4.46
N VAL A 52 0.45 -5.99 5.70
CA VAL A 52 -0.48 -5.53 6.72
C VAL A 52 -0.40 -4.03 6.92
N PHE A 53 -1.46 -3.44 7.44
CA PHE A 53 -1.50 -2.00 7.68
C PHE A 53 -0.45 -1.59 8.72
N GLY A 54 0.67 -1.05 8.24
CA GLY A 54 1.72 -0.63 9.14
C GLY A 54 1.27 0.44 10.10
N ALA A 55 1.33 1.69 9.68
CA ALA A 55 0.92 2.81 10.51
C ALA A 55 -0.30 3.52 9.93
N ALA A 56 -1.46 2.91 10.10
CA ALA A 56 -2.70 3.48 9.59
C ALA A 56 -3.61 3.95 10.72
N THR A 57 -4.79 4.44 10.38
CA THR A 57 -5.73 4.93 11.38
C THR A 57 -6.96 4.03 11.46
N GLU A 58 -7.67 4.09 12.58
CA GLU A 58 -8.86 3.28 12.79
C GLU A 58 -9.83 3.43 11.62
N SER A 59 -9.86 4.63 11.03
CA SER A 59 -10.74 4.90 9.90
C SER A 59 -10.22 4.22 8.63
N VAL A 60 -9.13 4.74 8.10
CA VAL A 60 -8.54 4.20 6.88
C VAL A 60 -8.61 2.67 6.88
N ARG A 61 -8.66 2.09 8.07
CA ARG A 61 -8.73 0.63 8.21
C ARG A 61 -10.08 0.10 7.74
N ARG A 62 -11.15 0.76 8.19
CA ARG A 62 -12.50 0.35 7.82
C ARG A 62 -12.90 0.96 6.48
N LEU A 63 -12.34 2.12 6.17
CA LEU A 63 -12.64 2.80 4.92
C LEU A 63 -11.94 2.12 3.74
N LEU A 64 -10.76 1.56 4.02
CA LEU A 64 -9.98 0.88 2.98
C LEU A 64 -9.60 -0.52 3.43
N ARG A 65 -9.58 -1.46 2.49
CA ARG A 65 -9.22 -2.84 2.80
C ARG A 65 -7.88 -3.21 2.16
N LEU A 66 -7.06 -3.95 2.89
CA LEU A 66 -5.76 -4.37 2.39
C LEU A 66 -5.52 -5.84 2.69
N ASP A 67 -5.06 -6.59 1.68
CA ASP A 67 -4.79 -8.01 1.83
C ASP A 67 -3.31 -8.24 2.09
N GLU A 68 -2.99 -9.42 2.64
CA GLU A 68 -1.61 -9.76 2.95
C GLU A 68 -1.19 -11.04 2.22
N THR A 69 -2.18 -11.90 1.95
CA THR A 69 -1.91 -13.16 1.26
C THR A 69 -1.60 -12.93 -0.21
N SER A 70 -2.12 -11.83 -0.76
CA SER A 70 -1.88 -11.50 -2.17
C SER A 70 -1.15 -10.18 -2.30
N GLY A 71 -1.57 -9.19 -1.50
CA GLY A 71 -0.94 -7.88 -1.53
C GLY A 71 -1.68 -6.91 -2.44
N TRP A 72 -3.00 -7.04 -2.48
CA TRP A 72 -3.82 -6.16 -3.31
C TRP A 72 -4.59 -5.18 -2.46
N LEU A 73 -4.62 -3.92 -2.88
CA LEU A 73 -5.34 -2.87 -2.15
C LEU A 73 -6.57 -2.41 -2.92
N SER A 74 -7.65 -2.18 -2.19
CA SER A 74 -8.90 -1.75 -2.81
C SER A 74 -9.81 -1.08 -1.78
N VAL A 75 -10.82 -0.36 -2.27
CA VAL A 75 -11.75 0.33 -1.39
C VAL A 75 -12.62 -0.66 -0.62
N LEU A 76 -12.94 -0.33 0.63
CA LEU A 76 -13.76 -1.20 1.47
C LEU A 76 -15.12 -0.55 1.74
N HIS A 77 -15.11 0.76 1.94
CA HIS A 77 -16.34 1.50 2.22
C HIS A 77 -16.39 2.80 1.41
N ARG A 78 -17.60 3.24 1.07
CA ARG A 78 -17.77 4.46 0.31
C ARG A 78 -16.87 5.57 0.83
N ILE A 79 -16.54 6.52 -0.03
CA ILE A 79 -15.69 7.64 0.35
C ILE A 79 -16.32 8.97 -0.01
N ASP A 80 -16.05 9.99 0.78
CA ASP A 80 -16.60 11.33 0.55
C ASP A 80 -15.51 12.39 0.62
N ARG A 81 -15.19 12.98 -0.53
CA ARG A 81 -14.16 14.00 -0.60
C ARG A 81 -14.22 14.92 0.62
N GLU A 82 -15.42 15.13 1.14
CA GLU A 82 -15.61 15.99 2.30
C GLU A 82 -15.03 15.33 3.55
N GLU A 83 -15.37 14.07 3.77
CA GLU A 83 -14.89 13.33 4.94
C GLU A 83 -13.37 13.12 4.85
N VAL A 84 -12.86 13.03 3.63
CA VAL A 84 -11.44 12.84 3.40
C VAL A 84 -10.97 13.54 2.14
N ASN A 85 -9.99 14.41 2.27
CA ASN A 85 -9.44 15.15 1.14
C ASN A 85 -8.22 14.44 0.55
N GLN A 86 -7.47 13.76 1.42
CA GLN A 86 -6.28 13.04 0.99
C GLN A 86 -5.84 12.04 2.05
N LEU A 87 -5.96 10.76 1.73
CA LEU A 87 -5.57 9.70 2.66
C LEU A 87 -4.07 9.45 2.60
N ARG A 88 -3.49 9.12 3.75
CA ARG A 88 -2.05 8.85 3.83
C ARG A 88 -1.76 7.84 4.93
N PHE A 89 -1.35 6.64 4.53
CA PHE A 89 -1.03 5.58 5.49
C PHE A 89 0.24 4.85 5.07
N THR A 90 0.63 3.86 5.88
CA THR A 90 1.84 3.09 5.61
C THR A 90 1.54 1.59 5.64
N VAL A 91 2.26 0.84 4.80
CA VAL A 91 2.07 -0.60 4.74
C VAL A 91 3.36 -1.34 5.10
N MET A 92 3.21 -2.43 5.86
CA MET A 92 4.36 -3.22 6.27
C MET A 92 4.45 -4.52 5.48
N ALA A 93 5.66 -4.99 5.23
CA ALA A 93 5.88 -6.22 4.49
C ALA A 93 6.85 -7.15 5.22
N ARG A 94 6.29 -8.09 5.98
CA ARG A 94 7.11 -9.04 6.74
C ARG A 94 6.93 -10.46 6.20
N ASP A 95 7.96 -11.28 6.35
CA ASP A 95 7.92 -12.66 5.89
C ASP A 95 8.18 -13.62 7.04
N ARG A 96 9.32 -13.46 7.71
CA ARG A 96 9.68 -14.31 8.82
C ARG A 96 10.94 -13.81 9.51
N GLY A 97 10.94 -13.81 10.84
CA GLY A 97 12.08 -13.35 11.59
C GLY A 97 11.69 -12.59 12.85
N GLN A 98 12.63 -12.47 13.78
CA GLN A 98 12.37 -11.75 15.03
C GLN A 98 13.58 -10.93 15.44
N PRO A 99 13.48 -9.61 15.27
CA PRO A 99 12.29 -8.97 14.69
C PRO A 99 12.11 -9.28 13.21
N PRO A 100 10.85 -9.38 12.78
CA PRO A 100 10.51 -9.68 11.38
C PRO A 100 10.85 -8.53 10.44
N LYS A 101 11.61 -8.83 9.40
CA LYS A 101 12.01 -7.81 8.43
C LYS A 101 10.79 -7.13 7.82
N THR A 102 10.48 -5.93 8.32
CA THR A 102 9.33 -5.17 7.84
C THR A 102 9.76 -3.86 7.20
N ASP A 103 9.47 -3.72 5.91
CA ASP A 103 9.83 -2.51 5.17
C ASP A 103 8.62 -1.63 4.93
N LYS A 104 8.42 -0.65 5.80
CA LYS A 104 7.29 0.26 5.68
C LYS A 104 7.30 0.98 4.33
N ALA A 105 6.12 1.29 3.82
CA ALA A 105 6.00 1.99 2.54
C ALA A 105 4.84 2.98 2.56
N THR A 106 5.16 4.27 2.42
CA THR A 106 4.15 5.30 2.42
C THR A 106 3.23 5.18 1.22
N VAL A 107 1.93 5.40 1.43
CA VAL A 107 0.95 5.30 0.35
C VAL A 107 0.09 6.56 0.29
N VAL A 108 0.33 7.38 -0.72
CA VAL A 108 -0.42 8.62 -0.90
C VAL A 108 -1.54 8.45 -1.92
N LEU A 109 -2.77 8.65 -1.47
CA LEU A 109 -3.94 8.51 -2.34
C LEU A 109 -4.66 9.85 -2.51
N ASN A 110 -4.38 10.53 -3.61
CA ASN A 110 -5.00 11.82 -3.88
C ASN A 110 -6.48 11.65 -4.24
N ILE A 111 -7.34 12.29 -3.47
CA ILE A 111 -8.78 12.22 -3.70
C ILE A 111 -9.18 12.99 -4.95
N LYS A 112 -9.57 12.26 -5.99
CA LYS A 112 -9.98 12.88 -7.25
C LYS A 112 -11.48 13.17 -7.25
N ASP A 113 -11.93 13.89 -8.26
CA ASP A 113 -13.34 14.24 -8.38
C ASP A 113 -13.96 13.62 -9.64
N GLU A 114 -14.54 12.44 -9.49
CA GLU A 114 -15.16 11.74 -10.61
C GLU A 114 -16.59 12.22 -10.82
N ASN A 115 -17.38 12.20 -9.76
CA ASN A 115 -18.77 12.64 -9.83
C ASN A 115 -18.86 14.14 -10.11
N ASP A 116 -18.08 14.92 -9.38
CA ASP A 116 -18.06 16.37 -9.54
C ASP A 116 -17.52 16.75 -10.91
N ASN A 117 -18.41 16.92 -11.88
CA ASN A 117 -18.01 17.29 -13.23
C ASN A 117 -17.14 18.55 -13.22
N VAL A 118 -17.63 19.59 -12.57
CA VAL A 118 -16.89 20.85 -12.48
C VAL A 118 -16.87 21.38 -11.05
N PRO A 119 -15.70 21.86 -10.62
CA PRO A 119 -15.51 22.41 -9.26
C PRO A 119 -16.25 23.73 -9.07
N GLY A 1 33.49 2.71 -4.67
CA GLY A 1 32.96 2.85 -6.02
C GLY A 1 31.70 3.69 -6.06
N SER A 2 31.65 4.62 -7.00
CA SER A 2 30.49 5.51 -7.14
C SER A 2 29.20 4.69 -7.20
N SER A 3 28.32 4.92 -6.22
CA SER A 3 27.05 4.21 -6.16
C SER A 3 27.26 2.71 -6.30
N GLY A 4 28.24 2.18 -5.57
CA GLY A 4 28.54 0.76 -5.62
C GLY A 4 28.34 0.07 -4.29
N SER A 5 27.18 -0.55 -4.11
CA SER A 5 26.87 -1.23 -2.86
C SER A 5 27.62 -2.56 -2.77
N SER A 6 27.44 -3.41 -3.78
CA SER A 6 28.10 -4.71 -3.82
C SER A 6 27.66 -5.58 -2.64
N GLY A 7 26.36 -5.54 -2.35
CA GLY A 7 25.84 -6.33 -1.25
C GLY A 7 24.38 -6.71 -1.46
N ASN A 8 24.04 -7.94 -1.08
CA ASN A 8 22.68 -8.43 -1.23
C ASN A 8 21.99 -8.57 0.13
N ASP A 9 20.70 -8.26 0.18
CA ASP A 9 19.94 -8.36 1.42
C ASP A 9 18.91 -9.47 1.33
N ASN A 10 18.39 -9.88 2.47
CA ASN A 10 17.38 -10.94 2.52
C ASN A 10 16.11 -10.46 3.22
N SER A 11 15.69 -9.24 2.89
CA SER A 11 14.49 -8.66 3.50
C SER A 11 13.55 -8.12 2.42
N PRO A 12 12.24 -8.18 2.70
CA PRO A 12 11.21 -7.71 1.78
C PRO A 12 11.22 -6.19 1.63
N ARG A 13 11.27 -5.73 0.38
CA ARG A 13 11.29 -4.29 0.10
C ARG A 13 10.32 -3.96 -1.04
N PHE A 14 9.35 -3.11 -0.75
CA PHE A 14 8.37 -2.71 -1.75
C PHE A 14 9.05 -2.19 -3.01
N GLU A 15 8.30 -2.11 -4.09
CA GLU A 15 8.83 -1.63 -5.36
C GLU A 15 9.17 -0.15 -5.29
N LYS A 16 8.22 0.64 -4.77
CA LYS A 16 8.42 2.08 -4.64
C LYS A 16 8.42 2.50 -3.17
N SER A 17 9.20 3.52 -2.85
CA SER A 17 9.29 4.02 -1.49
C SER A 17 7.96 4.61 -1.04
N VAL A 18 7.32 5.37 -1.93
CA VAL A 18 6.04 5.99 -1.63
C VAL A 18 5.05 5.78 -2.76
N TYR A 19 4.18 4.78 -2.61
CA TYR A 19 3.18 4.47 -3.62
C TYR A 19 2.23 5.65 -3.82
N GLU A 20 2.38 6.32 -4.96
CA GLU A 20 1.53 7.47 -5.28
C GLU A 20 0.51 7.11 -6.36
N ALA A 21 -0.77 7.11 -5.98
CA ALA A 21 -1.83 6.78 -6.91
C ALA A 21 -2.99 7.77 -6.78
N ASP A 22 -3.90 7.75 -7.75
CA ASP A 22 -5.05 8.64 -7.74
C ASP A 22 -6.34 7.85 -7.51
N LEU A 23 -7.03 8.16 -6.41
CA LEU A 23 -8.27 7.49 -6.06
C LEU A 23 -9.47 8.40 -6.31
N ALA A 24 -10.50 7.86 -6.94
CA ALA A 24 -11.71 8.62 -7.24
C ALA A 24 -12.61 8.72 -6.00
N GLU A 25 -12.86 9.95 -5.56
CA GLU A 25 -13.70 10.17 -4.39
C GLU A 25 -14.94 9.30 -4.43
N ASN A 26 -15.54 9.17 -5.62
CA ASN A 26 -16.73 8.37 -5.80
C ASN A 26 -16.37 6.92 -6.14
N SER A 27 -15.34 6.40 -5.48
CA SER A 27 -14.89 5.04 -5.71
C SER A 27 -15.67 4.05 -4.86
N ALA A 28 -16.39 3.14 -5.50
CA ALA A 28 -17.19 2.14 -4.80
C ALA A 28 -16.44 1.62 -3.57
N PRO A 29 -17.20 1.03 -2.63
CA PRO A 29 -16.62 0.48 -1.39
C PRO A 29 -15.79 -0.77 -1.65
N GLY A 30 -15.58 -1.09 -2.92
CA GLY A 30 -14.80 -2.26 -3.27
C GLY A 30 -13.92 -2.02 -4.49
N THR A 31 -13.82 -0.77 -4.91
CA THR A 31 -13.00 -0.40 -6.07
C THR A 31 -11.54 -0.68 -5.80
N PRO A 32 -10.89 -1.39 -6.74
CA PRO A 32 -9.47 -1.74 -6.64
C PRO A 32 -8.57 -0.53 -6.80
N ILE A 33 -7.69 -0.31 -5.83
CA ILE A 33 -6.76 0.81 -5.86
C ILE A 33 -5.43 0.41 -6.50
N LEU A 34 -4.71 -0.48 -5.83
CA LEU A 34 -3.42 -0.95 -6.33
C LEU A 34 -2.95 -2.19 -5.58
N GLN A 35 -2.21 -3.05 -6.26
CA GLN A 35 -1.70 -4.27 -5.65
C GLN A 35 -0.29 -4.07 -5.11
N LEU A 36 -0.15 -4.09 -3.80
CA LEU A 36 1.15 -3.91 -3.17
C LEU A 36 2.08 -5.08 -3.47
N ARG A 37 3.17 -4.80 -4.19
CA ARG A 37 4.13 -5.82 -4.55
C ARG A 37 5.52 -5.49 -3.99
N ALA A 38 6.32 -6.53 -3.80
CA ALA A 38 7.68 -6.34 -3.27
C ALA A 38 8.69 -6.18 -4.40
N ALA A 39 8.57 -7.01 -5.42
CA ALA A 39 9.47 -6.96 -6.57
C ALA A 39 9.05 -7.94 -7.66
N ASP A 40 9.17 -7.50 -8.91
CA ASP A 40 8.79 -8.34 -10.04
C ASP A 40 9.98 -9.19 -10.51
N LEU A 41 10.50 -10.01 -9.62
CA LEU A 41 11.64 -10.88 -9.95
C LEU A 41 11.32 -12.33 -9.62
N ASP A 42 10.88 -12.58 -8.40
CA ASP A 42 10.54 -13.93 -7.96
C ASP A 42 9.05 -14.07 -7.72
N VAL A 43 8.26 -14.01 -8.79
CA VAL A 43 6.81 -14.14 -8.69
C VAL A 43 6.39 -15.58 -8.49
N GLY A 44 7.08 -16.27 -7.59
CA GLY A 44 6.76 -17.66 -7.31
C GLY A 44 7.86 -18.37 -6.56
N VAL A 45 7.82 -18.32 -5.24
CA VAL A 45 8.82 -18.96 -4.40
C VAL A 45 8.19 -19.58 -3.16
N ASN A 46 9.04 -20.11 -2.28
CA ASN A 46 8.57 -20.74 -1.05
C ASN A 46 8.30 -19.68 0.02
N GLY A 47 7.72 -18.55 -0.40
CA GLY A 47 7.41 -17.48 0.53
C GLY A 47 6.77 -16.29 -0.14
N GLN A 48 5.54 -15.97 0.29
CA GLN A 48 4.81 -14.84 -0.28
C GLN A 48 4.73 -13.69 0.70
N ILE A 49 5.75 -12.82 0.67
CA ILE A 49 5.78 -11.67 1.56
C ILE A 49 4.38 -11.18 1.89
N GLU A 50 4.17 -10.84 3.16
CA GLU A 50 2.87 -10.35 3.61
C GLU A 50 2.76 -8.85 3.41
N TYR A 51 1.54 -8.33 3.59
CA TYR A 51 1.30 -6.89 3.43
C TYR A 51 0.19 -6.42 4.37
N VAL A 52 0.58 -5.72 5.43
CA VAL A 52 -0.38 -5.22 6.40
C VAL A 52 -0.28 -3.70 6.53
N PHE A 53 -1.12 -3.13 7.39
CA PHE A 53 -1.13 -1.68 7.59
C PHE A 53 -0.14 -1.29 8.68
N GLY A 54 1.01 -0.76 8.27
CA GLY A 54 2.02 -0.34 9.22
C GLY A 54 1.48 0.62 10.26
N ALA A 55 1.71 1.91 10.05
CA ALA A 55 1.25 2.94 10.97
C ALA A 55 -0.06 3.56 10.49
N ALA A 56 -0.96 2.72 9.98
CA ALA A 56 -2.25 3.20 9.48
C ALA A 56 -3.21 3.44 10.63
N THR A 57 -4.17 4.33 10.40
CA THR A 57 -5.17 4.66 11.42
C THR A 57 -6.44 3.82 11.25
N GLU A 58 -7.34 3.91 12.20
CA GLU A 58 -8.59 3.16 12.16
C GLU A 58 -9.50 3.70 11.06
N SER A 59 -9.21 4.91 10.60
CA SER A 59 -10.01 5.54 9.54
C SER A 59 -9.58 5.03 8.17
N VAL A 60 -8.35 4.53 8.09
CA VAL A 60 -7.83 4.02 6.83
C VAL A 60 -8.15 2.53 6.67
N ARG A 61 -7.98 1.78 7.74
CA ARG A 61 -8.26 0.34 7.72
C ARG A 61 -9.75 0.07 7.53
N ARG A 62 -10.57 1.01 7.99
CA ARG A 62 -12.02 0.88 7.89
C ARG A 62 -12.52 1.46 6.57
N LEU A 63 -11.77 2.41 6.02
CA LEU A 63 -12.15 3.06 4.77
C LEU A 63 -11.51 2.33 3.58
N LEU A 64 -10.45 1.57 3.86
CA LEU A 64 -9.75 0.82 2.82
C LEU A 64 -9.43 -0.59 3.28
N ARG A 65 -9.45 -1.54 2.35
CA ARG A 65 -9.17 -2.93 2.66
C ARG A 65 -7.83 -3.36 2.05
N LEU A 66 -7.12 -4.23 2.76
CA LEU A 66 -5.83 -4.73 2.28
C LEU A 66 -5.67 -6.21 2.61
N ASP A 67 -5.45 -7.01 1.57
CA ASP A 67 -5.27 -8.45 1.73
C ASP A 67 -3.78 -8.80 1.85
N GLU A 68 -3.39 -9.31 3.02
CA GLU A 68 -2.00 -9.69 3.24
C GLU A 68 -1.60 -10.88 2.38
N THR A 69 -2.50 -11.87 2.30
CA THR A 69 -2.25 -13.07 1.51
C THR A 69 -1.93 -12.71 0.06
N SER A 70 -2.91 -12.13 -0.63
CA SER A 70 -2.74 -11.75 -2.02
C SER A 70 -1.87 -10.50 -2.14
N GLY A 71 -2.13 -9.53 -1.28
CA GLY A 71 -1.36 -8.29 -1.30
C GLY A 71 -2.02 -7.22 -2.15
N TRP A 72 -3.34 -7.24 -2.21
CA TRP A 72 -4.08 -6.27 -3.00
C TRP A 72 -4.64 -5.16 -2.11
N LEU A 73 -4.78 -3.96 -2.66
CA LEU A 73 -5.30 -2.82 -1.91
C LEU A 73 -6.47 -2.18 -2.65
N SER A 74 -7.65 -2.22 -2.04
CA SER A 74 -8.84 -1.65 -2.64
C SER A 74 -9.68 -0.92 -1.59
N VAL A 75 -10.65 -0.13 -2.05
CA VAL A 75 -11.52 0.61 -1.15
C VAL A 75 -12.48 -0.33 -0.42
N LEU A 76 -12.77 0.01 0.83
CA LEU A 76 -13.67 -0.80 1.65
C LEU A 76 -15.02 -0.11 1.82
N HIS A 77 -14.99 1.19 2.05
CA HIS A 77 -16.20 1.98 2.22
C HIS A 77 -16.20 3.21 1.32
N ARG A 78 -17.39 3.74 1.05
CA ARG A 78 -17.52 4.92 0.19
C ARG A 78 -16.70 6.07 0.74
N ILE A 79 -16.05 6.81 -0.16
CA ILE A 79 -15.24 7.94 0.23
C ILE A 79 -15.89 9.27 -0.18
N ASP A 80 -15.86 10.24 0.72
CA ASP A 80 -16.46 11.54 0.46
C ASP A 80 -15.38 12.64 0.46
N ARG A 81 -15.04 13.12 -0.73
CA ARG A 81 -14.03 14.17 -0.86
C ARG A 81 -14.11 15.16 0.30
N GLU A 82 -15.33 15.39 0.80
CA GLU A 82 -15.54 16.31 1.90
C GLU A 82 -14.93 15.76 3.19
N GLU A 83 -15.20 14.49 3.47
CA GLU A 83 -14.68 13.84 4.66
C GLU A 83 -13.16 13.68 4.59
N VAL A 84 -12.65 13.56 3.36
CA VAL A 84 -11.22 13.40 3.16
C VAL A 84 -10.79 13.99 1.83
N ASN A 85 -9.80 14.89 1.87
CA ASN A 85 -9.30 15.53 0.66
C ASN A 85 -8.08 14.79 0.11
N GLN A 86 -7.34 14.14 1.00
CA GLN A 86 -6.16 13.39 0.60
C GLN A 86 -5.74 12.40 1.68
N LEU A 87 -5.95 11.12 1.42
CA LEU A 87 -5.60 10.07 2.37
C LEU A 87 -4.09 9.88 2.44
N ARG A 88 -3.62 9.35 3.57
CA ARG A 88 -2.20 9.13 3.77
C ARG A 88 -1.97 8.09 4.87
N PHE A 89 -1.32 6.98 4.51
CA PHE A 89 -1.04 5.92 5.47
C PHE A 89 0.26 5.20 5.11
N THR A 90 0.57 4.16 5.87
CA THR A 90 1.79 3.39 5.63
C THR A 90 1.49 1.89 5.64
N VAL A 91 2.24 1.14 4.82
CA VAL A 91 2.06 -0.30 4.73
C VAL A 91 3.34 -1.04 5.11
N MET A 92 3.18 -2.26 5.64
CA MET A 92 4.32 -3.06 6.05
C MET A 92 4.32 -4.42 5.34
N ALA A 93 5.41 -5.15 5.47
CA ALA A 93 5.53 -6.46 4.84
C ALA A 93 6.46 -7.37 5.64
N ARG A 94 5.92 -8.49 6.11
CA ARG A 94 6.69 -9.44 6.89
C ARG A 94 7.26 -10.54 5.99
N ASP A 95 8.23 -11.29 6.52
CA ASP A 95 8.86 -12.37 5.76
C ASP A 95 9.01 -13.62 6.63
N ARG A 96 9.63 -14.65 6.06
CA ARG A 96 9.83 -15.90 6.78
C ARG A 96 11.01 -15.80 7.74
N GLY A 97 10.85 -15.02 8.79
CA GLY A 97 11.91 -14.85 9.76
C GLY A 97 11.41 -14.29 11.08
N GLN A 98 12.27 -14.31 12.10
CA GLN A 98 11.92 -13.80 13.42
C GLN A 98 13.12 -13.16 14.10
N PRO A 99 13.01 -11.86 14.38
CA PRO A 99 11.82 -11.07 14.05
C PRO A 99 11.66 -10.86 12.55
N PRO A 100 10.41 -10.91 12.08
CA PRO A 100 10.09 -10.73 10.66
C PRO A 100 10.32 -9.29 10.19
N LYS A 101 11.40 -9.07 9.45
CA LYS A 101 11.72 -7.75 8.95
C LYS A 101 10.51 -7.11 8.27
N THR A 102 10.07 -5.99 8.81
CA THR A 102 8.92 -5.28 8.27
C THR A 102 9.34 -3.99 7.57
N ASP A 103 9.15 -3.94 6.26
CA ASP A 103 9.51 -2.77 5.48
C ASP A 103 8.32 -1.84 5.30
N LYS A 104 8.37 -0.68 5.94
CA LYS A 104 7.29 0.31 5.85
C LYS A 104 7.28 0.98 4.48
N ALA A 105 6.12 1.49 4.09
CA ALA A 105 5.97 2.16 2.80
C ALA A 105 4.79 3.12 2.81
N THR A 106 5.06 4.39 2.53
CA THR A 106 4.01 5.41 2.51
C THR A 106 3.16 5.29 1.26
N VAL A 107 1.85 5.43 1.41
CA VAL A 107 0.92 5.34 0.29
C VAL A 107 0.08 6.61 0.18
N VAL A 108 0.39 7.44 -0.81
CA VAL A 108 -0.34 8.68 -1.03
C VAL A 108 -1.47 8.49 -2.04
N LEU A 109 -2.70 8.62 -1.58
CA LEU A 109 -3.87 8.46 -2.45
C LEU A 109 -4.58 9.79 -2.64
N ASN A 110 -4.47 10.36 -3.83
CA ASN A 110 -5.11 11.62 -4.15
C ASN A 110 -6.61 11.43 -4.39
N ILE A 111 -7.42 12.27 -3.75
CA ILE A 111 -8.87 12.20 -3.90
C ILE A 111 -9.33 12.95 -5.13
N LYS A 112 -9.29 12.30 -6.28
CA LYS A 112 -9.71 12.91 -7.53
C LYS A 112 -11.22 13.11 -7.57
N ASP A 113 -11.72 13.70 -8.65
CA ASP A 113 -13.15 13.94 -8.80
C ASP A 113 -13.68 13.26 -10.06
N GLU A 114 -14.56 12.29 -9.88
CA GLU A 114 -15.14 11.57 -11.00
C GLU A 114 -16.48 12.18 -11.41
N ASN A 115 -17.26 12.59 -10.41
CA ASN A 115 -18.57 13.18 -10.67
C ASN A 115 -18.52 14.12 -11.87
N ASP A 116 -17.45 14.90 -11.96
CA ASP A 116 -17.27 15.83 -13.07
C ASP A 116 -17.69 15.20 -14.38
N ASN A 117 -18.28 16.00 -15.27
CA ASN A 117 -18.73 15.52 -16.57
C ASN A 117 -17.85 16.07 -17.69
N VAL A 118 -16.91 15.25 -18.14
CA VAL A 118 -16.00 15.65 -19.22
C VAL A 118 -16.06 14.67 -20.38
N PRO A 119 -15.92 15.20 -21.60
CA PRO A 119 -15.96 14.40 -22.83
C PRO A 119 -14.73 13.51 -22.97
N GLY A 1 19.47 4.07 9.15
CA GLY A 1 18.44 4.80 9.87
C GLY A 1 18.43 4.47 11.35
N SER A 2 18.27 3.20 11.67
CA SER A 2 18.23 2.76 13.07
C SER A 2 19.53 2.06 13.45
N SER A 3 19.84 0.98 12.75
CA SER A 3 21.05 0.20 13.03
C SER A 3 22.27 0.88 12.41
N GLY A 4 23.41 0.73 13.05
CA GLY A 4 24.64 1.34 12.56
C GLY A 4 24.84 1.09 11.07
N SER A 5 25.34 -0.09 10.73
CA SER A 5 25.58 -0.46 9.34
C SER A 5 24.30 -0.36 8.52
N SER A 6 24.42 0.12 7.29
CA SER A 6 23.27 0.26 6.41
C SER A 6 23.49 -0.51 5.11
N GLY A 7 22.55 -1.39 4.79
CA GLY A 7 22.65 -2.18 3.58
C GLY A 7 21.64 -3.31 3.53
N ASN A 8 20.82 -3.34 2.49
CA ASN A 8 19.81 -4.36 2.34
C ASN A 8 20.46 -5.73 2.11
N ASP A 9 19.98 -6.73 2.85
CA ASP A 9 20.50 -8.09 2.73
C ASP A 9 19.37 -9.11 2.66
N ASN A 10 19.01 -9.50 1.45
CA ASN A 10 17.94 -10.48 1.26
C ASN A 10 16.71 -10.11 2.08
N SER A 11 16.44 -8.81 2.19
CA SER A 11 15.30 -8.32 2.95
C SER A 11 14.19 -7.86 2.02
N PRO A 12 12.94 -7.98 2.48
CA PRO A 12 11.75 -7.56 1.71
C PRO A 12 11.67 -6.05 1.55
N ARG A 13 11.44 -5.60 0.32
CA ARG A 13 11.32 -4.18 0.04
C ARG A 13 10.33 -3.93 -1.10
N PHE A 14 9.59 -2.82 -0.99
CA PHE A 14 8.61 -2.47 -2.01
C PHE A 14 9.29 -1.87 -3.24
N GLU A 15 8.58 -1.91 -4.37
CA GLU A 15 9.12 -1.38 -5.62
C GLU A 15 9.20 0.15 -5.58
N LYS A 16 8.17 0.77 -5.04
CA LYS A 16 8.11 2.23 -4.93
C LYS A 16 8.10 2.67 -3.47
N SER A 17 9.13 3.40 -3.06
CA SER A 17 9.23 3.87 -1.69
C SER A 17 7.92 4.50 -1.23
N VAL A 18 7.28 5.23 -2.14
CA VAL A 18 6.01 5.88 -1.83
C VAL A 18 4.97 5.61 -2.90
N TYR A 19 4.06 4.69 -2.61
CA TYR A 19 3.01 4.32 -3.56
C TYR A 19 2.02 5.46 -3.73
N GLU A 20 2.13 6.18 -4.83
CA GLU A 20 1.24 7.31 -5.11
C GLU A 20 0.22 6.93 -6.20
N ALA A 21 -1.04 6.82 -5.81
CA ALA A 21 -2.10 6.46 -6.74
C ALA A 21 -3.26 7.45 -6.64
N ASP A 22 -4.17 7.38 -7.61
CA ASP A 22 -5.33 8.27 -7.63
C ASP A 22 -6.60 7.51 -7.27
N LEU A 23 -7.21 7.90 -6.16
CA LEU A 23 -8.44 7.25 -5.70
C LEU A 23 -9.65 8.19 -5.87
N ALA A 24 -10.68 7.68 -6.53
CA ALA A 24 -11.89 8.47 -6.76
C ALA A 24 -12.73 8.58 -5.48
N GLU A 25 -12.83 9.79 -4.95
CA GLU A 25 -13.60 10.02 -3.73
C GLU A 25 -14.87 9.18 -3.73
N ASN A 26 -15.51 9.08 -4.88
CA ASN A 26 -16.75 8.31 -5.00
C ASN A 26 -16.45 6.89 -5.43
N SER A 27 -15.48 6.25 -4.77
CA SER A 27 -15.10 4.89 -5.09
C SER A 27 -15.95 3.89 -4.30
N ALA A 28 -16.75 3.10 -5.02
CA ALA A 28 -17.61 2.11 -4.39
C ALA A 28 -16.82 1.25 -3.40
N PRO A 29 -17.55 0.60 -2.49
CA PRO A 29 -16.94 -0.26 -1.47
C PRO A 29 -16.35 -1.53 -2.05
N GLY A 30 -15.13 -1.42 -2.60
CA GLY A 30 -14.48 -2.56 -3.20
C GLY A 30 -13.58 -2.18 -4.36
N THR A 31 -13.77 -0.97 -4.88
CA THR A 31 -12.98 -0.49 -6.00
C THR A 31 -11.49 -0.72 -5.77
N PRO A 32 -10.84 -1.39 -6.74
CA PRO A 32 -9.41 -1.69 -6.66
C PRO A 32 -8.54 -0.45 -6.79
N ILE A 33 -7.58 -0.29 -5.88
CA ILE A 33 -6.68 0.85 -5.91
C ILE A 33 -5.39 0.53 -6.64
N LEU A 34 -4.54 -0.28 -6.01
CA LEU A 34 -3.27 -0.67 -6.60
C LEU A 34 -2.74 -1.95 -5.95
N GLN A 35 -1.73 -2.55 -6.58
CA GLN A 35 -1.14 -3.77 -6.07
C GLN A 35 0.24 -3.51 -5.47
N LEU A 36 0.49 -4.07 -4.29
CA LEU A 36 1.77 -3.88 -3.61
C LEU A 36 2.68 -5.08 -3.84
N ARG A 37 3.74 -4.87 -4.62
CA ARG A 37 4.70 -5.93 -4.91
C ARG A 37 5.95 -5.78 -4.06
N ALA A 38 6.39 -6.89 -3.47
CA ALA A 38 7.58 -6.88 -2.62
C ALA A 38 8.80 -7.37 -3.40
N ALA A 39 8.89 -6.96 -4.66
CA ALA A 39 10.01 -7.35 -5.51
C ALA A 39 11.29 -7.48 -4.70
N ASP A 40 12.03 -8.57 -4.92
CA ASP A 40 13.28 -8.81 -4.21
C ASP A 40 14.44 -8.91 -5.19
N LEU A 41 14.12 -8.97 -6.48
CA LEU A 41 15.15 -9.08 -7.51
C LEU A 41 15.98 -10.35 -7.34
N ASP A 42 15.38 -11.35 -6.71
CA ASP A 42 16.05 -12.62 -6.48
C ASP A 42 15.63 -13.67 -7.51
N VAL A 43 15.05 -13.19 -8.61
CA VAL A 43 14.59 -14.08 -9.68
C VAL A 43 14.17 -15.42 -9.11
N GLY A 44 13.45 -15.40 -8.00
CA GLY A 44 13.00 -16.63 -7.38
C GLY A 44 11.75 -16.43 -6.54
N VAL A 45 11.89 -15.68 -5.45
CA VAL A 45 10.77 -15.41 -4.56
C VAL A 45 9.63 -14.74 -5.31
N ASN A 46 8.45 -15.37 -5.25
CA ASN A 46 7.26 -14.83 -5.93
C ASN A 46 6.59 -13.76 -5.08
N GLY A 47 7.40 -12.89 -4.48
CA GLY A 47 6.86 -11.83 -3.64
C GLY A 47 5.90 -12.35 -2.59
N GLN A 48 6.37 -13.27 -1.75
CA GLN A 48 5.54 -13.85 -0.71
C GLN A 48 5.73 -13.11 0.61
N ILE A 49 5.17 -11.92 0.70
CA ILE A 49 5.27 -11.11 1.91
C ILE A 49 3.90 -10.69 2.42
N GLU A 50 3.79 -10.51 3.73
CA GLU A 50 2.53 -10.10 4.35
C GLU A 50 2.38 -8.59 4.32
N TYR A 51 1.55 -8.10 3.40
CA TYR A 51 1.32 -6.67 3.27
C TYR A 51 0.24 -6.20 4.24
N VAL A 52 0.63 -5.95 5.48
CA VAL A 52 -0.30 -5.50 6.51
C VAL A 52 -0.23 -3.98 6.68
N PHE A 53 -1.21 -3.43 7.39
CA PHE A 53 -1.27 -2.00 7.63
C PHE A 53 -0.28 -1.58 8.72
N GLY A 54 0.71 -0.79 8.34
CA GLY A 54 1.71 -0.34 9.29
C GLY A 54 1.16 0.69 10.26
N ALA A 55 1.17 1.96 9.85
CA ALA A 55 0.67 3.04 10.69
C ALA A 55 -0.57 3.68 10.08
N ALA A 56 -1.52 2.86 9.65
CA ALA A 56 -2.74 3.36 9.05
C ALA A 56 -3.77 3.74 10.11
N THR A 57 -4.46 4.85 9.89
CA THR A 57 -5.47 5.32 10.83
C THR A 57 -6.78 4.56 10.66
N GLU A 58 -7.73 4.81 11.56
CA GLU A 58 -9.02 4.14 11.51
C GLU A 58 -9.85 4.63 10.31
N SER A 59 -9.72 5.92 10.01
CA SER A 59 -10.45 6.52 8.90
C SER A 59 -9.81 6.14 7.57
N VAL A 60 -8.71 5.39 7.63
CA VAL A 60 -8.01 4.96 6.44
C VAL A 60 -8.21 3.48 6.18
N ARG A 61 -8.31 2.70 7.25
CA ARG A 61 -8.52 1.26 7.14
C ARG A 61 -10.00 0.93 6.96
N ARG A 62 -10.86 1.79 7.50
CA ARG A 62 -12.30 1.59 7.41
C ARG A 62 -12.80 1.90 5.99
N LEU A 63 -12.01 2.68 5.26
CA LEU A 63 -12.38 3.06 3.89
C LEU A 63 -11.50 2.32 2.87
N LEU A 64 -10.69 1.39 3.37
CA LEU A 64 -9.82 0.61 2.50
C LEU A 64 -9.51 -0.76 3.11
N ARG A 65 -9.47 -1.78 2.27
CA ARG A 65 -9.20 -3.14 2.73
C ARG A 65 -7.94 -3.68 2.07
N LEU A 66 -6.86 -3.76 2.82
CA LEU A 66 -5.60 -4.27 2.31
C LEU A 66 -5.49 -5.78 2.51
N ASP A 67 -4.79 -6.44 1.59
CA ASP A 67 -4.62 -7.89 1.67
C ASP A 67 -3.17 -8.25 1.97
N GLU A 68 -2.97 -9.34 2.69
CA GLU A 68 -1.62 -9.79 3.05
C GLU A 68 -1.29 -11.11 2.34
N THR A 69 -2.31 -11.89 2.05
CA THR A 69 -2.12 -13.18 1.37
C THR A 69 -1.79 -12.97 -0.10
N SER A 70 -2.25 -11.86 -0.67
CA SER A 70 -2.00 -11.55 -2.07
C SER A 70 -1.21 -10.26 -2.21
N GLY A 71 -1.61 -9.24 -1.47
CA GLY A 71 -0.92 -7.96 -1.53
C GLY A 71 -1.65 -6.94 -2.38
N TRP A 72 -2.98 -7.05 -2.40
CA TRP A 72 -3.80 -6.13 -3.19
C TRP A 72 -4.42 -5.06 -2.30
N LEU A 73 -4.82 -3.95 -2.91
CA LEU A 73 -5.42 -2.85 -2.17
C LEU A 73 -6.70 -2.36 -2.87
N SER A 74 -7.75 -2.15 -2.09
CA SER A 74 -9.02 -1.68 -2.64
C SER A 74 -9.84 -0.98 -1.56
N VAL A 75 -10.92 -0.32 -1.99
CA VAL A 75 -11.79 0.40 -1.06
C VAL A 75 -12.69 -0.57 -0.30
N LEU A 76 -12.96 -0.24 0.95
CA LEU A 76 -13.82 -1.07 1.80
C LEU A 76 -15.17 -0.42 2.03
N HIS A 77 -15.17 0.91 2.17
CA HIS A 77 -16.39 1.66 2.38
C HIS A 77 -16.39 2.97 1.60
N ARG A 78 -17.57 3.51 1.35
CA ARG A 78 -17.70 4.76 0.61
C ARG A 78 -16.78 5.83 1.18
N ILE A 79 -16.34 6.74 0.33
CA ILE A 79 -15.44 7.81 0.76
C ILE A 79 -15.96 9.18 0.28
N ASP A 80 -15.61 10.22 1.02
CA ASP A 80 -16.04 11.58 0.67
C ASP A 80 -14.85 12.54 0.69
N ARG A 81 -14.64 13.23 -0.43
CA ARG A 81 -13.53 14.18 -0.54
C ARG A 81 -13.68 15.30 0.50
N GLU A 82 -14.92 15.61 0.85
CA GLU A 82 -15.19 16.66 1.83
C GLU A 82 -14.53 16.35 3.17
N GLU A 83 -14.93 15.23 3.77
CA GLU A 83 -14.38 14.82 5.06
C GLU A 83 -12.86 14.70 4.98
N VAL A 84 -12.37 14.27 3.83
CA VAL A 84 -10.93 14.12 3.62
C VAL A 84 -10.53 14.47 2.20
N ASN A 85 -9.49 15.29 2.07
CA ASN A 85 -9.01 15.71 0.75
C ASN A 85 -7.81 14.89 0.33
N GLN A 86 -7.16 14.25 1.29
CA GLN A 86 -5.98 13.43 1.01
C GLN A 86 -5.82 12.34 2.07
N LEU A 87 -5.51 11.13 1.62
CA LEU A 87 -5.32 9.99 2.52
C LEU A 87 -3.88 9.50 2.49
N ARG A 88 -3.24 9.48 3.65
CA ARG A 88 -1.86 9.02 3.75
C ARG A 88 -1.71 7.96 4.83
N PHE A 89 -0.98 6.90 4.51
CA PHE A 89 -0.78 5.80 5.45
C PHE A 89 0.49 5.02 5.10
N THR A 90 0.78 3.99 5.88
CA THR A 90 1.96 3.16 5.67
C THR A 90 1.60 1.68 5.70
N VAL A 91 2.32 0.88 4.93
CA VAL A 91 2.09 -0.56 4.88
C VAL A 91 3.35 -1.34 5.22
N MET A 92 3.21 -2.36 6.04
CA MET A 92 4.35 -3.19 6.44
C MET A 92 4.40 -4.48 5.62
N ALA A 93 5.60 -5.02 5.45
CA ALA A 93 5.77 -6.25 4.69
C ALA A 93 6.69 -7.22 5.43
N ARG A 94 6.09 -8.17 6.14
CA ARG A 94 6.84 -9.16 6.89
C ARG A 94 6.63 -10.56 6.33
N ASP A 95 7.63 -11.41 6.46
CA ASP A 95 7.56 -12.77 5.96
C ASP A 95 7.53 -13.77 7.11
N ARG A 96 7.52 -15.06 6.78
CA ARG A 96 7.49 -16.11 7.79
C ARG A 96 8.89 -16.38 8.33
N GLY A 97 9.68 -15.32 8.49
CA GLY A 97 11.02 -15.46 9.00
C GLY A 97 11.18 -14.87 10.39
N GLN A 98 12.39 -14.97 10.94
CA GLN A 98 12.66 -14.44 12.27
C GLN A 98 14.13 -14.05 12.41
N PRO A 99 14.38 -12.77 12.72
CA PRO A 99 13.31 -11.79 12.93
C PRO A 99 12.60 -11.43 11.63
N PRO A 100 11.27 -11.29 11.71
CA PRO A 100 10.44 -10.94 10.55
C PRO A 100 10.67 -9.51 10.08
N LYS A 101 11.55 -9.35 9.09
CA LYS A 101 11.85 -8.04 8.54
C LYS A 101 10.59 -7.36 8.01
N THR A 102 10.25 -6.21 8.57
CA THR A 102 9.08 -5.46 8.15
C THR A 102 9.46 -4.14 7.50
N ASP A 103 9.09 -3.99 6.23
CA ASP A 103 9.40 -2.77 5.48
C ASP A 103 8.17 -1.86 5.39
N LYS A 104 8.37 -0.58 5.69
CA LYS A 104 7.28 0.39 5.64
C LYS A 104 7.27 1.13 4.30
N ALA A 105 6.07 1.34 3.77
CA ALA A 105 5.92 2.04 2.49
C ALA A 105 4.77 3.04 2.54
N THR A 106 5.09 4.32 2.36
CA THR A 106 4.09 5.37 2.39
C THR A 106 3.19 5.31 1.15
N VAL A 107 1.90 5.47 1.35
CA VAL A 107 0.94 5.45 0.25
C VAL A 107 0.09 6.72 0.22
N VAL A 108 0.37 7.60 -0.72
CA VAL A 108 -0.35 8.85 -0.86
C VAL A 108 -1.50 8.71 -1.86
N LEU A 109 -2.73 8.70 -1.34
CA LEU A 109 -3.91 8.57 -2.19
C LEU A 109 -4.56 9.93 -2.42
N ASN A 110 -4.42 10.45 -3.65
CA ASN A 110 -4.99 11.73 -4.00
C ASN A 110 -6.49 11.61 -4.30
N ILE A 111 -7.31 12.16 -3.43
CA ILE A 111 -8.76 12.12 -3.59
C ILE A 111 -9.19 12.90 -4.83
N LYS A 112 -9.56 12.17 -5.88
CA LYS A 112 -10.01 12.79 -7.12
C LYS A 112 -11.50 13.08 -7.07
N ASP A 113 -11.95 13.96 -7.97
CA ASP A 113 -13.36 14.34 -8.04
C ASP A 113 -14.07 13.57 -9.14
N GLU A 114 -14.77 12.51 -8.76
CA GLU A 114 -15.50 11.68 -9.72
C GLU A 114 -16.93 12.18 -9.89
N ASN A 115 -17.60 12.44 -8.77
CA ASN A 115 -18.97 12.91 -8.79
C ASN A 115 -19.10 14.19 -9.62
N ASP A 116 -18.21 15.14 -9.36
CA ASP A 116 -18.22 16.40 -10.09
C ASP A 116 -18.03 16.17 -11.59
N ASN A 117 -19.08 16.44 -12.36
CA ASN A 117 -19.03 16.25 -13.80
C ASN A 117 -18.46 17.49 -14.49
N VAL A 118 -17.25 17.36 -15.03
CA VAL A 118 -16.59 18.47 -15.72
C VAL A 118 -17.32 18.83 -17.01
N PRO A 119 -17.50 20.13 -17.24
CA PRO A 119 -18.17 20.63 -18.45
C PRO A 119 -17.36 20.41 -19.71
N GLY A 1 39.80 -0.33 1.33
CA GLY A 1 39.30 -1.24 0.32
C GLY A 1 38.60 -2.45 0.91
N SER A 2 37.72 -3.07 0.12
CA SER A 2 36.97 -4.23 0.58
C SER A 2 36.54 -5.10 -0.60
N SER A 3 36.67 -6.41 -0.43
CA SER A 3 36.30 -7.35 -1.48
C SER A 3 34.89 -7.88 -1.27
N GLY A 4 34.06 -7.76 -2.30
CA GLY A 4 32.69 -8.23 -2.21
C GLY A 4 31.70 -7.09 -2.01
N SER A 5 30.92 -7.18 -0.94
CA SER A 5 29.92 -6.16 -0.64
C SER A 5 29.87 -5.88 0.86
N SER A 6 29.91 -4.59 1.21
CA SER A 6 29.88 -4.18 2.62
C SER A 6 28.77 -4.91 3.37
N GLY A 7 27.54 -4.72 2.91
CA GLY A 7 26.40 -5.37 3.55
C GLY A 7 25.44 -5.96 2.55
N ASN A 8 24.74 -7.03 2.95
CA ASN A 8 23.79 -7.69 2.08
C ASN A 8 22.39 -7.07 2.23
N ASP A 9 21.61 -7.13 1.16
CA ASP A 9 20.26 -6.58 1.17
C ASP A 9 19.22 -7.69 1.07
N ASN A 10 19.40 -8.74 1.86
CA ASN A 10 18.47 -9.87 1.85
C ASN A 10 17.23 -9.56 2.68
N SER A 11 16.67 -8.36 2.49
CA SER A 11 15.49 -7.94 3.22
C SER A 11 14.37 -7.52 2.25
N PRO A 12 13.13 -7.66 2.70
CA PRO A 12 11.95 -7.30 1.89
C PRO A 12 11.82 -5.80 1.71
N ARG A 13 11.92 -5.35 0.46
CA ARG A 13 11.81 -3.93 0.14
C ARG A 13 10.78 -3.70 -0.96
N PHE A 14 9.87 -2.77 -0.73
CA PHE A 14 8.82 -2.45 -1.69
C PHE A 14 9.43 -1.86 -2.97
N GLU A 15 8.69 -1.97 -4.07
CA GLU A 15 9.15 -1.46 -5.36
C GLU A 15 9.31 0.06 -5.30
N LYS A 16 8.33 0.74 -4.73
CA LYS A 16 8.36 2.20 -4.62
C LYS A 16 8.32 2.63 -3.15
N SER A 17 9.22 3.54 -2.79
CA SER A 17 9.29 4.04 -1.43
C SER A 17 7.96 4.62 -0.99
N VAL A 18 7.33 5.38 -1.88
CA VAL A 18 6.04 6.00 -1.58
C VAL A 18 5.03 5.71 -2.68
N TYR A 19 4.20 4.69 -2.46
CA TYR A 19 3.19 4.30 -3.43
C TYR A 19 2.19 5.43 -3.65
N GLU A 20 2.37 6.17 -4.75
CA GLU A 20 1.48 7.27 -5.08
C GLU A 20 0.51 6.88 -6.18
N ALA A 21 -0.76 6.68 -5.83
CA ALA A 21 -1.78 6.30 -6.79
C ALA A 21 -2.93 7.31 -6.78
N ASP A 22 -3.77 7.23 -7.82
CA ASP A 22 -4.91 8.13 -7.93
C ASP A 22 -6.22 7.40 -7.70
N LEU A 23 -6.91 7.74 -6.61
CA LEU A 23 -8.17 7.10 -6.27
C LEU A 23 -9.34 8.06 -6.48
N ALA A 24 -10.46 7.52 -6.95
CA ALA A 24 -11.65 8.33 -7.20
C ALA A 24 -12.53 8.41 -5.96
N GLU A 25 -12.71 9.63 -5.45
CA GLU A 25 -13.52 9.84 -4.26
C GLU A 25 -14.80 9.01 -4.33
N ASN A 26 -15.38 8.90 -5.51
CA ASN A 26 -16.60 8.12 -5.72
C ASN A 26 -16.28 6.68 -6.07
N SER A 27 -15.39 6.06 -5.31
CA SER A 27 -15.00 4.68 -5.55
C SER A 27 -15.80 3.73 -4.65
N ALA A 28 -16.55 2.83 -5.29
CA ALA A 28 -17.35 1.86 -4.56
C ALA A 28 -16.55 1.22 -3.43
N PRO A 29 -17.26 0.56 -2.49
CA PRO A 29 -16.62 -0.12 -1.36
C PRO A 29 -15.84 -1.35 -1.78
N GLY A 30 -15.66 -1.51 -3.08
CA GLY A 30 -14.92 -2.66 -3.59
C GLY A 30 -13.88 -2.27 -4.62
N THR A 31 -14.09 -1.12 -5.27
CA THR A 31 -13.16 -0.64 -6.28
C THR A 31 -11.72 -0.80 -5.83
N PRO A 32 -10.89 -1.43 -6.68
CA PRO A 32 -9.47 -1.66 -6.38
C PRO A 32 -8.66 -0.36 -6.42
N ILE A 33 -7.50 -0.38 -5.77
CA ILE A 33 -6.63 0.78 -5.73
C ILE A 33 -5.29 0.50 -6.38
N LEU A 34 -4.52 -0.40 -5.78
CA LEU A 34 -3.21 -0.77 -6.32
C LEU A 34 -2.72 -2.08 -5.71
N GLN A 35 -1.69 -2.66 -6.32
CA GLN A 35 -1.13 -3.91 -5.83
C GLN A 35 0.30 -3.72 -5.34
N LEU A 36 0.52 -4.03 -4.07
CA LEU A 36 1.85 -3.89 -3.46
C LEU A 36 2.74 -5.07 -3.82
N ARG A 37 4.04 -4.83 -3.89
CA ARG A 37 5.00 -5.88 -4.21
C ARG A 37 6.40 -5.53 -3.70
N ALA A 38 7.05 -6.50 -3.08
CA ALA A 38 8.38 -6.30 -2.53
C ALA A 38 9.44 -7.04 -3.35
N ALA A 39 9.35 -6.91 -4.67
CA ALA A 39 10.28 -7.58 -5.57
C ALA A 39 11.70 -7.08 -5.34
N ASP A 40 12.65 -8.01 -5.34
CA ASP A 40 14.06 -7.66 -5.13
C ASP A 40 14.86 -7.88 -6.41
N LEU A 41 14.25 -8.51 -7.40
CA LEU A 41 14.90 -8.77 -8.67
C LEU A 41 16.12 -9.68 -8.47
N ASP A 42 16.07 -10.50 -7.43
CA ASP A 42 17.17 -11.42 -7.14
C ASP A 42 16.92 -12.78 -7.78
N VAL A 43 15.96 -12.84 -8.70
CA VAL A 43 15.62 -14.08 -9.39
C VAL A 43 15.41 -15.21 -8.39
N GLY A 44 14.61 -14.94 -7.36
CA GLY A 44 14.33 -15.95 -6.35
C GLY A 44 12.99 -15.73 -5.68
N VAL A 45 12.86 -14.61 -4.98
CA VAL A 45 11.62 -14.29 -4.28
C VAL A 45 10.41 -14.72 -5.08
N ASN A 46 9.42 -15.29 -4.40
CA ASN A 46 8.20 -15.75 -5.04
C ASN A 46 7.03 -14.83 -4.73
N GLY A 47 7.28 -13.52 -4.74
CA GLY A 47 6.24 -12.56 -4.45
C GLY A 47 5.35 -13.00 -3.30
N GLN A 48 5.98 -13.38 -2.19
CA GLN A 48 5.23 -13.83 -1.01
C GLN A 48 5.54 -12.96 0.19
N ILE A 49 4.87 -11.81 0.27
CA ILE A 49 5.08 -10.87 1.37
C ILE A 49 3.76 -10.45 1.98
N GLU A 50 3.62 -10.63 3.29
CA GLU A 50 2.41 -10.25 4.00
C GLU A 50 2.30 -8.73 4.13
N TYR A 51 1.45 -8.13 3.30
CA TYR A 51 1.26 -6.69 3.31
C TYR A 51 0.18 -6.29 4.31
N VAL A 52 0.61 -5.90 5.51
CA VAL A 52 -0.31 -5.49 6.57
C VAL A 52 -0.33 -3.98 6.73
N PHE A 53 -1.28 -3.49 7.51
CA PHE A 53 -1.41 -2.05 7.75
C PHE A 53 -0.37 -1.58 8.77
N GLY A 54 0.72 -1.01 8.27
CA GLY A 54 1.76 -0.53 9.16
C GLY A 54 1.32 0.69 9.96
N ALA A 55 1.98 1.83 9.70
CA ALA A 55 1.65 3.06 10.40
C ALA A 55 0.41 3.70 9.82
N ALA A 56 -0.76 3.16 10.14
CA ALA A 56 -2.02 3.68 9.65
C ALA A 56 -3.02 3.87 10.78
N THR A 57 -4.20 4.39 10.45
CA THR A 57 -5.24 4.62 11.45
C THR A 57 -6.47 3.76 11.16
N GLU A 58 -7.21 3.44 12.21
CA GLU A 58 -8.41 2.62 12.07
C GLU A 58 -9.27 3.10 10.90
N SER A 59 -9.65 4.37 10.94
CA SER A 59 -10.47 4.95 9.88
C SER A 59 -10.00 4.48 8.50
N VAL A 60 -8.69 4.45 8.31
CA VAL A 60 -8.10 4.02 7.04
C VAL A 60 -8.25 2.52 6.86
N ARG A 61 -8.23 1.78 7.96
CA ARG A 61 -8.37 0.33 7.92
C ARG A 61 -9.80 -0.07 7.57
N ARG A 62 -10.77 0.57 8.23
CA ARG A 62 -12.18 0.28 8.00
C ARG A 62 -12.64 0.87 6.66
N LEU A 63 -12.00 1.96 6.26
CA LEU A 63 -12.34 2.62 5.01
C LEU A 63 -11.67 1.95 3.83
N LEU A 64 -10.45 1.48 4.03
CA LEU A 64 -9.69 0.80 2.99
C LEU A 64 -9.26 -0.59 3.44
N ARG A 65 -9.48 -1.58 2.58
CA ARG A 65 -9.11 -2.95 2.90
C ARG A 65 -7.85 -3.35 2.15
N LEU A 66 -6.88 -3.91 2.89
CA LEU A 66 -5.62 -4.33 2.31
C LEU A 66 -5.39 -5.83 2.53
N ASP A 67 -4.95 -6.51 1.48
CA ASP A 67 -4.69 -7.95 1.57
C ASP A 67 -3.20 -8.22 1.78
N GLU A 68 -2.87 -9.45 2.16
CA GLU A 68 -1.49 -9.84 2.40
C GLU A 68 -1.13 -11.09 1.61
N THR A 69 -2.12 -11.94 1.40
CA THR A 69 -1.91 -13.19 0.65
C THR A 69 -1.63 -12.91 -0.82
N SER A 70 -2.07 -11.75 -1.29
CA SER A 70 -1.87 -11.36 -2.68
C SER A 70 -1.24 -9.98 -2.77
N GLY A 71 -1.73 -9.05 -1.96
CA GLY A 71 -1.20 -7.70 -1.97
C GLY A 71 -2.01 -6.77 -2.85
N TRP A 72 -3.32 -6.90 -2.82
CA TRP A 72 -4.20 -6.06 -3.63
C TRP A 72 -5.03 -5.15 -2.75
N LEU A 73 -4.64 -3.87 -2.70
CA LEU A 73 -5.35 -2.88 -1.90
C LEU A 73 -6.56 -2.35 -2.65
N SER A 74 -7.71 -2.28 -1.97
CA SER A 74 -8.93 -1.78 -2.58
C SER A 74 -9.78 -1.04 -1.55
N VAL A 75 -10.85 -0.40 -2.02
CA VAL A 75 -11.74 0.34 -1.14
C VAL A 75 -12.66 -0.59 -0.36
N LEU A 76 -12.91 -0.25 0.89
CA LEU A 76 -13.77 -1.05 1.75
C LEU A 76 -15.12 -0.38 1.96
N HIS A 77 -15.10 0.92 2.21
CA HIS A 77 -16.33 1.69 2.41
C HIS A 77 -16.33 2.95 1.56
N ARG A 78 -17.53 3.49 1.31
CA ARG A 78 -17.68 4.69 0.50
C ARG A 78 -16.66 5.75 0.92
N ILE A 79 -16.15 6.49 -0.06
CA ILE A 79 -15.18 7.54 0.19
C ILE A 79 -15.71 8.91 -0.22
N ASP A 80 -15.41 9.92 0.60
CA ASP A 80 -15.87 11.27 0.32
C ASP A 80 -14.68 12.24 0.25
N ARG A 81 -14.79 13.24 -0.60
CA ARG A 81 -13.72 14.23 -0.76
C ARG A 81 -13.79 15.29 0.32
N GLU A 82 -15.00 15.78 0.59
CA GLU A 82 -15.20 16.80 1.62
C GLU A 82 -14.61 16.37 2.95
N GLU A 83 -14.95 15.15 3.37
CA GLU A 83 -14.45 14.60 4.62
C GLU A 83 -12.92 14.53 4.61
N VAL A 84 -12.36 14.17 3.47
CA VAL A 84 -10.91 14.05 3.32
C VAL A 84 -10.47 14.50 1.94
N ASN A 85 -9.47 15.38 1.90
CA ASN A 85 -8.95 15.88 0.63
C ASN A 85 -7.87 14.95 0.08
N GLN A 86 -7.12 14.32 0.97
CA GLN A 86 -6.06 13.41 0.58
C GLN A 86 -5.66 12.50 1.73
N LEU A 87 -5.91 11.21 1.57
CA LEU A 87 -5.58 10.22 2.60
C LEU A 87 -4.08 9.92 2.61
N ARG A 88 -3.59 9.40 3.72
CA ARG A 88 -2.19 9.06 3.85
C ARG A 88 -1.99 7.96 4.90
N PHE A 89 -1.39 6.85 4.48
CA PHE A 89 -1.14 5.73 5.39
C PHE A 89 0.13 5.00 4.99
N THR A 90 0.53 4.03 5.82
CA THR A 90 1.74 3.25 5.57
C THR A 90 1.44 1.75 5.57
N VAL A 91 2.22 0.99 4.81
CA VAL A 91 2.04 -0.45 4.73
C VAL A 91 3.34 -1.18 5.02
N MET A 92 3.26 -2.23 5.84
CA MET A 92 4.43 -3.02 6.18
C MET A 92 4.52 -4.27 5.34
N ALA A 93 5.74 -4.79 5.18
CA ALA A 93 5.96 -6.00 4.38
C ALA A 93 6.77 -7.03 5.16
N ARG A 94 6.07 -7.97 5.79
CA ARG A 94 6.71 -9.01 6.57
C ARG A 94 7.21 -10.14 5.67
N ASP A 95 8.32 -10.75 6.05
CA ASP A 95 8.89 -11.86 5.29
C ASP A 95 8.89 -13.15 6.09
N ARG A 96 9.18 -14.26 5.42
CA ARG A 96 9.20 -15.56 6.06
C ARG A 96 10.37 -15.66 7.04
N GLY A 97 10.16 -15.18 8.27
CA GLY A 97 11.20 -15.23 9.28
C GLY A 97 10.74 -14.66 10.61
N GLN A 98 11.56 -14.85 11.64
CA GLN A 98 11.22 -14.37 12.97
C GLN A 98 12.47 -13.88 13.70
N PRO A 99 12.48 -12.58 14.07
CA PRO A 99 11.35 -11.68 13.80
C PRO A 99 11.21 -11.35 12.32
N PRO A 100 9.96 -11.26 11.85
CA PRO A 100 9.66 -10.95 10.44
C PRO A 100 10.02 -9.51 10.08
N LYS A 101 11.03 -9.35 9.24
CA LYS A 101 11.45 -8.03 8.81
C LYS A 101 10.33 -7.29 8.09
N THR A 102 10.14 -6.03 8.44
CA THR A 102 9.09 -5.22 7.83
C THR A 102 9.67 -3.94 7.23
N ASP A 103 9.24 -3.60 6.02
CA ASP A 103 9.72 -2.41 5.34
C ASP A 103 8.56 -1.45 5.06
N LYS A 104 8.18 -0.67 6.06
CA LYS A 104 7.10 0.29 5.93
C LYS A 104 7.19 1.02 4.60
N ALA A 105 6.03 1.38 4.04
CA ALA A 105 5.98 2.08 2.77
C ALA A 105 4.82 3.08 2.74
N THR A 106 5.14 4.35 2.49
CA THR A 106 4.13 5.40 2.44
C THR A 106 3.23 5.23 1.21
N VAL A 107 1.93 5.40 1.42
CA VAL A 107 0.96 5.27 0.34
C VAL A 107 0.06 6.50 0.25
N VAL A 108 0.38 7.40 -0.66
CA VAL A 108 -0.39 8.62 -0.84
C VAL A 108 -1.46 8.44 -1.91
N LEU A 109 -2.72 8.61 -1.53
CA LEU A 109 -3.83 8.47 -2.46
C LEU A 109 -4.55 9.80 -2.67
N ASN A 110 -4.35 10.40 -3.84
CA ASN A 110 -4.97 11.68 -4.15
C ASN A 110 -6.45 11.50 -4.45
N ILE A 111 -7.28 12.27 -3.77
CA ILE A 111 -8.73 12.20 -3.96
C ILE A 111 -9.16 12.89 -5.25
N LYS A 112 -9.29 12.10 -6.31
CA LYS A 112 -9.69 12.64 -7.61
C LYS A 112 -11.21 12.80 -7.68
N ASP A 113 -11.66 13.67 -8.58
CA ASP A 113 -13.09 13.92 -8.75
C ASP A 113 -13.62 13.22 -10.00
N GLU A 114 -14.58 12.33 -9.80
CA GLU A 114 -15.17 11.58 -10.91
C GLU A 114 -15.91 12.52 -11.86
N ASN A 115 -16.55 13.54 -11.29
CA ASN A 115 -17.30 14.51 -12.09
C ASN A 115 -16.36 15.50 -12.76
N ASP A 116 -15.69 16.31 -11.96
CA ASP A 116 -14.76 17.30 -12.47
C ASP A 116 -13.81 16.68 -13.50
N ASN A 117 -12.97 17.51 -14.09
CA ASN A 117 -12.01 17.05 -15.09
C ASN A 117 -10.58 17.41 -14.69
N VAL A 118 -10.35 18.70 -14.44
CA VAL A 118 -9.03 19.19 -14.05
C VAL A 118 -9.05 19.73 -12.63
N PRO A 119 -8.66 18.88 -11.66
CA PRO A 119 -8.62 19.25 -10.25
C PRO A 119 -7.51 20.25 -9.95
N GLY A 1 37.47 -21.03 12.81
CA GLY A 1 36.36 -21.95 12.82
C GLY A 1 35.08 -21.33 12.31
N SER A 2 33.95 -21.70 12.90
CA SER A 2 32.66 -21.17 12.49
C SER A 2 32.58 -19.66 12.77
N SER A 3 33.06 -18.87 11.82
CA SER A 3 33.05 -17.41 11.96
C SER A 3 31.87 -16.81 11.19
N GLY A 4 30.78 -16.55 11.90
CA GLY A 4 29.60 -15.97 11.27
C GLY A 4 29.78 -14.50 10.98
N SER A 5 28.73 -13.89 10.43
CA SER A 5 28.77 -12.47 10.09
C SER A 5 27.55 -11.75 10.63
N SER A 6 26.37 -12.27 10.32
CA SER A 6 25.12 -11.67 10.77
C SER A 6 25.18 -10.15 10.68
N GLY A 7 25.75 -9.66 9.58
CA GLY A 7 25.87 -8.21 9.39
C GLY A 7 24.75 -7.66 8.52
N ASN A 8 24.51 -8.29 7.38
CA ASN A 8 23.47 -7.86 6.46
C ASN A 8 22.41 -8.94 6.28
N ASP A 9 21.35 -8.61 5.56
CA ASP A 9 20.27 -9.55 5.31
C ASP A 9 19.37 -9.06 4.18
N ASN A 10 18.66 -9.99 3.54
CA ASN A 10 17.77 -9.65 2.45
C ASN A 10 16.49 -9.01 2.96
N SER A 11 16.55 -7.71 3.24
CA SER A 11 15.39 -6.98 3.75
C SER A 11 14.41 -6.66 2.62
N PRO A 12 13.12 -6.92 2.87
CA PRO A 12 12.06 -6.65 1.89
C PRO A 12 11.83 -5.16 1.66
N ARG A 13 11.82 -4.76 0.40
CA ARG A 13 11.61 -3.37 0.05
C ARG A 13 10.49 -3.23 -0.99
N PHE A 14 9.39 -2.61 -0.59
CA PHE A 14 8.24 -2.42 -1.47
C PHE A 14 8.70 -1.90 -2.83
N GLU A 15 7.84 -2.06 -3.84
CA GLU A 15 8.16 -1.61 -5.19
C GLU A 15 8.65 -0.16 -5.17
N LYS A 16 7.86 0.71 -4.56
CA LYS A 16 8.21 2.13 -4.48
C LYS A 16 8.21 2.60 -3.02
N SER A 17 9.07 3.57 -2.72
CA SER A 17 9.17 4.11 -1.37
C SER A 17 7.85 4.72 -0.93
N VAL A 18 7.18 5.40 -1.85
CA VAL A 18 5.90 6.04 -1.56
C VAL A 18 4.89 5.77 -2.67
N TYR A 19 3.99 4.82 -2.43
CA TYR A 19 2.97 4.46 -3.41
C TYR A 19 2.08 5.66 -3.72
N GLU A 20 2.28 6.26 -4.88
CA GLU A 20 1.49 7.41 -5.31
C GLU A 20 0.54 7.04 -6.44
N ALA A 21 -0.73 6.88 -6.10
CA ALA A 21 -1.74 6.52 -7.10
C ALA A 21 -2.91 7.50 -7.07
N ASP A 22 -3.88 7.29 -7.95
CA ASP A 22 -5.05 8.16 -8.03
C ASP A 22 -6.32 7.41 -7.62
N LEU A 23 -6.95 7.87 -6.55
CA LEU A 23 -8.17 7.25 -6.06
C LEU A 23 -9.39 8.12 -6.33
N ALA A 24 -10.49 7.49 -6.73
CA ALA A 24 -11.72 8.21 -7.03
C ALA A 24 -12.51 8.49 -5.76
N GLU A 25 -12.71 9.77 -5.45
CA GLU A 25 -13.44 10.17 -4.26
C GLU A 25 -14.74 9.38 -4.14
N ASN A 26 -15.50 9.34 -5.23
CA ASN A 26 -16.78 8.62 -5.25
C ASN A 26 -16.57 7.18 -5.69
N SER A 27 -15.54 6.53 -5.16
CA SER A 27 -15.25 5.15 -5.50
C SER A 27 -16.00 4.19 -4.59
N ALA A 28 -16.73 3.24 -5.20
CA ALA A 28 -17.50 2.27 -4.44
C ALA A 28 -16.62 1.54 -3.42
N PRO A 29 -17.27 0.84 -2.48
CA PRO A 29 -16.56 0.09 -1.44
C PRO A 29 -15.82 -1.12 -1.99
N GLY A 30 -15.71 -1.20 -3.30
CA GLY A 30 -15.03 -2.31 -3.94
C GLY A 30 -13.98 -1.86 -4.93
N THR A 31 -14.10 -0.62 -5.39
CA THR A 31 -13.16 -0.06 -6.35
C THR A 31 -11.72 -0.36 -5.96
N PRO A 32 -11.00 -1.10 -6.83
CA PRO A 32 -9.60 -1.47 -6.58
C PRO A 32 -8.67 -0.27 -6.66
N ILE A 33 -7.64 -0.28 -5.81
CA ILE A 33 -6.67 0.80 -5.78
C ILE A 33 -5.35 0.38 -6.42
N LEU A 34 -4.66 -0.56 -5.78
CA LEU A 34 -3.38 -1.06 -6.29
C LEU A 34 -2.94 -2.28 -5.51
N GLN A 35 -2.13 -3.12 -6.15
CA GLN A 35 -1.63 -4.34 -5.52
C GLN A 35 -0.21 -4.14 -5.02
N LEU A 36 -0.07 -3.96 -3.71
CA LEU A 36 1.25 -3.76 -3.10
C LEU A 36 2.17 -4.93 -3.42
N ARG A 37 3.38 -4.61 -3.88
CA ARG A 37 4.36 -5.63 -4.21
C ARG A 37 5.76 -5.21 -3.77
N ALA A 38 6.69 -6.17 -3.77
CA ALA A 38 8.06 -5.90 -3.35
C ALA A 38 8.97 -5.72 -4.57
N ALA A 39 8.75 -6.55 -5.58
CA ALA A 39 9.55 -6.49 -6.81
C ALA A 39 9.02 -7.45 -7.86
N ASP A 40 9.56 -7.36 -9.06
CA ASP A 40 9.15 -8.23 -10.16
C ASP A 40 10.31 -9.09 -10.63
N LEU A 41 10.52 -10.22 -9.97
CA LEU A 41 11.60 -11.13 -10.31
C LEU A 41 11.05 -12.41 -10.96
N ASP A 42 10.13 -13.06 -10.25
CA ASP A 42 9.52 -14.29 -10.76
C ASP A 42 8.00 -14.19 -10.73
N VAL A 43 7.48 -13.04 -11.12
CA VAL A 43 6.04 -12.81 -11.15
C VAL A 43 5.35 -13.54 -9.99
N GLY A 44 6.00 -13.54 -8.84
CA GLY A 44 5.44 -14.20 -7.67
C GLY A 44 6.36 -15.26 -7.11
N VAL A 45 7.30 -14.85 -6.26
CA VAL A 45 8.24 -15.77 -5.66
C VAL A 45 7.68 -16.37 -4.37
N ASN A 46 8.09 -17.59 -4.05
CA ASN A 46 7.63 -18.26 -2.85
C ASN A 46 7.50 -17.28 -1.69
N GLY A 47 8.50 -16.43 -1.52
CA GLY A 47 8.48 -15.45 -0.46
C GLY A 47 7.10 -14.93 -0.17
N GLN A 48 6.34 -14.64 -1.23
CA GLN A 48 4.99 -14.13 -1.09
C GLN A 48 4.92 -13.07 0.02
N ILE A 49 5.90 -12.18 0.04
CA ILE A 49 5.94 -11.13 1.05
C ILE A 49 4.54 -10.61 1.36
N GLU A 50 4.17 -10.69 2.64
CA GLU A 50 2.86 -10.23 3.07
C GLU A 50 2.79 -8.70 3.10
N TYR A 51 1.59 -8.17 3.29
CA TYR A 51 1.39 -6.72 3.32
C TYR A 51 0.28 -6.35 4.30
N VAL A 52 0.66 -5.83 5.46
CA VAL A 52 -0.31 -5.42 6.47
C VAL A 52 -0.29 -3.91 6.67
N PHE A 53 -1.27 -3.41 7.41
CA PHE A 53 -1.38 -1.98 7.69
C PHE A 53 -0.36 -1.56 8.75
N GLY A 54 0.81 -1.14 8.30
CA GLY A 54 1.84 -0.71 9.23
C GLY A 54 1.40 0.45 10.09
N ALA A 55 1.90 1.65 9.77
CA ALA A 55 1.56 2.84 10.53
C ALA A 55 0.31 3.50 9.96
N ALA A 56 -0.85 2.90 10.21
CA ALA A 56 -2.12 3.44 9.72
C ALA A 56 -3.09 3.68 10.87
N THR A 57 -4.20 4.35 10.57
CA THR A 57 -5.21 4.64 11.58
C THR A 57 -6.45 3.77 11.39
N GLU A 58 -7.27 3.69 12.44
CA GLU A 58 -8.49 2.89 12.38
C GLU A 58 -9.41 3.38 11.27
N SER A 59 -9.21 4.62 10.84
CA SER A 59 -10.03 5.20 9.79
C SER A 59 -9.54 4.75 8.41
N VAL A 60 -8.26 4.43 8.32
CA VAL A 60 -7.66 3.99 7.07
C VAL A 60 -8.03 2.54 6.77
N ARG A 61 -8.04 1.71 7.82
CA ARG A 61 -8.37 0.30 7.67
C ARG A 61 -9.86 0.11 7.41
N ARG A 62 -10.68 0.89 8.12
CA ARG A 62 -12.12 0.80 7.97
C ARG A 62 -12.57 1.39 6.64
N LEU A 63 -11.87 2.43 6.19
CA LEU A 63 -12.19 3.09 4.92
C LEU A 63 -11.55 2.35 3.76
N LEU A 64 -10.40 1.73 4.02
CA LEU A 64 -9.68 0.99 2.98
C LEU A 64 -9.36 -0.42 3.45
N ARG A 65 -9.59 -1.39 2.57
CA ARG A 65 -9.34 -2.79 2.88
C ARG A 65 -8.05 -3.27 2.23
N LEU A 66 -7.27 -4.05 2.96
CA LEU A 66 -6.01 -4.58 2.45
C LEU A 66 -5.93 -6.09 2.64
N ASP A 67 -5.46 -6.79 1.61
CA ASP A 67 -5.33 -8.24 1.66
C ASP A 67 -3.87 -8.66 1.84
N GLU A 68 -3.62 -9.48 2.85
CA GLU A 68 -2.27 -9.95 3.14
C GLU A 68 -2.00 -11.27 2.44
N THR A 69 -3.06 -11.98 2.08
CA THR A 69 -2.94 -13.26 1.41
C THR A 69 -2.63 -13.08 -0.08
N SER A 70 -3.04 -11.94 -0.62
CA SER A 70 -2.82 -11.64 -2.03
C SER A 70 -1.99 -10.36 -2.20
N GLY A 71 -2.23 -9.41 -1.30
CA GLY A 71 -1.51 -8.16 -1.36
C GLY A 71 -2.20 -7.13 -2.25
N TRP A 72 -3.52 -7.19 -2.29
CA TRP A 72 -4.30 -6.25 -3.10
C TRP A 72 -4.98 -5.21 -2.24
N LEU A 73 -4.87 -3.95 -2.64
CA LEU A 73 -5.48 -2.85 -1.90
C LEU A 73 -6.64 -2.24 -2.68
N SER A 74 -7.80 -2.14 -2.04
CA SER A 74 -8.97 -1.56 -2.67
C SER A 74 -9.83 -0.82 -1.65
N VAL A 75 -10.84 -0.09 -2.15
CA VAL A 75 -11.73 0.67 -1.29
C VAL A 75 -12.65 -0.25 -0.50
N LEU A 76 -12.94 0.13 0.74
CA LEU A 76 -13.80 -0.66 1.60
C LEU A 76 -15.12 0.06 1.86
N HIS A 77 -15.04 1.36 2.09
CA HIS A 77 -16.23 2.17 2.35
C HIS A 77 -16.20 3.46 1.53
N ARG A 78 -17.38 3.90 1.08
CA ARG A 78 -17.48 5.12 0.29
C ARG A 78 -16.51 6.18 0.78
N ILE A 79 -16.16 7.11 -0.09
CA ILE A 79 -15.23 8.18 0.26
C ILE A 79 -15.76 9.54 -0.20
N ASP A 80 -15.52 10.56 0.62
CA ASP A 80 -15.97 11.92 0.30
C ASP A 80 -14.81 12.91 0.33
N ARG A 81 -14.42 13.38 -0.85
CA ARG A 81 -13.31 14.33 -0.95
C ARG A 81 -13.42 15.41 0.11
N GLU A 82 -14.65 15.73 0.51
CA GLU A 82 -14.89 16.75 1.52
C GLU A 82 -14.25 16.36 2.85
N GLU A 83 -14.65 15.22 3.38
CA GLU A 83 -14.13 14.73 4.65
C GLU A 83 -12.61 14.51 4.55
N VAL A 84 -12.15 14.13 3.38
CA VAL A 84 -10.73 13.89 3.16
C VAL A 84 -10.29 14.41 1.80
N ASN A 85 -9.28 15.28 1.79
CA ASN A 85 -8.76 15.85 0.56
C ASN A 85 -7.63 15.01 -0.01
N GLN A 86 -7.01 14.22 0.86
CA GLN A 86 -5.91 13.35 0.44
C GLN A 86 -5.53 12.37 1.54
N LEU A 87 -5.86 11.10 1.33
CA LEU A 87 -5.56 10.06 2.30
C LEU A 87 -4.07 9.74 2.32
N ARG A 88 -3.58 9.26 3.46
CA ARG A 88 -2.17 8.91 3.61
C ARG A 88 -1.98 7.87 4.71
N PHE A 89 -1.33 6.76 4.36
CA PHE A 89 -1.08 5.69 5.31
C PHE A 89 0.20 4.94 4.97
N THR A 90 0.61 4.04 5.85
CA THR A 90 1.82 3.25 5.64
C THR A 90 1.51 1.76 5.59
N VAL A 91 2.40 0.99 4.98
CA VAL A 91 2.22 -0.45 4.87
C VAL A 91 3.50 -1.19 5.25
N MET A 92 3.34 -2.26 6.03
CA MET A 92 4.47 -3.06 6.48
C MET A 92 4.63 -4.30 5.61
N ALA A 93 5.86 -4.81 5.54
CA ALA A 93 6.15 -6.00 4.75
C ALA A 93 6.96 -7.02 5.55
N ARG A 94 6.34 -8.14 5.87
CA ARG A 94 7.01 -9.19 6.63
C ARG A 94 7.50 -10.30 5.72
N ASP A 95 8.50 -11.04 6.17
CA ASP A 95 9.06 -12.14 5.40
C ASP A 95 9.12 -13.42 6.22
N ARG A 96 9.39 -14.54 5.55
CA ARG A 96 9.47 -15.83 6.22
C ARG A 96 10.80 -15.96 6.98
N GLY A 97 11.14 -14.93 7.74
CA GLY A 97 12.38 -14.96 8.50
C GLY A 97 12.18 -14.54 9.95
N GLN A 98 13.21 -14.71 10.76
CA GLN A 98 13.15 -14.35 12.17
C GLN A 98 14.53 -13.93 12.69
N PRO A 99 14.62 -12.71 13.22
CA PRO A 99 13.48 -11.79 13.29
C PRO A 99 13.04 -11.28 11.92
N PRO A 100 11.72 -11.22 11.71
CA PRO A 100 11.14 -10.74 10.44
C PRO A 100 11.35 -9.24 10.24
N LYS A 101 12.01 -8.88 9.14
CA LYS A 101 12.28 -7.49 8.82
C LYS A 101 11.04 -6.83 8.20
N THR A 102 10.43 -5.91 8.95
CA THR A 102 9.25 -5.21 8.49
C THR A 102 9.62 -3.89 7.82
N ASP A 103 9.36 -3.78 6.53
CA ASP A 103 9.67 -2.57 5.79
C ASP A 103 8.41 -1.73 5.57
N LYS A 104 8.34 -0.58 6.24
CA LYS A 104 7.20 0.31 6.12
C LYS A 104 7.25 1.10 4.81
N ALA A 105 6.08 1.31 4.21
CA ALA A 105 5.99 2.04 2.95
C ALA A 105 4.79 2.99 2.96
N THR A 106 5.03 4.24 2.60
CA THR A 106 3.97 5.23 2.56
C THR A 106 3.14 5.11 1.29
N VAL A 107 1.84 5.34 1.42
CA VAL A 107 0.93 5.25 0.28
C VAL A 107 0.09 6.51 0.14
N VAL A 108 0.44 7.34 -0.84
CA VAL A 108 -0.27 8.59 -1.09
C VAL A 108 -1.37 8.39 -2.12
N LEU A 109 -2.61 8.62 -1.70
CA LEU A 109 -3.77 8.47 -2.58
C LEU A 109 -4.44 9.81 -2.82
N ASN A 110 -4.20 10.39 -3.99
CA ASN A 110 -4.78 11.68 -4.36
C ASN A 110 -6.27 11.53 -4.65
N ILE A 111 -7.09 12.25 -3.89
CA ILE A 111 -8.53 12.20 -4.08
C ILE A 111 -8.95 12.92 -5.35
N LYS A 112 -9.24 12.15 -6.39
CA LYS A 112 -9.65 12.71 -7.67
C LYS A 112 -11.15 13.01 -7.68
N ASP A 113 -11.62 13.65 -8.74
CA ASP A 113 -13.03 13.99 -8.87
C ASP A 113 -13.67 13.20 -10.01
N GLU A 114 -14.72 12.45 -9.69
CA GLU A 114 -15.41 11.65 -10.68
C GLU A 114 -16.72 12.33 -11.11
N ASN A 115 -17.54 12.67 -10.13
CA ASN A 115 -18.82 13.33 -10.40
C ASN A 115 -18.85 14.74 -9.81
N ASP A 116 -18.49 14.84 -8.54
CA ASP A 116 -18.47 16.12 -7.85
C ASP A 116 -17.44 17.06 -8.48
N ASN A 117 -17.87 17.79 -9.51
CA ASN A 117 -16.98 18.72 -10.20
C ASN A 117 -16.91 20.06 -9.46
N VAL A 118 -16.75 19.98 -8.13
CA VAL A 118 -16.66 21.18 -7.31
C VAL A 118 -15.81 20.94 -6.07
N PRO A 119 -14.95 21.92 -5.75
CA PRO A 119 -14.05 21.84 -4.58
C PRO A 119 -14.81 21.93 -3.27
N GLY A 1 29.23 7.93 4.98
CA GLY A 1 30.64 7.71 4.71
C GLY A 1 31.17 6.48 5.43
N SER A 2 30.64 5.32 5.07
CA SER A 2 31.07 4.07 5.68
C SER A 2 32.20 3.42 4.87
N SER A 3 32.70 2.30 5.38
CA SER A 3 33.79 1.59 4.70
C SER A 3 33.40 0.15 4.39
N GLY A 4 32.12 -0.04 4.04
CA GLY A 4 31.64 -1.37 3.72
C GLY A 4 30.27 -1.63 4.30
N SER A 5 29.31 -0.76 3.99
CA SER A 5 27.95 -0.91 4.50
C SER A 5 26.94 -0.32 3.52
N SER A 6 25.66 -0.55 3.79
CA SER A 6 24.59 -0.04 2.93
C SER A 6 24.79 -0.51 1.49
N GLY A 7 25.22 -1.76 1.34
CA GLY A 7 25.45 -2.31 0.01
C GLY A 7 24.27 -3.15 -0.48
N ASN A 8 24.22 -4.40 -0.03
CA ASN A 8 23.15 -5.31 -0.43
C ASN A 8 22.55 -6.00 0.80
N ASP A 9 21.31 -6.46 0.67
CA ASP A 9 20.63 -7.14 1.76
C ASP A 9 19.40 -7.89 1.24
N ASN A 10 19.01 -8.94 1.96
CA ASN A 10 17.86 -9.75 1.57
C ASN A 10 16.66 -9.45 2.48
N SER A 11 15.87 -8.47 2.09
CA SER A 11 14.69 -8.08 2.86
C SER A 11 13.59 -7.53 1.95
N PRO A 12 12.33 -7.64 2.41
CA PRO A 12 11.17 -7.17 1.65
C PRO A 12 11.12 -5.64 1.59
N ARG A 13 11.04 -5.11 0.37
CA ARG A 13 10.98 -3.67 0.16
C ARG A 13 10.13 -3.33 -1.05
N PHE A 14 9.03 -2.61 -0.81
CA PHE A 14 8.13 -2.22 -1.89
C PHE A 14 8.89 -1.52 -3.02
N GLU A 15 8.66 -1.97 -4.24
CA GLU A 15 9.32 -1.40 -5.40
C GLU A 15 9.49 0.11 -5.25
N LYS A 16 8.38 0.80 -4.98
CA LYS A 16 8.40 2.25 -4.80
C LYS A 16 8.31 2.61 -3.33
N SER A 17 9.26 3.41 -2.87
CA SER A 17 9.29 3.84 -1.47
C SER A 17 7.95 4.45 -1.06
N VAL A 18 7.33 5.18 -1.98
CA VAL A 18 6.04 5.81 -1.72
C VAL A 18 5.08 5.61 -2.89
N TYR A 19 4.10 4.73 -2.70
CA TYR A 19 3.12 4.44 -3.74
C TYR A 19 2.11 5.57 -3.86
N GLU A 20 2.35 6.47 -4.82
CA GLU A 20 1.46 7.60 -5.03
C GLU A 20 0.46 7.31 -6.16
N ALA A 21 -0.81 7.25 -5.81
CA ALA A 21 -1.86 6.98 -6.79
C ALA A 21 -3.04 7.92 -6.61
N ASP A 22 -4.00 7.85 -7.52
CA ASP A 22 -5.19 8.69 -7.47
C ASP A 22 -6.43 7.86 -7.14
N LEU A 23 -7.11 8.23 -6.06
CA LEU A 23 -8.32 7.52 -5.64
C LEU A 23 -9.54 8.42 -5.73
N ALA A 24 -10.53 7.99 -6.50
CA ALA A 24 -11.76 8.75 -6.67
C ALA A 24 -12.60 8.74 -5.40
N GLU A 25 -12.99 9.92 -4.93
CA GLU A 25 -13.80 10.03 -3.73
C GLU A 25 -15.11 9.29 -3.88
N ASN A 26 -15.52 9.06 -5.12
CA ASN A 26 -16.77 8.36 -5.41
C ASN A 26 -16.54 6.85 -5.45
N SER A 27 -15.32 6.43 -5.18
CA SER A 27 -14.97 5.02 -5.19
C SER A 27 -15.91 4.23 -4.28
N ALA A 28 -16.36 3.08 -4.77
CA ALA A 28 -17.27 2.22 -4.01
C ALA A 28 -16.48 1.30 -3.07
N PRO A 29 -17.21 0.64 -2.15
CA PRO A 29 -16.60 -0.28 -1.18
C PRO A 29 -16.11 -1.56 -1.84
N GLY A 30 -14.84 -1.56 -2.22
CA GLY A 30 -14.26 -2.75 -2.86
C GLY A 30 -13.53 -2.40 -4.14
N THR A 31 -13.47 -1.11 -4.46
CA THR A 31 -12.80 -0.67 -5.68
C THR A 31 -11.29 -0.89 -5.59
N PRO A 32 -10.72 -1.46 -6.65
CA PRO A 32 -9.28 -1.73 -6.72
C PRO A 32 -8.45 -0.46 -6.83
N ILE A 33 -7.52 -0.28 -5.90
CA ILE A 33 -6.66 0.90 -5.90
C ILE A 33 -5.34 0.61 -6.60
N LEU A 34 -4.54 -0.27 -6.02
CA LEU A 34 -3.25 -0.65 -6.59
C LEU A 34 -2.74 -1.94 -5.98
N GLN A 35 -1.66 -2.48 -6.56
CA GLN A 35 -1.08 -3.72 -6.08
C GLN A 35 0.32 -3.48 -5.54
N LEU A 36 0.65 -4.12 -4.41
CA LEU A 36 1.96 -3.99 -3.80
C LEU A 36 2.87 -5.15 -4.19
N ARG A 37 3.96 -4.82 -4.89
CA ARG A 37 4.91 -5.83 -5.33
C ARG A 37 6.23 -5.70 -4.57
N ALA A 38 6.26 -6.27 -3.36
CA ALA A 38 7.46 -6.22 -2.53
C ALA A 38 8.49 -7.24 -3.00
N ALA A 39 8.85 -7.18 -4.28
CA ALA A 39 9.83 -8.09 -4.85
C ALA A 39 10.90 -8.47 -3.82
N ASP A 40 10.86 -9.72 -3.36
CA ASP A 40 11.83 -10.19 -2.38
C ASP A 40 11.69 -11.70 -2.17
N LEU A 41 12.72 -12.44 -2.57
CA LEU A 41 12.72 -13.89 -2.42
C LEU A 41 13.47 -14.32 -1.16
N ASP A 42 14.26 -13.41 -0.62
CA ASP A 42 15.03 -13.69 0.59
C ASP A 42 15.74 -15.03 0.48
N VAL A 43 16.19 -15.36 -0.72
CA VAL A 43 16.89 -16.62 -0.96
C VAL A 43 15.92 -17.80 -0.92
N GLY A 44 14.66 -17.54 -1.27
CA GLY A 44 13.66 -18.59 -1.26
C GLY A 44 12.61 -18.37 -0.18
N VAL A 45 12.92 -18.82 1.02
CA VAL A 45 11.99 -18.69 2.15
C VAL A 45 10.56 -18.90 1.70
N ASN A 46 10.38 -19.67 0.63
CA ASN A 46 9.04 -19.95 0.09
C ASN A 46 8.19 -18.69 0.07
N GLY A 47 8.81 -17.57 -0.31
CA GLY A 47 8.10 -16.31 -0.38
C GLY A 47 7.03 -16.20 0.70
N GLN A 48 7.41 -15.65 1.85
CA GLN A 48 6.47 -15.49 2.96
C GLN A 48 6.29 -14.01 3.30
N ILE A 49 5.53 -13.31 2.47
CA ILE A 49 5.27 -11.89 2.69
C ILE A 49 3.79 -11.62 2.93
N GLU A 50 3.49 -10.94 4.02
CA GLU A 50 2.10 -10.62 4.35
C GLU A 50 1.90 -9.11 4.47
N TYR A 51 1.45 -8.50 3.39
CA TYR A 51 1.22 -7.06 3.36
C TYR A 51 0.12 -6.66 4.34
N VAL A 52 0.45 -5.78 5.29
CA VAL A 52 -0.51 -5.32 6.28
C VAL A 52 -0.53 -3.80 6.36
N PHE A 53 -1.38 -3.28 7.23
CA PHE A 53 -1.50 -1.83 7.40
C PHE A 53 -0.53 -1.33 8.47
N GLY A 54 0.62 -0.83 8.03
CA GLY A 54 1.62 -0.32 8.96
C GLY A 54 1.08 0.78 9.84
N ALA A 55 1.61 1.99 9.66
CA ALA A 55 1.18 3.13 10.44
C ALA A 55 -0.10 3.74 9.88
N ALA A 56 -1.21 3.04 10.07
CA ALA A 56 -2.50 3.50 9.59
C ALA A 56 -3.38 4.02 10.73
N THR A 57 -4.60 4.42 10.41
CA THR A 57 -5.52 4.92 11.41
C THR A 57 -6.75 4.03 11.53
N GLU A 58 -7.58 4.28 12.55
CA GLU A 58 -8.78 3.49 12.77
C GLU A 58 -9.87 3.87 11.78
N SER A 59 -9.65 4.96 11.06
CA SER A 59 -10.61 5.44 10.07
C SER A 59 -10.20 5.05 8.66
N VAL A 60 -8.91 4.71 8.51
CA VAL A 60 -8.38 4.31 7.21
C VAL A 60 -8.38 2.80 7.06
N ARG A 61 -8.07 2.09 8.14
CA ARG A 61 -8.04 0.64 8.13
C ARG A 61 -9.43 0.06 7.92
N ARG A 62 -10.44 0.88 8.20
CA ARG A 62 -11.83 0.44 8.06
C ARG A 62 -12.42 0.94 6.73
N LEU A 63 -11.89 2.07 6.25
CA LEU A 63 -12.36 2.65 5.00
C LEU A 63 -11.66 2.01 3.80
N LEU A 64 -10.54 1.35 4.07
CA LEU A 64 -9.77 0.69 3.02
C LEU A 64 -9.29 -0.69 3.47
N ARG A 65 -9.31 -1.65 2.56
CA ARG A 65 -8.88 -3.01 2.87
C ARG A 65 -7.67 -3.40 2.03
N LEU A 66 -6.75 -4.14 2.62
CA LEU A 66 -5.54 -4.58 1.93
C LEU A 66 -5.30 -6.06 2.15
N ASP A 67 -5.46 -6.85 1.09
CA ASP A 67 -5.25 -8.29 1.17
C ASP A 67 -3.76 -8.63 1.13
N GLU A 68 -3.28 -9.27 2.18
CA GLU A 68 -1.87 -9.65 2.27
C GLU A 68 -1.60 -10.89 1.44
N THR A 69 -2.60 -11.75 1.33
CA THR A 69 -2.47 -12.99 0.56
C THR A 69 -2.17 -12.70 -0.91
N SER A 70 -2.84 -11.69 -1.45
CA SER A 70 -2.64 -11.30 -2.85
C SER A 70 -1.83 -10.02 -2.95
N GLY A 71 -2.13 -9.06 -2.08
CA GLY A 71 -1.41 -7.80 -2.08
C GLY A 71 -2.16 -6.72 -2.84
N TRP A 72 -3.42 -6.98 -3.16
CA TRP A 72 -4.25 -6.02 -3.88
C TRP A 72 -4.94 -5.06 -2.92
N LEU A 73 -4.51 -3.81 -2.93
CA LEU A 73 -5.09 -2.79 -2.05
C LEU A 73 -6.37 -2.22 -2.67
N SER A 74 -7.47 -2.32 -1.93
CA SER A 74 -8.75 -1.82 -2.40
C SER A 74 -9.53 -1.15 -1.26
N VAL A 75 -10.65 -0.54 -1.60
CA VAL A 75 -11.49 0.13 -0.60
C VAL A 75 -12.38 -0.87 0.13
N LEU A 76 -12.77 -0.52 1.35
CA LEU A 76 -13.63 -1.38 2.16
C LEU A 76 -15.00 -0.75 2.37
N HIS A 77 -15.03 0.57 2.50
CA HIS A 77 -16.27 1.30 2.70
C HIS A 77 -16.35 2.51 1.79
N ARG A 78 -17.48 3.21 1.82
CA ARG A 78 -17.68 4.40 1.00
C ARG A 78 -16.74 5.52 1.42
N ILE A 79 -16.33 6.33 0.46
CA ILE A 79 -15.43 7.44 0.73
C ILE A 79 -16.09 8.78 0.44
N ASP A 80 -16.05 9.68 1.41
CA ASP A 80 -16.65 11.01 1.25
C ASP A 80 -15.59 12.09 1.27
N ARG A 81 -15.22 12.58 0.08
CA ARG A 81 -14.21 13.62 -0.04
C ARG A 81 -14.30 14.60 1.12
N GLU A 82 -15.52 14.87 1.56
CA GLU A 82 -15.75 15.81 2.67
C GLU A 82 -15.06 15.32 3.93
N GLU A 83 -15.40 14.11 4.37
CA GLU A 83 -14.80 13.54 5.57
C GLU A 83 -13.29 13.39 5.41
N VAL A 84 -12.85 13.12 4.19
CA VAL A 84 -11.43 12.96 3.90
C VAL A 84 -11.07 13.58 2.56
N ASN A 85 -10.03 14.42 2.57
CA ASN A 85 -9.57 15.08 1.36
C ASN A 85 -8.25 14.50 0.88
N GLN A 86 -7.58 13.78 1.76
CA GLN A 86 -6.29 13.16 1.44
C GLN A 86 -5.87 12.17 2.51
N LEU A 87 -5.89 10.88 2.16
CA LEU A 87 -5.51 9.83 3.11
C LEU A 87 -4.01 9.54 3.02
N ARG A 88 -3.37 9.46 4.18
CA ARG A 88 -1.94 9.19 4.24
C ARG A 88 -1.64 8.05 5.21
N PHE A 89 -1.37 6.87 4.66
CA PHE A 89 -1.08 5.69 5.47
C PHE A 89 0.14 4.95 4.93
N THR A 90 0.51 3.87 5.60
CA THR A 90 1.66 3.07 5.18
C THR A 90 1.34 1.57 5.22
N VAL A 91 2.15 0.78 4.54
CA VAL A 91 1.95 -0.67 4.49
C VAL A 91 3.22 -1.40 4.87
N MET A 92 3.10 -2.34 5.80
CA MET A 92 4.24 -3.14 6.26
C MET A 92 4.23 -4.51 5.61
N ALA A 93 5.43 -5.06 5.40
CA ALA A 93 5.57 -6.38 4.79
C ALA A 93 6.53 -7.25 5.60
N ARG A 94 5.98 -8.02 6.53
CA ARG A 94 6.79 -8.91 7.36
C ARG A 94 7.45 -9.99 6.52
N ASP A 95 8.32 -10.77 7.15
CA ASP A 95 9.03 -11.85 6.46
C ASP A 95 9.82 -12.70 7.45
N ARG A 96 10.49 -13.73 6.93
CA ARG A 96 11.28 -14.62 7.77
C ARG A 96 12.43 -13.87 8.45
N GLY A 97 12.24 -13.54 9.72
CA GLY A 97 13.27 -12.82 10.46
C GLY A 97 12.95 -12.72 11.93
N GLN A 98 14.00 -12.71 12.76
CA GLN A 98 13.82 -12.61 14.20
C GLN A 98 14.78 -11.58 14.80
N PRO A 99 14.29 -10.34 14.97
CA PRO A 99 12.91 -9.99 14.60
C PRO A 99 12.70 -9.97 13.09
N PRO A 100 11.45 -10.22 12.68
CA PRO A 100 11.07 -10.24 11.26
C PRO A 100 11.12 -8.85 10.63
N LYS A 101 11.95 -8.70 9.61
CA LYS A 101 12.09 -7.43 8.91
C LYS A 101 10.73 -6.90 8.46
N THR A 102 10.53 -5.60 8.59
CA THR A 102 9.27 -4.97 8.19
C THR A 102 9.51 -3.63 7.52
N ASP A 103 9.35 -3.60 6.20
CA ASP A 103 9.54 -2.37 5.45
C ASP A 103 8.23 -1.59 5.31
N LYS A 104 8.32 -0.27 5.48
CA LYS A 104 7.14 0.58 5.38
C LYS A 104 7.16 1.38 4.08
N ALA A 105 6.04 1.34 3.35
CA ALA A 105 5.92 2.06 2.09
C ALA A 105 4.74 3.03 2.12
N THR A 106 5.05 4.32 2.16
CA THR A 106 4.01 5.35 2.20
C THR A 106 3.10 5.24 0.99
N VAL A 107 1.79 5.34 1.23
CA VAL A 107 0.81 5.26 0.15
C VAL A 107 -0.08 6.49 0.13
N VAL A 108 0.29 7.46 -0.71
CA VAL A 108 -0.48 8.69 -0.83
C VAL A 108 -1.63 8.53 -1.81
N LEU A 109 -2.85 8.77 -1.34
CA LEU A 109 -4.04 8.64 -2.18
C LEU A 109 -4.76 9.98 -2.29
N ASN A 110 -4.42 10.75 -3.33
CA ASN A 110 -5.04 12.05 -3.55
C ASN A 110 -6.50 11.90 -3.94
N ILE A 111 -7.40 12.27 -3.03
CA ILE A 111 -8.82 12.17 -3.28
C ILE A 111 -9.25 13.13 -4.40
N LYS A 112 -9.60 12.57 -5.54
CA LYS A 112 -10.04 13.37 -6.69
C LYS A 112 -11.52 13.73 -6.57
N ASP A 113 -12.04 14.43 -7.57
CA ASP A 113 -13.43 14.84 -7.57
C ASP A 113 -14.16 14.24 -8.77
N GLU A 114 -15.25 13.52 -8.49
CA GLU A 114 -16.04 12.89 -9.55
C GLU A 114 -17.51 13.27 -9.43
N ASN A 115 -17.99 13.36 -8.20
CA ASN A 115 -19.38 13.71 -7.95
C ASN A 115 -19.56 15.23 -7.90
N ASP A 116 -19.07 15.84 -6.82
CA ASP A 116 -19.17 17.29 -6.66
C ASP A 116 -17.90 17.97 -7.14
N ASN A 117 -17.86 18.28 -8.43
CA ASN A 117 -16.70 18.94 -9.02
C ASN A 117 -16.73 20.44 -8.75
N VAL A 118 -17.88 21.06 -9.02
CA VAL A 118 -18.05 22.49 -8.81
C VAL A 118 -18.58 22.78 -7.41
N PRO A 119 -18.18 23.94 -6.85
CA PRO A 119 -18.61 24.36 -5.51
C PRO A 119 -20.09 24.73 -5.46
N GLY A 1 39.62 2.22 4.43
CA GLY A 1 38.93 1.54 5.51
C GLY A 1 38.45 0.16 5.10
N SER A 2 37.24 0.10 4.54
CA SER A 2 36.66 -1.17 4.11
C SER A 2 35.76 -0.98 2.90
N SER A 3 36.02 -1.75 1.84
CA SER A 3 35.24 -1.66 0.62
C SER A 3 34.53 -2.98 0.33
N GLY A 4 33.48 -2.92 -0.47
CA GLY A 4 32.73 -4.12 -0.81
C GLY A 4 31.66 -4.45 0.20
N SER A 5 30.46 -4.76 -0.28
CA SER A 5 29.35 -5.09 0.60
C SER A 5 29.59 -6.41 1.32
N SER A 6 28.71 -6.75 2.26
CA SER A 6 28.82 -7.99 3.02
C SER A 6 27.61 -8.88 2.80
N GLY A 7 27.73 -9.81 1.86
CA GLY A 7 26.64 -10.71 1.56
C GLY A 7 25.44 -10.00 0.98
N ASN A 8 25.07 -10.37 -0.25
CA ASN A 8 23.93 -9.76 -0.93
C ASN A 8 22.67 -9.87 -0.08
N ASP A 9 22.33 -8.79 0.62
CA ASP A 9 21.15 -8.76 1.47
C ASP A 9 19.88 -8.91 0.63
N ASN A 10 18.99 -9.79 1.07
CA ASN A 10 17.73 -10.03 0.37
C ASN A 10 16.54 -9.87 1.30
N SER A 11 16.04 -8.63 1.42
CA SER A 11 14.90 -8.34 2.29
C SER A 11 13.71 -7.84 1.48
N PRO A 12 12.50 -8.10 1.99
CA PRO A 12 11.26 -7.68 1.33
C PRO A 12 11.06 -6.17 1.36
N ARG A 13 11.59 -5.49 0.35
CA ARG A 13 11.48 -4.03 0.27
C ARG A 13 10.66 -3.63 -0.96
N PHE A 14 9.63 -2.83 -0.73
CA PHE A 14 8.76 -2.36 -1.80
C PHE A 14 9.59 -1.74 -2.93
N GLU A 15 8.95 -1.53 -4.07
CA GLU A 15 9.62 -0.95 -5.23
C GLU A 15 9.71 0.57 -5.09
N LYS A 16 8.61 1.20 -4.71
CA LYS A 16 8.56 2.64 -4.54
C LYS A 16 8.46 3.02 -3.07
N SER A 17 9.31 3.95 -2.64
CA SER A 17 9.33 4.39 -1.25
C SER A 17 7.95 4.91 -0.84
N VAL A 18 7.31 5.66 -1.73
CA VAL A 18 6.00 6.23 -1.46
C VAL A 18 5.03 5.92 -2.59
N TYR A 19 4.20 4.90 -2.40
CA TYR A 19 3.23 4.50 -3.41
C TYR A 19 2.16 5.57 -3.59
N GLU A 20 2.27 6.33 -4.69
CA GLU A 20 1.32 7.39 -4.98
C GLU A 20 0.40 6.99 -6.14
N ALA A 21 -0.90 6.90 -5.84
CA ALA A 21 -1.89 6.54 -6.84
C ALA A 21 -3.09 7.48 -6.80
N ASP A 22 -3.91 7.43 -7.85
CA ASP A 22 -5.10 8.27 -7.93
C ASP A 22 -6.35 7.50 -7.53
N LEU A 23 -7.10 8.05 -6.59
CA LEU A 23 -8.33 7.41 -6.12
C LEU A 23 -9.54 8.26 -6.44
N ALA A 24 -10.57 7.62 -7.00
CA ALA A 24 -11.80 8.32 -7.36
C ALA A 24 -12.65 8.59 -6.13
N GLU A 25 -12.87 9.87 -5.83
CA GLU A 25 -13.66 10.26 -4.67
C GLU A 25 -14.99 9.51 -4.64
N ASN A 26 -15.49 9.15 -5.82
CA ASN A 26 -16.75 8.43 -5.93
C ASN A 26 -16.51 6.99 -6.38
N SER A 27 -15.52 6.34 -5.75
CA SER A 27 -15.20 4.96 -6.08
C SER A 27 -15.92 3.99 -5.16
N ALA A 28 -16.74 3.13 -5.75
CA ALA A 28 -17.50 2.14 -4.98
C ALA A 28 -16.65 1.54 -3.87
N PRO A 29 -17.32 0.91 -2.89
CA PRO A 29 -16.64 0.28 -1.75
C PRO A 29 -15.87 -0.97 -2.15
N GLY A 30 -15.75 -1.19 -3.46
CA GLY A 30 -15.03 -2.35 -3.95
C GLY A 30 -14.01 -1.99 -5.02
N THR A 31 -14.11 -0.77 -5.55
CA THR A 31 -13.19 -0.31 -6.57
C THR A 31 -11.74 -0.57 -6.19
N PRO A 32 -11.03 -1.33 -7.05
CA PRO A 32 -9.63 -1.69 -6.82
C PRO A 32 -8.71 -0.48 -6.96
N ILE A 33 -7.66 -0.44 -6.14
CA ILE A 33 -6.71 0.65 -6.18
C ILE A 33 -5.40 0.22 -6.81
N LEU A 34 -4.66 -0.64 -6.11
CA LEU A 34 -3.39 -1.15 -6.61
C LEU A 34 -2.86 -2.27 -5.71
N GLN A 35 -1.98 -3.09 -6.27
CA GLN A 35 -1.40 -4.20 -5.52
C GLN A 35 0.06 -3.94 -5.21
N LEU A 36 0.36 -3.65 -3.94
CA LEU A 36 1.73 -3.38 -3.52
C LEU A 36 2.66 -4.51 -3.93
N ARG A 37 3.80 -4.16 -4.52
CA ARG A 37 4.78 -5.14 -4.96
C ARG A 37 6.12 -4.92 -4.27
N ALA A 38 6.88 -5.99 -4.10
CA ALA A 38 8.19 -5.91 -3.46
C ALA A 38 9.28 -5.57 -4.47
N ALA A 39 9.26 -6.25 -5.61
CA ALA A 39 10.24 -6.00 -6.66
C ALA A 39 9.94 -6.84 -7.90
N ASP A 40 10.73 -6.65 -8.94
CA ASP A 40 10.55 -7.38 -10.19
C ASP A 40 11.04 -8.82 -10.04
N LEU A 41 10.37 -9.59 -9.19
CA LEU A 41 10.75 -10.98 -8.96
C LEU A 41 9.54 -11.79 -8.45
N ASP A 42 9.21 -12.85 -9.18
CA ASP A 42 8.09 -13.70 -8.80
C ASP A 42 6.84 -12.87 -8.54
N VAL A 43 6.45 -12.06 -9.53
CA VAL A 43 5.27 -11.21 -9.40
C VAL A 43 3.99 -12.00 -9.64
N GLY A 44 3.92 -13.19 -9.06
CA GLY A 44 2.75 -14.03 -9.22
C GLY A 44 2.63 -15.10 -8.14
N VAL A 45 3.78 -15.58 -7.67
CA VAL A 45 3.81 -16.60 -6.63
C VAL A 45 2.91 -16.23 -5.46
N ASN A 46 2.53 -17.22 -4.67
CA ASN A 46 1.67 -16.98 -3.51
C ASN A 46 1.90 -15.60 -2.93
N GLY A 47 3.16 -15.17 -2.91
CA GLY A 47 3.49 -13.86 -2.38
C GLY A 47 4.65 -13.91 -1.40
N GLN A 48 4.56 -14.80 -0.43
CA GLN A 48 5.61 -14.94 0.58
C GLN A 48 5.86 -13.62 1.30
N ILE A 49 4.83 -12.77 1.33
CA ILE A 49 4.94 -11.48 1.99
C ILE A 49 3.68 -11.15 2.78
N GLU A 50 3.82 -10.30 3.79
CA GLU A 50 2.69 -9.90 4.63
C GLU A 50 2.47 -8.40 4.56
N TYR A 51 1.72 -7.95 3.56
CA TYR A 51 1.43 -6.53 3.39
C TYR A 51 0.30 -6.09 4.32
N VAL A 52 0.63 -5.94 5.61
CA VAL A 52 -0.35 -5.52 6.59
C VAL A 52 -0.36 -4.00 6.75
N PHE A 53 -1.27 -3.50 7.58
CA PHE A 53 -1.38 -2.06 7.81
C PHE A 53 -0.35 -1.61 8.84
N GLY A 54 0.82 -1.19 8.35
CA GLY A 54 1.88 -0.72 9.23
C GLY A 54 1.43 0.45 10.09
N ALA A 55 1.23 1.60 9.47
CA ALA A 55 0.80 2.79 10.19
C ALA A 55 -0.49 3.35 9.62
N ALA A 56 -1.61 2.75 10.00
CA ALA A 56 -2.92 3.19 9.52
C ALA A 56 -3.78 3.69 10.68
N THR A 57 -4.94 4.24 10.34
CA THR A 57 -5.86 4.77 11.34
C THR A 57 -7.15 3.97 11.38
N GLU A 58 -8.02 4.30 12.33
CA GLU A 58 -9.29 3.60 12.48
C GLU A 58 -10.23 3.93 11.31
N SER A 59 -10.16 5.17 10.84
CA SER A 59 -11.01 5.61 9.74
C SER A 59 -10.52 5.01 8.41
N VAL A 60 -9.21 4.86 8.30
CA VAL A 60 -8.63 4.30 7.08
C VAL A 60 -8.74 2.77 7.07
N ARG A 61 -8.11 2.13 8.04
CA ARG A 61 -8.15 0.68 8.15
C ARG A 61 -9.54 0.14 7.83
N ARG A 62 -10.56 0.99 8.02
CA ARG A 62 -11.93 0.60 7.76
C ARG A 62 -12.39 1.12 6.39
N LEU A 63 -11.84 2.25 5.98
CA LEU A 63 -12.18 2.86 4.70
C LEU A 63 -11.60 2.05 3.54
N LEU A 64 -10.36 1.61 3.70
CA LEU A 64 -9.68 0.83 2.68
C LEU A 64 -9.32 -0.56 3.19
N ARG A 65 -9.42 -1.56 2.31
CA ARG A 65 -9.10 -2.93 2.68
C ARG A 65 -7.79 -3.37 2.03
N LEU A 66 -6.86 -3.84 2.85
CA LEU A 66 -5.56 -4.30 2.34
C LEU A 66 -5.37 -5.79 2.63
N ASP A 67 -4.66 -6.46 1.74
CA ASP A 67 -4.39 -7.89 1.89
C ASP A 67 -2.92 -8.14 2.21
N GLU A 68 -2.60 -9.40 2.53
CA GLU A 68 -1.23 -9.76 2.86
C GLU A 68 -0.76 -10.95 2.01
N THR A 69 -1.71 -11.81 1.66
CA THR A 69 -1.41 -13.00 0.86
C THR A 69 -1.14 -12.62 -0.60
N SER A 70 -1.70 -11.49 -1.02
CA SER A 70 -1.53 -11.02 -2.39
C SER A 70 -1.11 -9.55 -2.41
N GLY A 71 -1.57 -8.79 -1.42
CA GLY A 71 -1.23 -7.38 -1.35
C GLY A 71 -2.11 -6.53 -2.23
N TRP A 72 -3.37 -6.92 -2.37
CA TRP A 72 -4.31 -6.18 -3.20
C TRP A 72 -5.00 -5.08 -2.40
N LEU A 73 -4.68 -3.83 -2.72
CA LEU A 73 -5.28 -2.69 -2.04
C LEU A 73 -6.46 -2.14 -2.82
N SER A 74 -7.62 -2.09 -2.18
CA SER A 74 -8.82 -1.58 -2.81
C SER A 74 -9.71 -0.85 -1.80
N VAL A 75 -10.81 -0.28 -2.29
CA VAL A 75 -11.75 0.44 -1.43
C VAL A 75 -12.64 -0.52 -0.68
N LEU A 76 -12.99 -0.15 0.55
CA LEU A 76 -13.85 -0.99 1.39
C LEU A 76 -15.16 -0.27 1.71
N HIS A 77 -15.08 1.05 1.87
CA HIS A 77 -16.25 1.85 2.17
C HIS A 77 -16.28 3.12 1.32
N ARG A 78 -17.49 3.59 1.00
CA ARG A 78 -17.64 4.79 0.19
C ARG A 78 -16.70 5.89 0.66
N ILE A 79 -16.28 6.74 -0.27
CA ILE A 79 -15.37 7.84 0.05
C ILE A 79 -15.97 9.18 -0.36
N ASP A 80 -15.63 10.23 0.38
CA ASP A 80 -16.13 11.56 0.09
C ASP A 80 -15.02 12.60 0.25
N ARG A 81 -14.56 13.15 -0.87
CA ARG A 81 -13.51 14.15 -0.86
C ARG A 81 -13.67 15.10 0.33
N GLU A 82 -14.91 15.41 0.66
CA GLU A 82 -15.21 16.31 1.77
C GLU A 82 -14.62 15.78 3.08
N GLU A 83 -15.09 14.61 3.50
CA GLU A 83 -14.61 13.99 4.73
C GLU A 83 -13.09 13.85 4.71
N VAL A 84 -12.54 13.66 3.51
CA VAL A 84 -11.09 13.52 3.36
C VAL A 84 -10.64 13.99 1.98
N ASN A 85 -9.62 14.83 1.96
CA ASN A 85 -9.09 15.36 0.70
C ASN A 85 -7.92 14.52 0.22
N GLN A 86 -7.14 13.98 1.16
CA GLN A 86 -6.00 13.16 0.82
C GLN A 86 -5.61 12.25 1.98
N LEU A 87 -5.73 10.94 1.76
CA LEU A 87 -5.39 9.97 2.80
C LEU A 87 -3.88 9.74 2.87
N ARG A 88 -3.44 9.07 3.92
CA ARG A 88 -2.03 8.79 4.11
C ARG A 88 -1.81 7.69 5.15
N PHE A 89 -1.20 6.59 4.74
CA PHE A 89 -0.95 5.48 5.64
C PHE A 89 0.33 4.74 5.25
N THR A 90 0.72 3.76 6.05
CA THR A 90 1.92 2.98 5.80
C THR A 90 1.62 1.49 5.78
N VAL A 91 2.30 0.76 4.90
CA VAL A 91 2.10 -0.69 4.80
C VAL A 91 3.40 -1.44 5.06
N MET A 92 3.31 -2.48 5.88
CA MET A 92 4.49 -3.29 6.22
C MET A 92 4.44 -4.64 5.51
N ALA A 93 5.59 -5.09 5.03
CA ALA A 93 5.68 -6.37 4.33
C ALA A 93 6.73 -7.27 4.97
N ARG A 94 6.30 -8.08 5.91
CA ARG A 94 7.20 -9.00 6.61
C ARG A 94 7.07 -10.41 6.05
N ASP A 95 8.14 -11.20 6.19
CA ASP A 95 8.15 -12.57 5.70
C ASP A 95 8.02 -13.56 6.86
N ARG A 96 9.10 -13.68 7.63
CA ARG A 96 9.11 -14.61 8.76
C ARG A 96 10.42 -14.47 9.55
N GLY A 97 10.32 -13.89 10.74
CA GLY A 97 11.50 -13.71 11.58
C GLY A 97 11.36 -12.55 12.53
N GLN A 98 12.22 -12.51 13.54
CA GLN A 98 12.19 -11.44 14.54
C GLN A 98 13.60 -10.94 14.83
N PRO A 99 13.83 -9.65 14.57
CA PRO A 99 12.81 -8.74 14.04
C PRO A 99 12.45 -9.07 12.59
N PRO A 100 11.15 -9.04 12.28
CA PRO A 100 10.65 -9.32 10.93
C PRO A 100 11.00 -8.23 9.93
N LYS A 101 11.69 -8.62 8.86
CA LYS A 101 12.09 -7.67 7.82
C LYS A 101 10.88 -6.96 7.24
N THR A 102 10.52 -5.82 7.84
CA THR A 102 9.38 -5.04 7.37
C THR A 102 9.84 -3.76 6.68
N ASP A 103 9.34 -3.56 5.46
CA ASP A 103 9.70 -2.38 4.69
C ASP A 103 8.53 -1.41 4.60
N LYS A 104 8.32 -0.64 5.66
CA LYS A 104 7.23 0.33 5.71
C LYS A 104 7.22 1.19 4.45
N ALA A 105 6.02 1.40 3.91
CA ALA A 105 5.87 2.21 2.70
C ALA A 105 4.67 3.14 2.81
N THR A 106 4.91 4.44 2.68
CA THR A 106 3.84 5.43 2.77
C THR A 106 3.08 5.52 1.46
N VAL A 107 1.76 5.29 1.53
CA VAL A 107 0.91 5.35 0.34
C VAL A 107 0.07 6.62 0.34
N VAL A 108 0.32 7.49 -0.63
CA VAL A 108 -0.41 8.74 -0.75
C VAL A 108 -1.44 8.67 -1.87
N LEU A 109 -2.71 8.58 -1.50
CA LEU A 109 -3.80 8.51 -2.47
C LEU A 109 -4.47 9.86 -2.64
N ASN A 110 -4.26 10.48 -3.80
CA ASN A 110 -4.85 11.79 -4.08
C ASN A 110 -6.32 11.64 -4.49
N ILE A 111 -7.21 12.03 -3.60
CA ILE A 111 -8.64 11.96 -3.86
C ILE A 111 -9.02 12.75 -5.10
N LYS A 112 -9.02 12.09 -6.25
CA LYS A 112 -9.36 12.74 -7.51
C LYS A 112 -10.86 13.07 -7.56
N ASP A 113 -11.28 13.73 -8.64
CA ASP A 113 -12.67 14.11 -8.81
C ASP A 113 -13.21 13.60 -10.15
N GLU A 114 -14.13 12.65 -10.08
CA GLU A 114 -14.73 12.08 -11.29
C GLU A 114 -15.67 13.08 -11.96
N ASN A 115 -16.67 13.53 -11.21
CA ASN A 115 -17.64 14.49 -11.74
C ASN A 115 -16.95 15.51 -12.64
N ASP A 116 -15.81 16.01 -12.19
CA ASP A 116 -15.06 17.00 -12.96
C ASP A 116 -15.15 16.72 -14.45
N ASN A 117 -15.84 17.59 -15.18
CA ASN A 117 -15.99 17.43 -16.62
C ASN A 117 -14.80 18.03 -17.37
N VAL A 118 -13.88 17.18 -17.76
CA VAL A 118 -12.69 17.62 -18.49
C VAL A 118 -12.95 17.67 -19.99
N PRO A 119 -12.30 18.61 -20.67
CA PRO A 119 -12.45 18.79 -22.12
C PRO A 119 -11.81 17.65 -22.91
N GLY A 1 40.63 0.91 0.65
CA GLY A 1 40.32 0.12 1.82
C GLY A 1 39.22 -0.90 1.56
N SER A 2 38.72 -1.52 2.64
CA SER A 2 37.67 -2.51 2.52
C SER A 2 36.92 -2.68 3.84
N SER A 3 35.60 -2.58 3.79
CA SER A 3 34.77 -2.71 4.97
C SER A 3 33.39 -3.26 4.62
N GLY A 4 32.77 -3.93 5.58
CA GLY A 4 31.45 -4.50 5.35
C GLY A 4 30.92 -5.22 6.57
N SER A 5 29.71 -5.78 6.45
CA SER A 5 29.08 -6.50 7.55
C SER A 5 28.61 -7.88 7.10
N SER A 6 29.09 -8.91 7.79
CA SER A 6 28.72 -10.29 7.46
C SER A 6 27.41 -10.67 8.13
N GLY A 7 26.52 -11.27 7.36
CA GLY A 7 25.23 -11.68 7.90
C GLY A 7 24.21 -11.96 6.82
N ASN A 8 23.27 -12.86 7.12
CA ASN A 8 22.23 -13.21 6.15
C ASN A 8 21.41 -11.99 5.76
N ASP A 9 21.73 -11.41 4.62
CA ASP A 9 21.02 -10.24 4.14
C ASP A 9 19.68 -10.62 3.51
N ASN A 10 18.64 -10.63 4.34
CA ASN A 10 17.30 -10.98 3.88
C ASN A 10 16.25 -10.06 4.50
N SER A 11 15.73 -9.15 3.69
CA SER A 11 14.71 -8.21 4.16
C SER A 11 13.80 -7.77 3.01
N PRO A 12 12.50 -7.59 3.32
CA PRO A 12 11.50 -7.18 2.34
C PRO A 12 11.70 -5.74 1.88
N ARG A 13 11.48 -5.50 0.58
CA ARG A 13 11.64 -4.17 0.02
C ARG A 13 10.61 -3.93 -1.09
N PHE A 14 9.64 -3.07 -0.79
CA PHE A 14 8.59 -2.75 -1.76
C PHE A 14 9.20 -2.23 -3.07
N GLU A 15 8.41 -2.28 -4.13
CA GLU A 15 8.86 -1.81 -5.44
C GLU A 15 9.03 -0.30 -5.46
N LYS A 16 8.04 0.40 -4.89
CA LYS A 16 8.08 1.86 -4.84
C LYS A 16 8.04 2.35 -3.39
N SER A 17 9.14 2.94 -2.94
CA SER A 17 9.23 3.45 -1.59
C SER A 17 7.95 4.19 -1.19
N VAL A 18 7.29 4.77 -2.19
CA VAL A 18 6.05 5.50 -1.95
C VAL A 18 5.07 5.32 -3.11
N TYR A 19 4.04 4.52 -2.88
CA TYR A 19 3.03 4.28 -3.91
C TYR A 19 2.08 5.46 -4.04
N GLU A 20 2.23 6.20 -5.13
CA GLU A 20 1.38 7.37 -5.39
C GLU A 20 0.31 7.04 -6.41
N ALA A 21 -0.95 7.05 -5.97
CA ALA A 21 -2.07 6.75 -6.85
C ALA A 21 -3.20 7.77 -6.66
N ASP A 22 -4.04 7.91 -7.67
CA ASP A 22 -5.16 8.85 -7.62
C ASP A 22 -6.47 8.11 -7.39
N LEU A 23 -6.99 8.23 -6.17
CA LEU A 23 -8.24 7.57 -5.81
C LEU A 23 -9.40 8.56 -5.84
N ALA A 24 -10.43 8.24 -6.62
CA ALA A 24 -11.60 9.10 -6.74
C ALA A 24 -12.43 9.06 -5.46
N GLU A 25 -13.03 10.21 -5.11
CA GLU A 25 -13.85 10.31 -3.91
C GLU A 25 -15.20 9.60 -4.11
N ASN A 26 -15.44 9.15 -5.33
CA ASN A 26 -16.69 8.45 -5.65
C ASN A 26 -16.49 6.94 -5.66
N SER A 27 -15.23 6.51 -5.67
CA SER A 27 -14.90 5.10 -5.68
C SER A 27 -15.81 4.33 -4.73
N ALA A 28 -16.28 3.16 -5.18
CA ALA A 28 -17.15 2.32 -4.36
C ALA A 28 -16.39 1.74 -3.17
N PRO A 29 -17.14 1.17 -2.21
CA PRO A 29 -16.56 0.56 -1.02
C PRO A 29 -15.80 -0.73 -1.32
N GLY A 30 -15.72 -1.06 -2.61
CA GLY A 30 -15.01 -2.27 -3.02
C GLY A 30 -14.32 -2.11 -4.35
N THR A 31 -13.66 -0.97 -4.54
CA THR A 31 -12.95 -0.70 -5.79
C THR A 31 -11.45 -0.92 -5.63
N PRO A 32 -10.83 -1.57 -6.64
CA PRO A 32 -9.40 -1.86 -6.63
C PRO A 32 -8.55 -0.59 -6.78
N ILE A 33 -7.67 -0.36 -5.81
CA ILE A 33 -6.80 0.81 -5.83
C ILE A 33 -5.52 0.52 -6.60
N LEU A 34 -4.63 -0.25 -5.99
CA LEU A 34 -3.37 -0.61 -6.62
C LEU A 34 -2.88 -1.97 -6.13
N GLN A 35 -1.74 -2.41 -6.65
CA GLN A 35 -1.17 -3.70 -6.27
C GLN A 35 0.22 -3.53 -5.68
N LEU A 36 0.43 -4.04 -4.48
CA LEU A 36 1.72 -3.95 -3.81
C LEU A 36 2.57 -5.18 -4.10
N ARG A 37 3.72 -4.97 -4.73
CA ARG A 37 4.63 -6.06 -5.05
C ARG A 37 5.92 -5.95 -4.25
N ALA A 38 6.62 -7.08 -4.11
CA ALA A 38 7.88 -7.12 -3.37
C ALA A 38 8.96 -7.84 -4.16
N ALA A 39 9.05 -7.54 -5.45
CA ALA A 39 10.04 -8.17 -6.31
C ALA A 39 11.34 -8.42 -5.56
N ASP A 40 12.08 -9.45 -5.99
CA ASP A 40 13.34 -9.80 -5.35
C ASP A 40 14.39 -8.72 -5.60
N LEU A 41 14.22 -7.57 -4.96
CA LEU A 41 15.15 -6.46 -5.12
C LEU A 41 16.33 -6.61 -4.16
N ASP A 42 16.09 -7.25 -3.02
CA ASP A 42 17.13 -7.45 -2.03
C ASP A 42 17.82 -8.80 -2.24
N VAL A 43 17.86 -9.25 -3.49
CA VAL A 43 18.50 -10.52 -3.82
C VAL A 43 18.18 -11.58 -2.78
N GLY A 44 16.90 -11.72 -2.45
CA GLY A 44 16.49 -12.71 -1.47
C GLY A 44 15.00 -12.99 -1.51
N VAL A 45 14.22 -12.07 -0.94
CA VAL A 45 12.77 -12.22 -0.91
C VAL A 45 12.22 -12.57 -2.30
N ASN A 46 11.44 -13.63 -2.36
CA ASN A 46 10.86 -14.07 -3.64
C ASN A 46 9.63 -13.24 -3.98
N GLY A 47 8.83 -12.92 -2.96
CA GLY A 47 7.63 -12.12 -3.18
C GLY A 47 6.54 -12.43 -2.18
N GLN A 48 6.60 -13.63 -1.59
CA GLN A 48 5.61 -14.04 -0.61
C GLN A 48 5.75 -13.25 0.69
N ILE A 49 5.37 -11.96 0.63
CA ILE A 49 5.45 -11.10 1.80
C ILE A 49 4.07 -10.73 2.30
N GLU A 50 3.92 -10.71 3.62
CA GLU A 50 2.63 -10.37 4.24
C GLU A 50 2.42 -8.85 4.25
N TYR A 51 1.64 -8.37 3.30
CA TYR A 51 1.36 -6.93 3.19
C TYR A 51 0.22 -6.54 4.12
N VAL A 52 0.57 -6.17 5.35
CA VAL A 52 -0.43 -5.75 6.34
C VAL A 52 -0.41 -4.25 6.54
N PHE A 53 -1.41 -3.74 7.27
CA PHE A 53 -1.51 -2.31 7.53
C PHE A 53 -0.53 -1.90 8.63
N GLY A 54 0.42 -1.03 8.28
CA GLY A 54 1.40 -0.57 9.24
C GLY A 54 0.91 0.61 10.05
N ALA A 55 1.52 1.77 9.82
CA ALA A 55 1.14 2.99 10.54
C ALA A 55 -0.09 3.62 9.91
N ALA A 56 -1.15 2.83 9.76
CA ALA A 56 -2.39 3.31 9.18
C ALA A 56 -3.45 3.55 10.26
N THR A 57 -3.90 4.80 10.38
CA THR A 57 -4.90 5.15 11.38
C THR A 57 -6.12 4.24 11.28
N GLU A 58 -6.70 3.93 12.43
CA GLU A 58 -7.87 3.05 12.47
C GLU A 58 -8.89 3.47 11.42
N SER A 59 -9.21 4.75 11.38
CA SER A 59 -10.19 5.28 10.42
C SER A 59 -9.86 4.79 9.01
N VAL A 60 -8.58 4.73 8.69
CA VAL A 60 -8.14 4.28 7.37
C VAL A 60 -8.12 2.77 7.29
N ARG A 61 -8.08 2.12 8.45
CA ARG A 61 -8.04 0.66 8.51
C ARG A 61 -9.41 0.07 8.14
N ARG A 62 -10.46 0.83 8.42
CA ARG A 62 -11.82 0.38 8.12
C ARG A 62 -12.32 0.99 6.81
N LEU A 63 -11.68 2.08 6.40
CA LEU A 63 -12.07 2.76 5.16
C LEU A 63 -11.42 2.08 3.95
N LEU A 64 -10.27 1.46 4.18
CA LEU A 64 -9.55 0.77 3.11
C LEU A 64 -9.16 -0.64 3.53
N ARG A 65 -9.35 -1.59 2.63
CA ARG A 65 -9.02 -2.99 2.90
C ARG A 65 -7.76 -3.41 2.15
N LEU A 66 -6.83 -4.03 2.87
CA LEU A 66 -5.57 -4.49 2.27
C LEU A 66 -5.43 -6.00 2.41
N ASP A 67 -4.65 -6.60 1.51
CA ASP A 67 -4.42 -8.04 1.53
C ASP A 67 -2.94 -8.34 1.73
N GLU A 68 -2.66 -9.51 2.31
CA GLU A 68 -1.29 -9.92 2.56
C GLU A 68 -0.95 -11.20 1.80
N THR A 69 -1.98 -11.97 1.46
CA THR A 69 -1.80 -13.22 0.73
C THR A 69 -1.57 -12.96 -0.76
N SER A 70 -2.12 -11.85 -1.25
CA SER A 70 -1.97 -11.48 -2.65
C SER A 70 -1.18 -10.18 -2.79
N GLY A 71 -1.41 -9.25 -1.86
CA GLY A 71 -0.72 -7.99 -1.91
C GLY A 71 -1.48 -6.94 -2.71
N TRP A 72 -2.80 -7.04 -2.71
CA TRP A 72 -3.64 -6.11 -3.43
C TRP A 72 -4.26 -5.08 -2.50
N LEU A 73 -4.71 -3.96 -3.05
CA LEU A 73 -5.32 -2.90 -2.26
C LEU A 73 -6.62 -2.42 -2.90
N SER A 74 -7.66 -2.27 -2.08
CA SER A 74 -8.95 -1.82 -2.58
C SER A 74 -9.73 -1.11 -1.48
N VAL A 75 -10.81 -0.43 -1.87
CA VAL A 75 -11.64 0.30 -0.91
C VAL A 75 -12.53 -0.66 -0.12
N LEU A 76 -12.84 -0.29 1.11
CA LEU A 76 -13.69 -1.10 1.98
C LEU A 76 -15.01 -0.40 2.27
N HIS A 77 -14.94 0.90 2.52
CA HIS A 77 -16.13 1.69 2.82
C HIS A 77 -16.16 2.96 1.98
N ARG A 78 -17.37 3.44 1.69
CA ARG A 78 -17.54 4.64 0.89
C ARG A 78 -16.45 5.67 1.21
N ILE A 79 -16.13 6.51 0.23
CA ILE A 79 -15.10 7.54 0.41
C ILE A 79 -15.68 8.93 0.20
N ASP A 80 -15.28 9.86 1.07
CA ASP A 80 -15.76 11.24 0.97
C ASP A 80 -14.59 12.22 1.00
N ARG A 81 -14.61 13.20 0.10
CA ARG A 81 -13.56 14.19 0.02
C ARG A 81 -13.68 15.20 1.16
N GLU A 82 -14.89 15.68 1.39
CA GLU A 82 -15.14 16.66 2.45
C GLU A 82 -14.49 16.21 3.75
N GLU A 83 -14.71 14.96 4.13
CA GLU A 83 -14.15 14.41 5.35
C GLU A 83 -12.63 14.34 5.27
N VAL A 84 -12.12 14.14 4.06
CA VAL A 84 -10.68 14.05 3.84
C VAL A 84 -10.31 14.46 2.42
N ASN A 85 -9.36 15.39 2.30
CA ASN A 85 -8.92 15.86 1.00
C ASN A 85 -7.72 15.06 0.50
N GLN A 86 -7.12 14.29 1.39
CA GLN A 86 -5.97 13.47 1.05
C GLN A 86 -5.60 12.53 2.19
N LEU A 87 -5.57 11.23 1.90
CA LEU A 87 -5.24 10.23 2.90
C LEU A 87 -3.76 9.86 2.84
N ARG A 88 -3.14 9.74 4.00
CA ARG A 88 -1.72 9.40 4.09
C ARG A 88 -1.49 8.29 5.11
N PHE A 89 -1.32 7.07 4.62
CA PHE A 89 -1.08 5.92 5.49
C PHE A 89 0.17 5.17 5.07
N THR A 90 0.47 4.09 5.80
CA THR A 90 1.65 3.28 5.50
C THR A 90 1.32 1.79 5.55
N VAL A 91 2.12 1.00 4.85
CA VAL A 91 1.92 -0.44 4.82
C VAL A 91 3.19 -1.19 5.20
N MET A 92 3.04 -2.24 5.99
CA MET A 92 4.17 -3.04 6.44
C MET A 92 4.31 -4.30 5.59
N ALA A 93 5.48 -4.94 5.67
CA ALA A 93 5.74 -6.15 4.91
C ALA A 93 6.63 -7.11 5.69
N ARG A 94 6.04 -8.18 6.21
CA ARG A 94 6.78 -9.16 6.98
C ARG A 94 7.27 -10.30 6.08
N ASP A 95 8.34 -10.97 6.51
CA ASP A 95 8.90 -12.08 5.76
C ASP A 95 9.17 -13.28 6.66
N ARG A 96 9.53 -14.40 6.04
CA ARG A 96 9.82 -15.62 6.79
C ARG A 96 11.19 -15.54 7.46
N GLY A 97 11.25 -14.81 8.58
CA GLY A 97 12.50 -14.66 9.29
C GLY A 97 12.29 -14.24 10.73
N GLN A 98 13.37 -14.21 11.51
CA GLN A 98 13.30 -13.82 12.91
C GLN A 98 14.59 -13.16 13.36
N PRO A 99 14.50 -11.89 13.78
CA PRO A 99 13.23 -11.16 13.82
C PRO A 99 12.70 -10.84 12.41
N PRO A 100 11.37 -10.83 12.28
CA PRO A 100 10.72 -10.54 11.00
C PRO A 100 10.87 -9.08 10.59
N LYS A 101 11.64 -8.84 9.52
CA LYS A 101 11.86 -7.49 9.03
C LYS A 101 10.60 -6.92 8.40
N THR A 102 10.06 -5.87 9.03
CA THR A 102 8.84 -5.23 8.53
C THR A 102 9.17 -3.91 7.83
N ASP A 103 9.12 -3.93 6.50
CA ASP A 103 9.40 -2.74 5.71
C ASP A 103 8.15 -1.86 5.58
N LYS A 104 8.29 -0.59 5.90
CA LYS A 104 7.18 0.35 5.82
C LYS A 104 7.18 1.08 4.48
N ALA A 105 6.00 1.22 3.89
CA ALA A 105 5.87 1.90 2.61
C ALA A 105 4.72 2.90 2.63
N THR A 106 5.02 4.15 2.28
CA THR A 106 4.01 5.21 2.27
C THR A 106 3.15 5.12 1.01
N VAL A 107 1.85 5.38 1.18
CA VAL A 107 0.92 5.35 0.06
C VAL A 107 0.04 6.59 0.03
N VAL A 108 0.40 7.54 -0.82
CA VAL A 108 -0.35 8.78 -0.95
C VAL A 108 -1.52 8.62 -1.91
N LEU A 109 -2.73 8.74 -1.37
CA LEU A 109 -3.94 8.60 -2.18
C LEU A 109 -4.64 9.94 -2.35
N ASN A 110 -4.33 10.64 -3.44
CA ASN A 110 -4.93 11.94 -3.72
C ASN A 110 -6.42 11.79 -4.02
N ILE A 111 -7.25 12.36 -3.17
CA ILE A 111 -8.70 12.30 -3.35
C ILE A 111 -9.15 13.17 -4.52
N LYS A 112 -9.27 12.56 -5.70
CA LYS A 112 -9.69 13.28 -6.89
C LYS A 112 -11.20 13.46 -6.92
N ASP A 113 -11.66 14.46 -7.67
CA ASP A 113 -13.10 14.73 -7.78
C ASP A 113 -13.59 14.47 -9.20
N GLU A 114 -14.17 13.29 -9.41
CA GLU A 114 -14.69 12.92 -10.72
C GLU A 114 -15.67 13.96 -11.24
N ASN A 115 -16.49 14.49 -10.34
CA ASN A 115 -17.47 15.51 -10.70
C ASN A 115 -16.80 16.86 -10.94
N ASP A 116 -16.25 17.43 -9.87
CA ASP A 116 -15.57 18.72 -9.96
C ASP A 116 -14.45 18.67 -10.99
N ASN A 117 -14.49 19.60 -11.95
CA ASN A 117 -13.48 19.66 -13.00
C ASN A 117 -12.22 20.35 -12.48
N VAL A 118 -12.37 21.17 -11.45
CA VAL A 118 -11.24 21.88 -10.87
C VAL A 118 -11.37 21.98 -9.35
N PRO A 119 -10.32 21.52 -8.64
CA PRO A 119 -10.30 21.53 -7.18
C PRO A 119 -10.17 22.95 -6.62
N GLY A 1 16.56 12.60 0.55
CA GLY A 1 16.94 11.20 0.43
C GLY A 1 15.79 10.32 -0.03
N SER A 2 15.42 10.46 -1.30
CA SER A 2 14.32 9.67 -1.85
C SER A 2 14.80 8.82 -3.02
N SER A 3 14.15 7.67 -3.22
CA SER A 3 14.52 6.77 -4.29
C SER A 3 16.03 6.71 -4.48
N GLY A 4 16.76 6.66 -3.36
CA GLY A 4 18.21 6.61 -3.41
C GLY A 4 18.78 5.53 -2.50
N SER A 5 18.29 4.31 -2.65
CA SER A 5 18.75 3.20 -1.84
C SER A 5 20.13 2.72 -2.30
N SER A 6 21.16 3.08 -1.55
CA SER A 6 22.53 2.69 -1.88
C SER A 6 22.76 1.22 -1.58
N GLY A 7 23.10 0.46 -2.61
CA GLY A 7 23.35 -0.96 -2.43
C GLY A 7 22.09 -1.75 -2.18
N ASN A 8 22.21 -3.06 -2.08
CA ASN A 8 21.06 -3.93 -1.83
C ASN A 8 21.30 -4.82 -0.61
N ASP A 9 20.21 -5.24 0.03
CA ASP A 9 20.31 -6.11 1.20
C ASP A 9 19.26 -7.22 1.14
N ASN A 10 19.59 -8.35 1.74
CA ASN A 10 18.68 -9.49 1.77
C ASN A 10 17.49 -9.23 2.67
N SER A 11 16.48 -8.55 2.14
CA SER A 11 15.28 -8.22 2.89
C SER A 11 14.15 -7.79 1.97
N PRO A 12 12.90 -7.88 2.48
CA PRO A 12 11.71 -7.51 1.71
C PRO A 12 11.61 -6.01 1.49
N ARG A 13 11.42 -5.60 0.24
CA ARG A 13 11.31 -4.20 -0.10
C ARG A 13 10.25 -3.98 -1.18
N PHE A 14 9.50 -2.88 -1.06
CA PHE A 14 8.45 -2.56 -2.02
C PHE A 14 9.06 -2.00 -3.31
N GLU A 15 8.31 -2.11 -4.40
CA GLU A 15 8.76 -1.61 -5.69
C GLU A 15 8.97 -0.10 -5.65
N LYS A 16 8.06 0.60 -4.99
CA LYS A 16 8.14 2.05 -4.87
C LYS A 16 8.16 2.48 -3.40
N SER A 17 8.95 3.50 -3.09
CA SER A 17 9.06 4.00 -1.73
C SER A 17 7.73 4.60 -1.27
N VAL A 18 7.10 5.38 -2.14
CA VAL A 18 5.82 6.01 -1.84
C VAL A 18 4.80 5.76 -2.94
N TYR A 19 3.99 4.73 -2.77
CA TYR A 19 2.96 4.39 -3.75
C TYR A 19 1.98 5.53 -3.93
N GLU A 20 2.13 6.27 -5.03
CA GLU A 20 1.26 7.40 -5.32
C GLU A 20 0.19 7.00 -6.34
N ALA A 21 -1.05 6.92 -5.89
CA ALA A 21 -2.16 6.56 -6.77
C ALA A 21 -3.39 7.41 -6.48
N ASP A 22 -4.00 7.95 -7.54
CA ASP A 22 -5.19 8.78 -7.39
C ASP A 22 -6.44 7.93 -7.34
N LEU A 23 -7.20 8.05 -6.25
CA LEU A 23 -8.43 7.29 -6.07
C LEU A 23 -9.65 8.21 -6.13
N ALA A 24 -10.64 7.80 -6.91
CA ALA A 24 -11.87 8.59 -7.05
C ALA A 24 -12.68 8.55 -5.77
N GLU A 25 -12.89 9.73 -5.17
CA GLU A 25 -13.65 9.84 -3.94
C GLU A 25 -15.00 9.13 -4.07
N ASN A 26 -15.56 9.16 -5.27
CA ASN A 26 -16.85 8.53 -5.52
C ASN A 26 -16.71 7.01 -5.55
N SER A 27 -15.51 6.53 -5.86
CA SER A 27 -15.24 5.10 -5.93
C SER A 27 -16.07 4.35 -4.89
N ALA A 28 -16.78 3.33 -5.35
CA ALA A 28 -17.62 2.52 -4.46
C ALA A 28 -16.76 1.68 -3.52
N PRO A 29 -17.39 1.19 -2.44
CA PRO A 29 -16.71 0.36 -1.43
C PRO A 29 -16.34 -1.02 -1.98
N GLY A 30 -15.24 -1.08 -2.72
CA GLY A 30 -14.80 -2.34 -3.29
C GLY A 30 -13.88 -2.15 -4.48
N THR A 31 -13.89 -0.96 -5.04
CA THR A 31 -13.05 -0.65 -6.20
C THR A 31 -11.57 -0.83 -5.87
N PRO A 32 -10.86 -1.57 -6.72
CA PRO A 32 -9.43 -1.83 -6.54
C PRO A 32 -8.58 -0.58 -6.77
N ILE A 33 -7.75 -0.26 -5.78
CA ILE A 33 -6.87 0.90 -5.88
C ILE A 33 -5.59 0.58 -6.62
N LEU A 34 -4.75 -0.25 -6.02
CA LEU A 34 -3.49 -0.65 -6.63
C LEU A 34 -3.02 -1.99 -6.07
N GLN A 35 -1.87 -2.45 -6.56
CA GLN A 35 -1.31 -3.73 -6.11
C GLN A 35 0.12 -3.53 -5.60
N LEU A 36 0.41 -4.10 -4.44
CA LEU A 36 1.73 -4.00 -3.84
C LEU A 36 2.57 -5.23 -4.16
N ARG A 37 3.70 -5.01 -4.83
CA ARG A 37 4.58 -6.10 -5.21
C ARG A 37 5.90 -6.01 -4.43
N ALA A 38 6.47 -7.17 -4.11
CA ALA A 38 7.73 -7.22 -3.38
C ALA A 38 8.90 -7.53 -4.31
N ALA A 39 8.89 -6.90 -5.48
CA ALA A 39 9.95 -7.10 -6.46
C ALA A 39 11.29 -6.59 -5.94
N ASP A 40 12.04 -7.48 -5.31
CA ASP A 40 13.35 -7.12 -4.76
C ASP A 40 14.42 -8.13 -5.17
N LEU A 41 14.09 -9.41 -5.05
CA LEU A 41 15.02 -10.48 -5.41
C LEU A 41 14.31 -11.55 -6.23
N ASP A 42 13.24 -12.12 -5.67
CA ASP A 42 12.47 -13.16 -6.34
C ASP A 42 11.16 -12.61 -6.88
N VAL A 43 11.24 -11.78 -7.91
CA VAL A 43 10.06 -11.18 -8.51
C VAL A 43 9.10 -12.25 -9.01
N GLY A 44 9.62 -13.47 -9.19
CA GLY A 44 8.79 -14.57 -9.67
C GLY A 44 7.91 -15.14 -8.57
N VAL A 45 8.52 -15.92 -7.67
CA VAL A 45 7.79 -16.53 -6.58
C VAL A 45 6.64 -15.64 -6.12
N ASN A 46 5.46 -16.25 -5.95
CA ASN A 46 4.28 -15.51 -5.52
C ASN A 46 4.65 -14.42 -4.52
N GLY A 47 5.55 -14.76 -3.60
CA GLY A 47 5.97 -13.80 -2.59
C GLY A 47 5.44 -14.14 -1.21
N GLN A 48 6.26 -14.81 -0.41
CA GLN A 48 5.86 -15.20 0.94
C GLN A 48 5.99 -14.02 1.90
N ILE A 49 5.50 -12.87 1.46
CA ILE A 49 5.56 -11.65 2.29
C ILE A 49 4.17 -11.09 2.53
N GLU A 50 3.80 -10.95 3.80
CA GLU A 50 2.49 -10.42 4.17
C GLU A 50 2.48 -8.90 4.07
N TYR A 51 1.32 -8.34 3.73
CA TYR A 51 1.17 -6.90 3.61
C TYR A 51 0.09 -6.38 4.55
N VAL A 52 0.50 -5.93 5.72
CA VAL A 52 -0.44 -5.40 6.71
C VAL A 52 -0.32 -3.89 6.83
N PHE A 53 -1.24 -3.28 7.57
CA PHE A 53 -1.24 -1.84 7.75
C PHE A 53 -0.25 -1.43 8.84
N GLY A 54 0.90 -0.90 8.42
CA GLY A 54 1.90 -0.48 9.37
C GLY A 54 1.53 0.78 10.11
N ALA A 55 2.13 1.90 9.72
CA ALA A 55 1.85 3.19 10.34
C ALA A 55 0.61 3.83 9.75
N ALA A 56 -0.56 3.38 10.18
CA ALA A 56 -1.83 3.92 9.68
C ALA A 56 -2.83 4.09 10.82
N THR A 57 -3.94 4.76 10.52
CA THR A 57 -4.97 5.00 11.50
C THR A 57 -6.22 4.17 11.21
N GLU A 58 -7.08 4.03 12.21
CA GLU A 58 -8.32 3.26 12.06
C GLU A 58 -9.11 3.75 10.85
N SER A 59 -9.38 5.05 10.81
CA SER A 59 -10.13 5.65 9.71
C SER A 59 -9.63 5.13 8.36
N VAL A 60 -8.33 4.86 8.30
CA VAL A 60 -7.71 4.37 7.07
C VAL A 60 -8.04 2.90 6.85
N ARG A 61 -7.38 2.03 7.61
CA ARG A 61 -7.59 0.59 7.49
C ARG A 61 -9.08 0.28 7.34
N ARG A 62 -9.92 1.11 7.92
CA ARG A 62 -11.36 0.92 7.85
C ARG A 62 -11.92 1.48 6.54
N LEU A 63 -11.33 2.58 6.08
CA LEU A 63 -11.76 3.21 4.84
C LEU A 63 -11.30 2.42 3.63
N LEU A 64 -10.17 1.73 3.78
CA LEU A 64 -9.61 0.92 2.70
C LEU A 64 -9.19 -0.45 3.20
N ARG A 65 -9.24 -1.44 2.32
CA ARG A 65 -8.85 -2.80 2.66
C ARG A 65 -7.59 -3.23 1.92
N LEU A 66 -6.66 -3.82 2.65
CA LEU A 66 -5.41 -4.28 2.06
C LEU A 66 -5.23 -5.78 2.22
N ASP A 67 -4.85 -6.45 1.14
CA ASP A 67 -4.65 -7.90 1.17
C ASP A 67 -3.30 -8.25 1.78
N GLU A 68 -3.29 -9.28 2.63
CA GLU A 68 -2.07 -9.71 3.29
C GLU A 68 -1.44 -10.91 2.55
N THR A 69 -2.30 -11.70 1.92
CA THR A 69 -1.85 -12.88 1.19
C THR A 69 -1.36 -12.50 -0.21
N SER A 70 -2.11 -11.62 -0.87
CA SER A 70 -1.77 -11.18 -2.21
C SER A 70 -1.06 -9.83 -2.18
N GLY A 71 -1.63 -8.89 -1.41
CA GLY A 71 -1.04 -7.57 -1.30
C GLY A 71 -1.88 -6.51 -1.98
N TRP A 72 -2.81 -6.95 -2.83
CA TRP A 72 -3.69 -6.03 -3.54
C TRP A 72 -4.34 -5.04 -2.59
N LEU A 73 -4.67 -3.86 -3.10
CA LEU A 73 -5.30 -2.82 -2.29
C LEU A 73 -6.61 -2.35 -2.93
N SER A 74 -7.64 -2.18 -2.11
CA SER A 74 -8.94 -1.74 -2.59
C SER A 74 -9.69 -0.97 -1.51
N VAL A 75 -10.84 -0.42 -1.87
CA VAL A 75 -11.66 0.33 -0.92
C VAL A 75 -12.52 -0.59 -0.07
N LEU A 76 -12.82 -0.15 1.15
CA LEU A 76 -13.63 -0.94 2.06
C LEU A 76 -14.94 -0.22 2.39
N HIS A 77 -14.84 1.09 2.61
CA HIS A 77 -16.02 1.89 2.94
C HIS A 77 -16.09 3.12 2.04
N ARG A 78 -17.29 3.69 1.92
CA ARG A 78 -17.49 4.87 1.09
C ARG A 78 -16.40 5.91 1.34
N ILE A 79 -15.99 6.60 0.27
CA ILE A 79 -14.96 7.61 0.37
C ILE A 79 -15.53 9.01 0.19
N ASP A 80 -15.38 9.85 1.22
CA ASP A 80 -15.88 11.21 1.16
C ASP A 80 -14.73 12.21 1.10
N ARG A 81 -14.84 13.18 0.19
CA ARG A 81 -13.81 14.20 0.04
C ARG A 81 -13.89 15.24 1.15
N GLU A 82 -15.12 15.64 1.47
CA GLU A 82 -15.34 16.63 2.52
C GLU A 82 -14.59 16.26 3.79
N GLU A 83 -14.89 15.07 4.32
CA GLU A 83 -14.25 14.60 5.53
C GLU A 83 -12.73 14.61 5.39
N VAL A 84 -12.25 14.10 4.25
CA VAL A 84 -10.81 14.05 3.98
C VAL A 84 -10.50 14.48 2.56
N ASN A 85 -9.51 15.35 2.41
CA ASN A 85 -9.12 15.85 1.10
C ASN A 85 -7.96 15.02 0.53
N GLN A 86 -7.10 14.53 1.42
CA GLN A 86 -5.96 13.73 1.02
C GLN A 86 -5.55 12.77 2.13
N LEU A 87 -5.74 11.47 1.87
CA LEU A 87 -5.39 10.45 2.85
C LEU A 87 -3.89 10.14 2.80
N ARG A 88 -3.41 9.44 3.82
CA ARG A 88 -2.00 9.07 3.90
C ARG A 88 -1.77 8.00 4.97
N PHE A 89 -1.20 6.87 4.56
CA PHE A 89 -0.94 5.77 5.48
C PHE A 89 0.32 5.03 5.07
N THR A 90 0.63 3.96 5.81
CA THR A 90 1.82 3.16 5.52
C THR A 90 1.50 1.67 5.57
N VAL A 91 2.30 0.87 4.87
CA VAL A 91 2.10 -0.57 4.84
C VAL A 91 3.39 -1.32 5.17
N MET A 92 3.28 -2.34 6.00
CA MET A 92 4.45 -3.13 6.39
C MET A 92 4.55 -4.41 5.56
N ALA A 93 5.76 -4.90 5.37
CA ALA A 93 6.00 -6.11 4.59
C ALA A 93 6.97 -7.04 5.31
N ARG A 94 6.42 -7.99 6.06
CA ARG A 94 7.23 -8.95 6.81
C ARG A 94 7.02 -10.36 6.28
N ASP A 95 7.88 -11.27 6.69
CA ASP A 95 7.79 -12.67 6.26
C ASP A 95 7.74 -13.61 7.47
N ARG A 96 7.67 -14.90 7.20
CA ARG A 96 7.61 -15.90 8.26
C ARG A 96 9.00 -16.19 8.81
N GLY A 97 9.80 -15.14 8.98
CA GLY A 97 11.15 -15.30 9.50
C GLY A 97 11.33 -14.63 10.85
N GLN A 98 12.48 -14.85 11.46
CA GLN A 98 12.79 -14.26 12.76
C GLN A 98 14.28 -14.03 12.92
N PRO A 99 14.66 -12.78 13.20
CA PRO A 99 13.71 -11.66 13.33
C PRO A 99 13.07 -11.29 12.01
N PRO A 100 11.74 -11.05 12.03
CA PRO A 100 10.98 -10.67 10.84
C PRO A 100 11.33 -9.27 10.34
N LYS A 101 11.67 -9.18 9.06
CA LYS A 101 12.02 -7.89 8.46
C LYS A 101 10.78 -7.17 7.94
N THR A 102 10.41 -6.08 8.61
CA THR A 102 9.25 -5.31 8.22
C THR A 102 9.65 -4.04 7.45
N ASP A 103 9.04 -3.83 6.30
CA ASP A 103 9.33 -2.66 5.47
C ASP A 103 8.11 -1.77 5.34
N LYS A 104 8.22 -0.54 5.84
CA LYS A 104 7.12 0.41 5.78
C LYS A 104 7.14 1.17 4.45
N ALA A 105 5.99 1.22 3.79
CA ALA A 105 5.88 1.92 2.52
C ALA A 105 4.76 2.96 2.56
N THR A 106 5.10 4.20 2.24
CA THR A 106 4.13 5.30 2.25
C THR A 106 3.16 5.17 1.08
N VAL A 107 1.88 5.38 1.36
CA VAL A 107 0.85 5.28 0.34
C VAL A 107 0.03 6.57 0.28
N VAL A 108 0.37 7.44 -0.67
CA VAL A 108 -0.35 8.71 -0.84
C VAL A 108 -1.48 8.57 -1.84
N LEU A 109 -2.71 8.57 -1.35
CA LEU A 109 -3.89 8.45 -2.21
C LEU A 109 -4.58 9.80 -2.37
N ASN A 110 -4.42 10.40 -3.55
CA ASN A 110 -5.04 11.69 -3.84
C ASN A 110 -6.54 11.54 -4.09
N ILE A 111 -7.33 12.22 -3.27
CA ILE A 111 -8.79 12.16 -3.40
C ILE A 111 -9.27 13.03 -4.56
N LYS A 112 -9.50 12.41 -5.70
CA LYS A 112 -9.97 13.13 -6.88
C LYS A 112 -11.49 13.31 -6.85
N ASP A 113 -12.00 14.21 -7.68
CA ASP A 113 -13.42 14.48 -7.74
C ASP A 113 -13.94 14.31 -9.17
N GLU A 114 -14.83 13.33 -9.35
CA GLU A 114 -15.41 13.06 -10.67
C GLU A 114 -16.73 13.79 -10.84
N ASN A 115 -17.63 13.60 -9.87
CA ASN A 115 -18.93 14.24 -9.91
C ASN A 115 -18.81 15.75 -10.11
N ASP A 116 -18.01 16.38 -9.25
CA ASP A 116 -17.80 17.83 -9.34
C ASP A 116 -17.61 18.26 -10.78
N ASN A 117 -17.84 19.55 -11.04
CA ASN A 117 -17.70 20.10 -12.39
C ASN A 117 -16.34 19.75 -12.97
N VAL A 118 -16.31 18.80 -13.90
CA VAL A 118 -15.08 18.37 -14.55
C VAL A 118 -15.36 17.46 -15.73
N PRO A 119 -14.99 17.92 -16.93
CA PRO A 119 -15.20 17.16 -18.17
C PRO A 119 -14.29 15.94 -18.25
N GLY A 1 26.80 8.76 -22.89
CA GLY A 1 26.09 7.65 -22.27
C GLY A 1 26.28 7.62 -20.77
N SER A 2 25.34 7.00 -20.07
CA SER A 2 25.40 6.91 -18.61
C SER A 2 25.45 5.45 -18.17
N SER A 3 26.40 5.13 -17.29
CA SER A 3 26.56 3.78 -16.78
C SER A 3 26.79 3.78 -15.28
N GLY A 4 26.63 2.61 -14.66
CA GLY A 4 26.83 2.49 -13.23
C GLY A 4 26.36 1.16 -12.68
N SER A 5 26.79 0.84 -11.47
CA SER A 5 26.41 -0.42 -10.83
C SER A 5 26.21 -0.23 -9.34
N SER A 6 25.21 -0.92 -8.79
CA SER A 6 24.90 -0.83 -7.36
C SER A 6 24.83 -2.22 -6.73
N GLY A 7 24.11 -3.11 -7.40
CA GLY A 7 23.97 -4.47 -6.88
C GLY A 7 22.52 -4.89 -6.76
N ASN A 8 22.24 -5.77 -5.81
CA ASN A 8 20.88 -6.26 -5.58
C ASN A 8 20.52 -6.21 -4.10
N ASP A 9 19.23 -6.21 -3.82
CA ASP A 9 18.74 -6.18 -2.43
C ASP A 9 18.07 -7.49 -2.06
N ASN A 10 18.55 -8.12 -0.99
CA ASN A 10 17.99 -9.39 -0.54
C ASN A 10 17.02 -9.16 0.63
N SER A 11 16.17 -8.15 0.49
CA SER A 11 15.21 -7.83 1.53
C SER A 11 13.91 -7.30 0.92
N PRO A 12 12.79 -7.51 1.64
CA PRO A 12 11.47 -7.07 1.19
C PRO A 12 11.32 -5.56 1.23
N ARG A 13 11.65 -4.90 0.12
CA ARG A 13 11.56 -3.45 0.03
C ARG A 13 10.60 -3.03 -1.08
N PHE A 14 9.44 -2.54 -0.70
CA PHE A 14 8.43 -2.11 -1.67
C PHE A 14 9.09 -1.47 -2.88
N GLU A 15 8.42 -1.56 -4.03
CA GLU A 15 8.94 -0.98 -5.26
C GLU A 15 9.36 0.47 -5.05
N LYS A 16 8.42 1.29 -4.58
CA LYS A 16 8.68 2.70 -4.34
C LYS A 16 8.52 3.04 -2.86
N SER A 17 9.35 3.95 -2.36
CA SER A 17 9.30 4.36 -0.97
C SER A 17 7.91 4.87 -0.60
N VAL A 18 7.25 5.53 -1.55
CA VAL A 18 5.91 6.06 -1.33
C VAL A 18 5.00 5.77 -2.52
N TYR A 19 4.14 4.77 -2.36
CA TYR A 19 3.22 4.39 -3.42
C TYR A 19 2.25 5.53 -3.75
N GLU A 20 2.53 6.23 -4.84
CA GLU A 20 1.70 7.34 -5.27
C GLU A 20 0.67 6.89 -6.31
N ALA A 21 -0.59 6.85 -5.91
CA ALA A 21 -1.67 6.43 -6.81
C ALA A 21 -2.84 7.41 -6.74
N ASP A 22 -3.53 7.57 -7.87
CA ASP A 22 -4.66 8.48 -7.93
C ASP A 22 -5.98 7.71 -7.77
N LEU A 23 -6.66 7.94 -6.66
CA LEU A 23 -7.92 7.26 -6.37
C LEU A 23 -9.10 8.21 -6.58
N ALA A 24 -10.07 7.77 -7.37
CA ALA A 24 -11.26 8.57 -7.65
C ALA A 24 -12.20 8.60 -6.45
N GLU A 25 -12.62 9.79 -6.07
CA GLU A 25 -13.53 9.95 -4.93
C GLU A 25 -14.84 9.20 -5.16
N ASN A 26 -15.26 9.13 -6.42
CA ASN A 26 -16.49 8.44 -6.78
C ASN A 26 -16.30 6.92 -6.72
N SER A 27 -15.05 6.50 -6.61
CA SER A 27 -14.74 5.07 -6.55
C SER A 27 -15.62 4.37 -5.51
N ALA A 28 -16.33 3.34 -5.95
CA ALA A 28 -17.21 2.59 -5.07
C ALA A 28 -16.45 2.06 -3.86
N PRO A 29 -17.19 1.59 -2.85
CA PRO A 29 -16.62 1.06 -1.62
C PRO A 29 -15.91 -0.28 -1.84
N GLY A 30 -15.75 -0.65 -3.11
CA GLY A 30 -15.10 -1.90 -3.43
C GLY A 30 -14.04 -1.74 -4.51
N THR A 31 -14.19 -0.71 -5.34
CA THR A 31 -13.25 -0.45 -6.41
C THR A 31 -11.81 -0.61 -5.93
N PRO A 32 -10.99 -1.32 -6.73
CA PRO A 32 -9.58 -1.55 -6.41
C PRO A 32 -8.74 -0.28 -6.50
N ILE A 33 -7.63 -0.27 -5.77
CA ILE A 33 -6.74 0.89 -5.77
C ILE A 33 -5.39 0.54 -6.40
N LEU A 34 -4.70 -0.43 -5.80
CA LEU A 34 -3.40 -0.85 -6.30
C LEU A 34 -2.94 -2.14 -5.61
N GLN A 35 -2.13 -2.92 -6.31
CA GLN A 35 -1.63 -4.18 -5.75
C GLN A 35 -0.21 -3.99 -5.21
N LEU A 36 -0.10 -3.86 -3.89
CA LEU A 36 1.19 -3.68 -3.24
C LEU A 36 2.16 -4.79 -3.65
N ARG A 37 3.37 -4.40 -4.01
CA ARG A 37 4.39 -5.36 -4.41
C ARG A 37 5.78 -4.93 -3.93
N ALA A 38 6.77 -5.78 -4.14
CA ALA A 38 8.14 -5.49 -3.73
C ALA A 38 9.03 -5.24 -4.94
N ALA A 39 8.94 -6.13 -5.92
CA ALA A 39 9.75 -6.02 -7.12
C ALA A 39 9.40 -7.11 -8.13
N ASP A 40 9.89 -6.96 -9.35
CA ASP A 40 9.63 -7.94 -10.40
C ASP A 40 10.88 -8.74 -10.72
N LEU A 41 11.35 -9.52 -9.75
CA LEU A 41 12.55 -10.33 -9.93
C LEU A 41 12.32 -11.76 -9.44
N ASP A 42 11.94 -11.88 -8.16
CA ASP A 42 11.69 -13.18 -7.57
C ASP A 42 10.24 -13.61 -7.78
N VAL A 43 9.86 -13.77 -9.04
CA VAL A 43 8.50 -14.17 -9.38
C VAL A 43 8.31 -15.68 -9.22
N GLY A 44 8.86 -16.21 -8.13
CA GLY A 44 8.74 -17.63 -7.87
C GLY A 44 9.05 -17.98 -6.43
N VAL A 45 8.71 -17.08 -5.51
CA VAL A 45 8.96 -17.30 -4.09
C VAL A 45 8.04 -18.39 -3.54
N ASN A 46 8.57 -19.16 -2.59
CA ASN A 46 7.80 -20.24 -1.97
C ASN A 46 6.48 -19.73 -1.42
N GLY A 47 6.53 -18.58 -0.75
CA GLY A 47 5.34 -17.99 -0.17
C GLY A 47 4.93 -16.72 -0.88
N GLN A 48 4.57 -15.70 -0.10
CA GLN A 48 4.14 -14.43 -0.66
C GLN A 48 4.20 -13.32 0.41
N ILE A 49 5.11 -12.38 0.22
CA ILE A 49 5.25 -11.27 1.16
C ILE A 49 3.90 -10.82 1.70
N GLU A 50 3.71 -10.95 3.01
CA GLU A 50 2.46 -10.56 3.64
C GLU A 50 2.45 -9.06 3.93
N TYR A 51 1.61 -8.33 3.20
CA TYR A 51 1.51 -6.89 3.37
C TYR A 51 0.43 -6.54 4.39
N VAL A 52 0.83 -5.84 5.45
CA VAL A 52 -0.11 -5.44 6.50
C VAL A 52 -0.09 -3.94 6.71
N PHE A 53 -1.04 -3.43 7.49
CA PHE A 53 -1.14 -2.00 7.77
C PHE A 53 -0.11 -1.59 8.83
N GLY A 54 1.13 -1.38 8.39
CA GLY A 54 2.18 -0.99 9.30
C GLY A 54 1.75 0.13 10.23
N ALA A 55 1.53 1.32 9.67
CA ALA A 55 1.12 2.47 10.46
C ALA A 55 -0.09 3.16 9.83
N ALA A 56 -1.28 2.71 10.21
CA ALA A 56 -2.51 3.29 9.69
C ALA A 56 -3.51 3.57 10.81
N THR A 57 -4.55 4.35 10.49
CA THR A 57 -5.56 4.69 11.48
C THR A 57 -6.85 3.89 11.24
N GLU A 58 -7.63 3.71 12.30
CA GLU A 58 -8.87 2.97 12.21
C GLU A 58 -9.73 3.49 11.06
N SER A 59 -9.42 4.70 10.58
CA SER A 59 -10.16 5.30 9.49
C SER A 59 -9.66 4.79 8.14
N VAL A 60 -8.38 4.48 8.08
CA VAL A 60 -7.76 3.98 6.85
C VAL A 60 -8.15 2.52 6.61
N ARG A 61 -8.16 1.73 7.68
CA ARG A 61 -8.51 0.31 7.58
C ARG A 61 -10.00 0.14 7.32
N ARG A 62 -10.81 0.99 7.94
CA ARG A 62 -12.26 0.93 7.78
C ARG A 62 -12.68 1.50 6.43
N LEU A 63 -11.93 2.48 5.95
CA LEU A 63 -12.22 3.12 4.67
C LEU A 63 -11.58 2.34 3.52
N LEU A 64 -10.41 1.77 3.78
CA LEU A 64 -9.69 1.00 2.77
C LEU A 64 -9.34 -0.40 3.29
N ARG A 65 -9.57 -1.39 2.45
CA ARG A 65 -9.27 -2.77 2.82
C ARG A 65 -8.02 -3.28 2.11
N LEU A 66 -7.07 -3.78 2.89
CA LEU A 66 -5.83 -4.30 2.34
C LEU A 66 -5.67 -5.79 2.63
N ASP A 67 -4.96 -6.49 1.75
CA ASP A 67 -4.74 -7.91 1.91
C ASP A 67 -3.25 -8.22 2.07
N GLU A 68 -2.95 -9.43 2.55
CA GLU A 68 -1.57 -9.84 2.76
C GLU A 68 -1.26 -11.12 1.98
N THR A 69 -2.25 -12.01 1.90
CA THR A 69 -2.09 -13.28 1.20
C THR A 69 -1.77 -13.04 -0.28
N SER A 70 -2.39 -12.03 -0.85
CA SER A 70 -2.16 -11.70 -2.26
C SER A 70 -1.40 -10.38 -2.41
N GLY A 71 -1.78 -9.40 -1.60
CA GLY A 71 -1.13 -8.11 -1.65
C GLY A 71 -1.89 -7.10 -2.49
N TRP A 72 -3.20 -7.18 -2.45
CA TRP A 72 -4.05 -6.27 -3.21
C TRP A 72 -4.76 -5.27 -2.29
N LEU A 73 -4.97 -4.06 -2.79
CA LEU A 73 -5.62 -3.02 -2.02
C LEU A 73 -6.81 -2.45 -2.77
N SER A 74 -7.93 -2.29 -2.07
CA SER A 74 -9.15 -1.76 -2.68
C SER A 74 -9.96 -0.95 -1.67
N VAL A 75 -10.99 -0.28 -2.15
CA VAL A 75 -11.85 0.53 -1.28
C VAL A 75 -12.78 -0.35 -0.46
N LEU A 76 -13.12 0.10 0.74
CA LEU A 76 -14.01 -0.65 1.62
C LEU A 76 -15.29 0.12 1.89
N HIS A 77 -15.16 1.43 2.09
CA HIS A 77 -16.32 2.28 2.35
C HIS A 77 -16.40 3.41 1.33
N ARG A 78 -17.59 4.01 1.21
CA ARG A 78 -17.79 5.11 0.26
C ARG A 78 -16.84 6.27 0.56
N ILE A 79 -16.19 6.76 -0.48
CA ILE A 79 -15.26 7.88 -0.32
C ILE A 79 -15.87 9.19 -0.83
N ASP A 80 -15.63 10.27 -0.10
CA ASP A 80 -16.15 11.57 -0.46
C ASP A 80 -15.07 12.65 -0.36
N ARG A 81 -14.61 13.12 -1.51
CA ARG A 81 -13.57 14.15 -1.55
C ARG A 81 -13.81 15.20 -0.48
N GLU A 82 -15.08 15.48 -0.20
CA GLU A 82 -15.45 16.47 0.80
C GLU A 82 -14.91 16.08 2.17
N GLU A 83 -15.38 14.95 2.69
CA GLU A 83 -14.95 14.47 3.99
C GLU A 83 -13.43 14.32 4.04
N VAL A 84 -12.85 13.89 2.93
CA VAL A 84 -11.41 13.69 2.85
C VAL A 84 -10.86 14.20 1.51
N ASN A 85 -9.79 14.98 1.58
CA ASN A 85 -9.17 15.52 0.37
C ASN A 85 -8.00 14.67 -0.07
N GLN A 86 -7.23 14.18 0.89
CA GLN A 86 -6.07 13.35 0.60
C GLN A 86 -5.79 12.37 1.74
N LEU A 87 -5.67 11.10 1.41
CA LEU A 87 -5.41 10.06 2.41
C LEU A 87 -3.93 9.67 2.41
N ARG A 88 -3.40 9.37 3.59
CA ARG A 88 -2.00 8.98 3.72
C ARG A 88 -1.84 7.93 4.83
N PHE A 89 -1.36 6.75 4.43
CA PHE A 89 -1.16 5.66 5.38
C PHE A 89 0.14 4.92 5.09
N THR A 90 0.46 3.94 5.93
CA THR A 90 1.69 3.17 5.76
C THR A 90 1.38 1.67 5.68
N VAL A 91 2.28 0.93 5.04
CA VAL A 91 2.12 -0.51 4.90
C VAL A 91 3.44 -1.25 5.12
N MET A 92 3.38 -2.32 5.90
CA MET A 92 4.57 -3.12 6.19
C MET A 92 4.61 -4.37 5.33
N ALA A 93 5.81 -4.90 5.10
CA ALA A 93 5.98 -6.11 4.30
C ALA A 93 6.91 -7.10 4.99
N ARG A 94 6.33 -8.17 5.53
CA ARG A 94 7.12 -9.20 6.21
C ARG A 94 7.52 -10.31 5.25
N ASP A 95 8.63 -10.96 5.55
CA ASP A 95 9.13 -12.05 4.70
C ASP A 95 9.16 -13.36 5.49
N ARG A 96 9.38 -14.46 4.78
CA ARG A 96 9.44 -15.78 5.40
C ARG A 96 10.80 -16.02 6.05
N GLY A 97 11.29 -15.01 6.76
CA GLY A 97 12.58 -15.13 7.41
C GLY A 97 12.54 -14.67 8.86
N GLN A 98 13.64 -14.91 9.59
CA GLN A 98 13.71 -14.52 10.99
C GLN A 98 15.15 -14.18 11.37
N PRO A 99 15.35 -12.96 11.88
CA PRO A 99 14.27 -11.98 12.07
C PRO A 99 13.74 -11.45 10.75
N PRO A 100 12.41 -11.35 10.63
CA PRO A 100 11.74 -10.86 9.43
C PRO A 100 11.97 -9.36 9.21
N LYS A 101 12.39 -9.00 8.00
CA LYS A 101 12.64 -7.60 7.67
C LYS A 101 11.33 -6.88 7.34
N THR A 102 10.95 -5.95 8.22
CA THR A 102 9.73 -5.19 8.02
C THR A 102 10.03 -3.78 7.50
N ASP A 103 9.51 -3.48 6.32
CA ASP A 103 9.72 -2.17 5.70
C ASP A 103 8.41 -1.40 5.61
N LYS A 104 8.45 -0.13 6.03
CA LYS A 104 7.27 0.72 5.99
C LYS A 104 7.22 1.54 4.70
N ALA A 105 6.05 1.62 4.10
CA ALA A 105 5.87 2.38 2.86
C ALA A 105 4.62 3.25 2.93
N THR A 106 4.78 4.52 2.59
CA THR A 106 3.66 5.46 2.61
C THR A 106 2.89 5.43 1.30
N VAL A 107 1.62 5.05 1.37
CA VAL A 107 0.78 4.98 0.18
C VAL A 107 -0.07 6.22 0.04
N VAL A 108 0.38 7.16 -0.79
CA VAL A 108 -0.34 8.40 -1.02
C VAL A 108 -1.43 8.21 -2.08
N LEU A 109 -2.68 8.38 -1.66
CA LEU A 109 -3.81 8.24 -2.58
C LEU A 109 -4.51 9.57 -2.81
N ASN A 110 -4.12 10.26 -3.87
CA ASN A 110 -4.70 11.55 -4.20
C ASN A 110 -6.16 11.40 -4.62
N ILE A 111 -7.05 12.01 -3.84
CA ILE A 111 -8.48 11.94 -4.13
C ILE A 111 -8.84 12.77 -5.36
N LYS A 112 -9.13 12.08 -6.46
CA LYS A 112 -9.49 12.75 -7.70
C LYS A 112 -11.00 12.85 -7.86
N ASP A 113 -11.45 13.54 -8.90
CA ASP A 113 -12.87 13.70 -9.15
C ASP A 113 -13.27 13.06 -10.48
N GLU A 114 -13.84 11.86 -10.40
CA GLU A 114 -14.25 11.14 -11.60
C GLU A 114 -15.45 11.81 -12.25
N ASN A 115 -16.43 12.19 -11.43
CA ASN A 115 -17.64 12.85 -11.92
C ASN A 115 -17.32 13.74 -13.11
N ASP A 116 -16.28 14.56 -12.97
CA ASP A 116 -15.87 15.46 -14.03
C ASP A 116 -15.82 14.74 -15.38
N ASN A 117 -15.02 13.67 -15.44
CA ASN A 117 -14.88 12.89 -16.66
C ASN A 117 -15.82 11.69 -16.65
N VAL A 118 -16.79 11.69 -17.57
CA VAL A 118 -17.74 10.59 -17.66
C VAL A 118 -17.05 9.24 -17.54
N PRO A 119 -17.70 8.31 -16.83
CA PRO A 119 -17.18 6.96 -16.62
C PRO A 119 -17.17 6.13 -17.90
N GLY A 1 21.75 -0.05 -10.32
CA GLY A 1 22.92 0.80 -10.47
C GLY A 1 23.10 1.75 -9.31
N SER A 2 23.59 1.23 -8.20
CA SER A 2 23.82 2.04 -7.00
C SER A 2 24.88 1.40 -6.10
N SER A 3 25.25 2.12 -5.04
CA SER A 3 26.25 1.64 -4.11
C SER A 3 26.09 0.14 -3.86
N GLY A 4 27.20 -0.57 -3.78
CA GLY A 4 27.17 -2.00 -3.55
C GLY A 4 27.21 -2.36 -2.08
N SER A 5 26.05 -2.33 -1.42
CA SER A 5 25.97 -2.65 0.00
C SER A 5 25.16 -3.93 0.23
N SER A 6 25.86 -5.00 0.61
CA SER A 6 25.21 -6.27 0.86
C SER A 6 26.07 -7.16 1.75
N GLY A 7 25.48 -8.24 2.25
CA GLY A 7 26.22 -9.15 3.12
C GLY A 7 25.37 -10.34 3.55
N ASN A 8 24.93 -11.13 2.59
CA ASN A 8 24.11 -12.31 2.88
C ASN A 8 22.86 -11.91 3.65
N ASP A 9 22.24 -10.81 3.23
CA ASP A 9 21.02 -10.33 3.89
C ASP A 9 19.86 -10.26 2.89
N ASN A 10 18.75 -10.90 3.26
CA ASN A 10 17.57 -10.91 2.40
C ASN A 10 16.37 -10.28 3.10
N SER A 11 16.18 -8.99 2.90
CA SER A 11 15.07 -8.28 3.52
C SER A 11 14.10 -7.75 2.47
N PRO A 12 12.80 -7.74 2.82
CA PRO A 12 11.74 -7.27 1.92
C PRO A 12 11.80 -5.76 1.70
N ARG A 13 11.65 -5.35 0.44
CA ARG A 13 11.69 -3.93 0.10
C ARG A 13 10.73 -3.63 -1.05
N PHE A 14 9.64 -2.93 -0.75
CA PHE A 14 8.66 -2.58 -1.77
C PHE A 14 9.33 -2.04 -3.02
N GLU A 15 8.57 -1.94 -4.10
CA GLU A 15 9.10 -1.43 -5.37
C GLU A 15 9.36 0.06 -5.29
N LYS A 16 8.39 0.80 -4.76
CA LYS A 16 8.50 2.25 -4.63
C LYS A 16 8.47 2.66 -3.16
N SER A 17 9.27 3.67 -2.83
CA SER A 17 9.34 4.17 -1.45
C SER A 17 8.01 4.77 -1.02
N VAL A 18 7.34 5.43 -1.96
CA VAL A 18 6.05 6.07 -1.69
C VAL A 18 5.05 5.77 -2.79
N TYR A 19 4.17 4.80 -2.55
CA TYR A 19 3.16 4.42 -3.52
C TYR A 19 2.15 5.54 -3.74
N GLU A 20 2.35 6.31 -4.80
CA GLU A 20 1.46 7.43 -5.12
C GLU A 20 0.46 7.03 -6.20
N ALA A 21 -0.79 6.80 -5.80
CA ALA A 21 -1.84 6.42 -6.73
C ALA A 21 -2.95 7.46 -6.76
N ASP A 22 -3.96 7.22 -7.59
CA ASP A 22 -5.09 8.13 -7.71
C ASP A 22 -6.41 7.41 -7.43
N LEU A 23 -7.08 7.81 -6.36
CA LEU A 23 -8.35 7.19 -5.97
C LEU A 23 -9.51 8.13 -6.26
N ALA A 24 -10.50 7.64 -7.00
CA ALA A 24 -11.67 8.44 -7.34
C ALA A 24 -12.57 8.64 -6.12
N GLU A 25 -12.89 9.89 -5.83
CA GLU A 25 -13.74 10.22 -4.68
C GLU A 25 -15.12 9.61 -4.83
N ASN A 26 -15.46 9.24 -6.06
CA ASN A 26 -16.76 8.64 -6.34
C ASN A 26 -16.63 7.13 -6.50
N SER A 27 -15.43 6.61 -6.25
CA SER A 27 -15.18 5.17 -6.36
C SER A 27 -16.10 4.39 -5.43
N ALA A 28 -16.66 3.30 -5.95
CA ALA A 28 -17.55 2.46 -5.18
C ALA A 28 -16.78 1.60 -4.18
N PRO A 29 -17.51 1.02 -3.21
CA PRO A 29 -16.90 0.17 -2.17
C PRO A 29 -16.40 -1.15 -2.74
N GLY A 30 -15.11 -1.22 -3.02
CA GLY A 30 -14.53 -2.44 -3.56
C GLY A 30 -13.59 -2.17 -4.72
N THR A 31 -13.60 -0.94 -5.22
CA THR A 31 -12.75 -0.56 -6.33
C THR A 31 -11.29 -0.85 -6.04
N PRO A 32 -10.64 -1.63 -6.93
CA PRO A 32 -9.24 -2.00 -6.78
C PRO A 32 -8.30 -0.82 -7.00
N ILE A 33 -7.53 -0.48 -5.97
CA ILE A 33 -6.59 0.62 -6.06
C ILE A 33 -5.26 0.17 -6.65
N LEU A 34 -4.53 -0.65 -5.89
CA LEU A 34 -3.24 -1.15 -6.34
C LEU A 34 -2.83 -2.38 -5.54
N GLN A 35 -1.96 -3.20 -6.12
CA GLN A 35 -1.48 -4.41 -5.46
C GLN A 35 -0.03 -4.25 -5.01
N LEU A 36 0.19 -4.32 -3.70
CA LEU A 36 1.53 -4.19 -3.13
C LEU A 36 2.44 -5.29 -3.65
N ARG A 37 3.57 -4.89 -4.23
CA ARG A 37 4.54 -5.86 -4.76
C ARG A 37 5.90 -5.67 -4.11
N ALA A 38 6.67 -6.74 -4.07
CA ALA A 38 8.01 -6.69 -3.47
C ALA A 38 9.06 -7.25 -4.43
N ALA A 39 8.89 -6.96 -5.72
CA ALA A 39 9.82 -7.44 -6.73
C ALA A 39 11.26 -7.10 -6.36
N ASP A 40 12.19 -7.44 -7.23
CA ASP A 40 13.60 -7.17 -6.98
C ASP A 40 14.12 -7.98 -5.80
N LEU A 41 13.51 -9.15 -5.58
CA LEU A 41 13.90 -10.02 -4.48
C LEU A 41 13.59 -11.47 -4.79
N ASP A 42 14.63 -12.30 -4.82
CA ASP A 42 14.47 -13.72 -5.11
C ASP A 42 14.19 -13.95 -6.60
N VAL A 43 14.85 -13.16 -7.44
CA VAL A 43 14.68 -13.28 -8.88
C VAL A 43 13.21 -13.45 -9.25
N GLY A 44 12.33 -12.89 -8.43
CA GLY A 44 10.91 -12.99 -8.67
C GLY A 44 10.27 -14.19 -7.99
N VAL A 45 10.09 -14.09 -6.68
CA VAL A 45 9.49 -15.17 -5.91
C VAL A 45 7.97 -15.17 -6.03
N ASN A 46 7.38 -16.36 -6.06
CA ASN A 46 5.93 -16.48 -6.18
C ASN A 46 5.23 -15.38 -5.41
N GLY A 47 5.69 -15.12 -4.18
CA GLY A 47 5.08 -14.09 -3.37
C GLY A 47 4.98 -14.49 -1.90
N GLN A 48 6.12 -14.54 -1.22
CA GLN A 48 6.15 -14.91 0.18
C GLN A 48 6.17 -13.67 1.08
N ILE A 49 5.69 -12.56 0.56
CA ILE A 49 5.66 -11.31 1.31
C ILE A 49 4.22 -10.90 1.64
N GLU A 50 3.99 -10.58 2.91
CA GLU A 50 2.67 -10.17 3.36
C GLU A 50 2.45 -8.67 3.15
N TYR A 51 1.29 -8.19 3.55
CA TYR A 51 0.96 -6.77 3.40
C TYR A 51 -0.12 -6.36 4.39
N VAL A 52 0.28 -5.63 5.43
CA VAL A 52 -0.65 -5.16 6.45
C VAL A 52 -0.58 -3.65 6.60
N PHE A 53 -1.47 -3.11 7.44
CA PHE A 53 -1.51 -1.67 7.68
C PHE A 53 -0.48 -1.26 8.72
N GLY A 54 0.68 -0.81 8.26
CA GLY A 54 1.74 -0.39 9.17
C GLY A 54 1.28 0.69 10.13
N ALA A 55 1.29 1.93 9.67
CA ALA A 55 0.87 3.06 10.50
C ALA A 55 -0.36 3.75 9.91
N ALA A 56 -1.47 3.03 9.84
CA ALA A 56 -2.70 3.59 9.30
C ALA A 56 -3.68 3.93 10.41
N THR A 57 -4.65 4.79 10.10
CA THR A 57 -5.65 5.19 11.07
C THR A 57 -6.96 4.43 10.87
N GLU A 58 -7.70 4.24 11.96
CA GLU A 58 -8.97 3.53 11.90
C GLU A 58 -9.81 4.01 10.72
N SER A 59 -9.95 5.33 10.60
CA SER A 59 -10.73 5.93 9.53
C SER A 59 -10.24 5.44 8.16
N VAL A 60 -8.95 5.12 8.09
CA VAL A 60 -8.34 4.64 6.85
C VAL A 60 -8.37 3.12 6.78
N ARG A 61 -8.83 2.49 7.85
CA ARG A 61 -8.91 1.03 7.91
C ARG A 61 -10.29 0.54 7.49
N ARG A 62 -11.33 1.23 7.97
CA ARG A 62 -12.70 0.86 7.64
C ARG A 62 -13.10 1.39 6.27
N LEU A 63 -12.35 2.39 5.78
CA LEU A 63 -12.62 2.98 4.49
C LEU A 63 -11.84 2.27 3.39
N LEU A 64 -10.83 1.51 3.79
CA LEU A 64 -9.99 0.78 2.84
C LEU A 64 -9.74 -0.65 3.33
N ARG A 65 -9.67 -1.58 2.38
CA ARG A 65 -9.44 -2.98 2.72
C ARG A 65 -8.12 -3.47 2.12
N LEU A 66 -7.30 -4.11 2.93
CA LEU A 66 -6.02 -4.63 2.47
C LEU A 66 -5.89 -6.11 2.77
N ASP A 67 -5.62 -6.91 1.74
CA ASP A 67 -5.46 -8.35 1.89
C ASP A 67 -4.00 -8.73 2.04
N GLU A 68 -3.64 -9.26 3.20
CA GLU A 68 -2.26 -9.67 3.45
C GLU A 68 -1.89 -10.90 2.64
N THR A 69 -2.77 -11.90 2.65
CA THR A 69 -2.55 -13.13 1.91
C THR A 69 -2.21 -12.84 0.46
N SER A 70 -3.17 -12.26 -0.27
CA SER A 70 -2.97 -11.93 -1.67
C SER A 70 -2.07 -10.71 -1.84
N GLY A 71 -2.29 -9.70 -1.00
CA GLY A 71 -1.49 -8.49 -1.06
C GLY A 71 -2.08 -7.45 -1.98
N TRP A 72 -3.39 -7.23 -1.86
CA TRP A 72 -4.08 -6.25 -2.69
C TRP A 72 -4.63 -5.11 -1.85
N LEU A 73 -4.93 -3.99 -2.50
CA LEU A 73 -5.48 -2.83 -1.80
C LEU A 73 -6.63 -2.21 -2.60
N SER A 74 -7.81 -2.22 -2.01
CA SER A 74 -9.00 -1.66 -2.65
C SER A 74 -9.88 -0.92 -1.65
N VAL A 75 -10.97 -0.34 -2.15
CA VAL A 75 -11.89 0.39 -1.29
C VAL A 75 -12.88 -0.54 -0.62
N LEU A 76 -13.22 -0.24 0.63
CA LEU A 76 -14.17 -1.06 1.38
C LEU A 76 -15.51 -0.35 1.53
N HIS A 77 -15.45 0.95 1.79
CA HIS A 77 -16.66 1.75 1.94
C HIS A 77 -16.62 2.99 1.05
N ARG A 78 -17.79 3.56 0.77
CA ARG A 78 -17.88 4.74 -0.07
C ARG A 78 -16.83 5.77 0.32
N ILE A 79 -16.62 6.76 -0.55
CA ILE A 79 -15.64 7.80 -0.30
C ILE A 79 -16.15 9.17 -0.78
N ASP A 80 -15.61 10.23 -0.20
CA ASP A 80 -16.01 11.58 -0.57
C ASP A 80 -14.83 12.55 -0.47
N ARG A 81 -14.67 13.38 -1.49
CA ARG A 81 -13.57 14.35 -1.51
C ARG A 81 -13.70 15.34 -0.36
N GLU A 82 -14.93 15.77 -0.08
CA GLU A 82 -15.18 16.71 1.00
C GLU A 82 -14.59 16.22 2.31
N GLU A 83 -15.11 15.10 2.80
CA GLU A 83 -14.64 14.53 4.06
C GLU A 83 -13.13 14.30 4.02
N VAL A 84 -12.64 13.82 2.89
CA VAL A 84 -11.21 13.56 2.72
C VAL A 84 -10.73 14.04 1.36
N ASN A 85 -9.66 14.84 1.37
CA ASN A 85 -9.09 15.37 0.14
C ASN A 85 -7.86 14.57 -0.29
N GLN A 86 -7.20 13.96 0.69
CA GLN A 86 -6.02 13.16 0.42
C GLN A 86 -5.62 12.34 1.64
N LEU A 87 -5.63 11.01 1.49
CA LEU A 87 -5.28 10.11 2.58
C LEU A 87 -3.77 10.07 2.78
N ARG A 88 -3.34 9.32 3.79
CA ARG A 88 -1.91 9.20 4.09
C ARG A 88 -1.68 8.14 5.16
N PHE A 89 -1.17 6.98 4.74
CA PHE A 89 -0.89 5.89 5.65
C PHE A 89 0.39 5.15 5.26
N THR A 90 0.72 4.10 6.02
CA THR A 90 1.91 3.31 5.74
C THR A 90 1.60 1.82 5.74
N VAL A 91 2.23 1.09 4.83
CA VAL A 91 2.02 -0.34 4.72
C VAL A 91 3.31 -1.11 5.03
N MET A 92 3.16 -2.27 5.66
CA MET A 92 4.31 -3.10 6.00
C MET A 92 4.30 -4.39 5.19
N ALA A 93 5.47 -5.04 5.11
CA ALA A 93 5.60 -6.27 4.36
C ALA A 93 6.51 -7.27 5.09
N ARG A 94 5.90 -8.30 5.65
CA ARG A 94 6.64 -9.32 6.40
C ARG A 94 7.28 -10.33 5.43
N ASP A 95 8.28 -11.04 5.92
CA ASP A 95 8.97 -12.03 5.11
C ASP A 95 9.23 -13.31 5.92
N ARG A 96 9.84 -14.30 5.27
CA ARG A 96 10.15 -15.56 5.93
C ARG A 96 11.38 -15.44 6.80
N GLY A 97 11.19 -15.02 8.05
CA GLY A 97 12.30 -14.88 8.98
C GLY A 97 11.86 -14.42 10.34
N GLN A 98 12.69 -14.67 11.35
CA GLN A 98 12.38 -14.28 12.73
C GLN A 98 13.59 -13.68 13.41
N PRO A 99 13.47 -12.40 13.81
CA PRO A 99 12.25 -11.62 13.61
C PRO A 99 12.02 -11.28 12.14
N PRO A 100 10.74 -11.31 11.72
CA PRO A 100 10.36 -11.01 10.34
C PRO A 100 10.53 -9.54 9.99
N LYS A 101 11.56 -9.24 9.20
CA LYS A 101 11.84 -7.86 8.80
C LYS A 101 10.69 -7.29 7.99
N THR A 102 10.17 -6.15 8.44
CA THR A 102 9.07 -5.49 7.75
C THR A 102 9.50 -4.17 7.14
N ASP A 103 9.05 -3.89 5.92
CA ASP A 103 9.39 -2.66 5.24
C ASP A 103 8.19 -1.72 5.15
N LYS A 104 8.34 -0.51 5.67
CA LYS A 104 7.27 0.47 5.65
C LYS A 104 7.28 1.28 4.36
N ALA A 105 6.10 1.67 3.90
CA ALA A 105 5.98 2.44 2.67
C ALA A 105 4.80 3.40 2.74
N THR A 106 5.06 4.68 2.55
CA THR A 106 4.02 5.70 2.60
C THR A 106 3.18 5.69 1.33
N VAL A 107 1.87 5.59 1.50
CA VAL A 107 0.95 5.57 0.36
C VAL A 107 0.16 6.86 0.26
N VAL A 108 0.56 7.73 -0.67
CA VAL A 108 -0.11 9.00 -0.87
C VAL A 108 -1.22 8.88 -1.91
N LEU A 109 -2.43 8.66 -1.42
CA LEU A 109 -3.59 8.52 -2.30
C LEU A 109 -4.20 9.88 -2.61
N ASN A 110 -4.12 10.29 -3.87
CA ASN A 110 -4.66 11.57 -4.31
C ASN A 110 -6.12 11.44 -4.70
N ILE A 111 -7.01 12.01 -3.90
CA ILE A 111 -8.44 11.96 -4.16
C ILE A 111 -8.80 12.81 -5.38
N LYS A 112 -9.41 12.19 -6.38
CA LYS A 112 -9.81 12.89 -7.59
C LYS A 112 -11.33 13.12 -7.61
N ASP A 113 -11.79 13.85 -8.61
CA ASP A 113 -13.22 14.14 -8.74
C ASP A 113 -13.76 13.61 -10.07
N GLU A 114 -14.79 12.78 -9.98
CA GLU A 114 -15.41 12.19 -11.17
C GLU A 114 -16.79 12.79 -11.42
N ASN A 115 -17.64 12.72 -10.40
CA ASN A 115 -19.00 13.25 -10.51
C ASN A 115 -18.97 14.71 -10.98
N ASP A 116 -18.31 15.56 -10.21
CA ASP A 116 -18.21 16.98 -10.54
C ASP A 116 -17.20 17.20 -11.66
N ASN A 117 -17.57 18.05 -12.62
CA ASN A 117 -16.70 18.34 -13.75
C ASN A 117 -15.94 19.65 -13.53
N VAL A 118 -16.69 20.74 -13.34
CA VAL A 118 -16.09 22.05 -13.11
C VAL A 118 -14.93 21.96 -12.12
N PRO A 119 -13.84 22.67 -12.41
CA PRO A 119 -12.65 22.70 -11.56
C PRO A 119 -12.88 23.43 -10.24
N GLY A 1 14.05 11.90 -15.46
CA GLY A 1 14.62 11.38 -14.23
C GLY A 1 14.39 9.89 -14.06
N SER A 2 15.31 9.23 -13.36
CA SER A 2 15.20 7.79 -13.15
C SER A 2 16.30 7.30 -12.20
N SER A 3 15.91 6.85 -11.01
CA SER A 3 16.85 6.37 -10.02
C SER A 3 16.48 4.96 -9.56
N GLY A 4 17.37 4.34 -8.79
CA GLY A 4 17.12 2.99 -8.30
C GLY A 4 18.36 2.37 -7.69
N SER A 5 18.21 1.12 -7.22
CA SER A 5 19.33 0.41 -6.61
C SER A 5 20.12 1.33 -5.70
N SER A 6 19.42 2.10 -4.88
CA SER A 6 20.06 3.03 -3.96
C SER A 6 20.44 2.33 -2.66
N GLY A 7 19.48 1.61 -2.09
CA GLY A 7 19.74 0.90 -0.85
C GLY A 7 19.43 -0.58 -0.96
N ASN A 8 20.46 -1.38 -1.22
CA ASN A 8 20.29 -2.83 -1.35
C ASN A 8 20.20 -3.49 0.01
N ASP A 9 19.57 -4.67 0.05
CA ASP A 9 19.42 -5.40 1.30
C ASP A 9 18.78 -6.76 1.05
N ASN A 10 18.85 -7.64 2.05
CA ASN A 10 18.28 -8.97 1.94
C ASN A 10 16.91 -9.03 2.60
N SER A 11 16.10 -8.00 2.39
CA SER A 11 14.77 -7.94 2.97
C SER A 11 13.76 -7.41 1.95
N PRO A 12 12.47 -7.56 2.26
CA PRO A 12 11.38 -7.10 1.40
C PRO A 12 11.29 -5.58 1.33
N ARG A 13 11.48 -5.03 0.14
CA ARG A 13 11.43 -3.58 -0.05
C ARG A 13 10.56 -3.24 -1.26
N PHE A 14 9.51 -2.46 -1.03
CA PHE A 14 8.60 -2.05 -2.09
C PHE A 14 9.38 -1.44 -3.25
N GLU A 15 8.79 -1.50 -4.44
CA GLU A 15 9.42 -0.94 -5.63
C GLU A 15 9.46 0.58 -5.58
N LYS A 16 8.38 1.18 -5.09
CA LYS A 16 8.30 2.63 -4.98
C LYS A 16 8.23 3.06 -3.52
N SER A 17 9.19 3.89 -3.10
CA SER A 17 9.23 4.36 -1.72
C SER A 17 7.87 4.89 -1.29
N VAL A 18 7.25 5.69 -2.15
CA VAL A 18 5.95 6.26 -1.85
C VAL A 18 4.93 5.92 -2.94
N TYR A 19 4.02 5.01 -2.62
CA TYR A 19 2.99 4.59 -3.58
C TYR A 19 1.94 5.68 -3.76
N GLU A 20 2.13 6.52 -4.77
CA GLU A 20 1.18 7.60 -5.04
C GLU A 20 0.19 7.19 -6.11
N ALA A 21 -1.05 6.93 -5.69
CA ALA A 21 -2.11 6.52 -6.60
C ALA A 21 -3.27 7.51 -6.57
N ASP A 22 -3.91 7.70 -7.73
CA ASP A 22 -5.03 8.61 -7.83
C ASP A 22 -6.36 7.88 -7.59
N LEU A 23 -6.87 7.99 -6.37
CA LEU A 23 -8.13 7.35 -6.01
C LEU A 23 -9.32 8.27 -6.29
N ALA A 24 -10.28 7.77 -7.05
CA ALA A 24 -11.47 8.54 -7.38
C ALA A 24 -12.43 8.61 -6.20
N GLU A 25 -12.68 9.83 -5.73
CA GLU A 25 -13.59 10.03 -4.60
C GLU A 25 -14.83 9.16 -4.72
N ASN A 26 -15.26 8.93 -5.96
CA ASN A 26 -16.43 8.10 -6.23
C ASN A 26 -16.07 6.62 -6.26
N SER A 27 -15.04 6.26 -5.51
CA SER A 27 -14.59 4.88 -5.45
C SER A 27 -15.50 4.05 -4.55
N ALA A 28 -16.25 3.13 -5.15
CA ALA A 28 -17.16 2.27 -4.40
C ALA A 28 -16.46 1.64 -3.20
N PRO A 29 -17.25 1.03 -2.32
CA PRO A 29 -16.74 0.39 -1.11
C PRO A 29 -15.93 -0.87 -1.42
N GLY A 30 -15.75 -1.15 -2.71
CA GLY A 30 -14.99 -2.32 -3.11
C GLY A 30 -14.21 -2.09 -4.39
N THR A 31 -13.74 -0.88 -4.59
CA THR A 31 -12.98 -0.52 -5.78
C THR A 31 -11.48 -0.75 -5.57
N PRO A 32 -10.83 -1.33 -6.58
CA PRO A 32 -9.39 -1.61 -6.53
C PRO A 32 -8.55 -0.34 -6.56
N ILE A 33 -7.41 -0.37 -5.88
CA ILE A 33 -6.51 0.78 -5.84
C ILE A 33 -5.19 0.47 -6.51
N LEU A 34 -4.40 -0.41 -5.89
CA LEU A 34 -3.11 -0.81 -6.43
C LEU A 34 -2.63 -2.12 -5.83
N GLN A 35 -1.56 -2.68 -6.38
CA GLN A 35 -1.02 -3.94 -5.90
C GLN A 35 0.36 -3.73 -5.28
N LEU A 36 0.49 -4.05 -4.00
CA LEU A 36 1.75 -3.89 -3.29
C LEU A 36 2.77 -4.93 -3.76
N ARG A 37 3.76 -4.48 -4.54
CA ARG A 37 4.80 -5.35 -5.05
C ARG A 37 6.14 -5.03 -4.42
N ALA A 38 6.74 -6.03 -3.78
CA ALA A 38 8.04 -5.86 -3.13
C ALA A 38 9.12 -6.64 -3.86
N ALA A 39 9.12 -6.55 -5.18
CA ALA A 39 10.11 -7.25 -6.01
C ALA A 39 11.52 -7.04 -5.46
N ASP A 40 12.14 -8.10 -4.99
CA ASP A 40 13.48 -8.03 -4.44
C ASP A 40 14.42 -8.99 -5.17
N LEU A 41 13.96 -10.22 -5.37
CA LEU A 41 14.75 -11.23 -6.06
C LEU A 41 13.92 -11.94 -7.12
N ASP A 42 12.74 -12.42 -6.74
CA ASP A 42 11.85 -13.11 -7.66
C ASP A 42 10.93 -12.13 -8.38
N VAL A 43 11.49 -11.00 -8.77
CA VAL A 43 10.72 -9.97 -9.47
C VAL A 43 9.33 -9.81 -8.87
N GLY A 44 9.24 -10.02 -7.56
CA GLY A 44 7.96 -9.90 -6.89
C GLY A 44 7.22 -11.21 -6.80
N VAL A 45 6.93 -11.65 -5.58
CA VAL A 45 6.23 -12.91 -5.36
C VAL A 45 5.43 -12.88 -4.06
N ASN A 46 4.13 -13.14 -4.16
CA ASN A 46 3.26 -13.14 -2.99
C ASN A 46 3.19 -14.53 -2.37
N GLY A 47 4.36 -15.15 -2.20
CA GLY A 47 4.42 -16.46 -1.60
C GLY A 47 4.77 -16.43 -0.13
N GLN A 48 5.81 -15.66 0.21
CA GLN A 48 6.26 -15.54 1.59
C GLN A 48 6.30 -14.08 2.02
N ILE A 49 5.31 -13.30 1.57
CA ILE A 49 5.24 -11.90 1.92
C ILE A 49 3.84 -11.50 2.34
N GLU A 50 3.69 -11.04 3.57
CA GLU A 50 2.39 -10.62 4.08
C GLU A 50 2.31 -9.10 4.19
N TYR A 51 1.40 -8.51 3.41
CA TYR A 51 1.22 -7.07 3.41
C TYR A 51 0.09 -6.66 4.35
N VAL A 52 0.44 -5.92 5.40
CA VAL A 52 -0.55 -5.46 6.37
C VAL A 52 -0.46 -3.95 6.57
N PHE A 53 -1.31 -3.42 7.45
CA PHE A 53 -1.32 -2.00 7.74
C PHE A 53 -0.24 -1.63 8.75
N GLY A 54 0.71 -0.81 8.32
CA GLY A 54 1.80 -0.40 9.20
C GLY A 54 1.42 0.79 10.06
N ALA A 55 1.99 1.95 9.75
CA ALA A 55 1.71 3.17 10.50
C ALA A 55 0.44 3.84 9.99
N ALA A 56 -0.58 3.05 9.71
CA ALA A 56 -1.85 3.57 9.22
C ALA A 56 -2.83 3.80 10.36
N THR A 57 -3.90 4.54 10.08
CA THR A 57 -4.91 4.83 11.10
C THR A 57 -6.17 4.01 10.87
N GLU A 58 -6.86 3.68 11.97
CA GLU A 58 -8.08 2.89 11.88
C GLU A 58 -8.97 3.37 10.74
N SER A 59 -9.23 4.66 10.69
CA SER A 59 -10.07 5.25 9.65
C SER A 59 -9.71 4.67 8.28
N VAL A 60 -8.41 4.70 7.96
CA VAL A 60 -7.94 4.18 6.68
C VAL A 60 -8.20 2.67 6.57
N ARG A 61 -8.17 1.99 7.71
CA ARG A 61 -8.40 0.55 7.74
C ARG A 61 -9.87 0.23 7.49
N ARG A 62 -10.76 1.00 8.11
CA ARG A 62 -12.18 0.80 7.97
C ARG A 62 -12.68 1.38 6.64
N LEU A 63 -11.90 2.29 6.07
CA LEU A 63 -12.26 2.92 4.80
C LEU A 63 -11.56 2.23 3.64
N LEU A 64 -10.48 1.53 3.93
CA LEU A 64 -9.72 0.81 2.91
C LEU A 64 -9.29 -0.56 3.41
N ARG A 65 -9.37 -1.57 2.53
CA ARG A 65 -8.98 -2.93 2.89
C ARG A 65 -7.71 -3.33 2.16
N LEU A 66 -6.81 -3.99 2.87
CA LEU A 66 -5.55 -4.44 2.28
C LEU A 66 -5.37 -5.94 2.47
N ASP A 67 -4.95 -6.61 1.40
CA ASP A 67 -4.74 -8.05 1.45
C ASP A 67 -3.26 -8.38 1.65
N GLU A 68 -2.98 -9.54 2.24
CA GLU A 68 -1.61 -9.96 2.49
C GLU A 68 -1.26 -11.18 1.65
N THR A 69 -2.16 -12.17 1.63
CA THR A 69 -1.94 -13.39 0.87
C THR A 69 -1.74 -13.08 -0.61
N SER A 70 -2.27 -11.94 -1.06
CA SER A 70 -2.16 -11.54 -2.45
C SER A 70 -1.28 -10.29 -2.58
N GLY A 71 -1.41 -9.39 -1.61
CA GLY A 71 -0.64 -8.16 -1.64
C GLY A 71 -1.35 -7.04 -2.37
N TRP A 72 -2.64 -7.23 -2.63
CA TRP A 72 -3.43 -6.22 -3.33
C TRP A 72 -4.05 -5.23 -2.34
N LEU A 73 -4.55 -4.12 -2.87
CA LEU A 73 -5.17 -3.10 -2.03
C LEU A 73 -6.39 -2.50 -2.72
N SER A 74 -7.50 -2.43 -1.99
CA SER A 74 -8.74 -1.89 -2.53
C SER A 74 -9.51 -1.11 -1.47
N VAL A 75 -10.67 -0.60 -1.84
CA VAL A 75 -11.50 0.15 -0.91
C VAL A 75 -12.49 -0.74 -0.17
N LEU A 76 -12.81 -0.38 1.06
CA LEU A 76 -13.75 -1.17 1.86
C LEU A 76 -15.08 -0.43 2.02
N HIS A 77 -15.00 0.89 2.15
CA HIS A 77 -16.21 1.71 2.31
C HIS A 77 -16.15 2.92 1.38
N ARG A 78 -17.28 3.21 0.73
CA ARG A 78 -17.36 4.34 -0.17
C ARG A 78 -16.61 5.55 0.37
N ILE A 79 -16.03 6.35 -0.52
CA ILE A 79 -15.28 7.53 -0.12
C ILE A 79 -15.99 8.80 -0.57
N ASP A 80 -15.92 9.83 0.26
CA ASP A 80 -16.55 11.11 -0.04
C ASP A 80 -15.54 12.25 0.03
N ARG A 81 -15.15 12.76 -1.12
CA ARG A 81 -14.17 13.86 -1.18
C ARG A 81 -14.42 14.86 -0.05
N GLU A 82 -15.69 15.04 0.31
CA GLU A 82 -16.06 15.97 1.37
C GLU A 82 -15.49 15.51 2.71
N GLU A 83 -15.82 14.29 3.09
CA GLU A 83 -15.34 13.73 4.35
C GLU A 83 -13.82 13.63 4.37
N VAL A 84 -13.23 13.42 3.19
CA VAL A 84 -11.79 13.31 3.07
C VAL A 84 -11.30 13.90 1.76
N ASN A 85 -10.23 14.69 1.82
CA ASN A 85 -9.66 15.32 0.63
C ASN A 85 -8.31 14.71 0.29
N GLN A 86 -7.73 14.01 1.25
CA GLN A 86 -6.43 13.38 1.05
C GLN A 86 -6.20 12.27 2.07
N LEU A 87 -5.78 11.10 1.59
CA LEU A 87 -5.52 9.96 2.45
C LEU A 87 -4.03 9.61 2.47
N ARG A 88 -3.47 9.51 3.67
CA ARG A 88 -2.05 9.18 3.83
C ARG A 88 -1.86 8.10 4.88
N PHE A 89 -1.26 6.99 4.47
CA PHE A 89 -1.01 5.88 5.37
C PHE A 89 0.22 5.08 4.94
N THR A 90 0.59 4.08 5.74
CA THR A 90 1.75 3.26 5.45
C THR A 90 1.37 1.78 5.41
N VAL A 91 2.18 0.98 4.71
CA VAL A 91 1.93 -0.45 4.62
C VAL A 91 3.18 -1.25 4.96
N MET A 92 3.00 -2.28 5.78
CA MET A 92 4.11 -3.14 6.19
C MET A 92 4.11 -4.45 5.41
N ALA A 93 5.29 -5.04 5.25
CA ALA A 93 5.42 -6.30 4.53
C ALA A 93 6.35 -7.26 5.28
N ARG A 94 5.75 -8.27 5.90
CA ARG A 94 6.52 -9.26 6.65
C ARG A 94 7.00 -10.39 5.73
N ASP A 95 8.23 -10.84 5.96
CA ASP A 95 8.80 -11.92 5.15
C ASP A 95 9.11 -13.14 6.01
N ARG A 96 10.16 -13.03 6.84
CA ARG A 96 10.56 -14.13 7.71
C ARG A 96 11.50 -13.64 8.79
N GLY A 97 11.24 -14.02 10.04
CA GLY A 97 12.08 -13.61 11.14
C GLY A 97 11.28 -13.06 12.31
N GLN A 98 11.91 -12.98 13.47
CA GLN A 98 11.25 -12.46 14.67
C GLN A 98 12.19 -11.55 15.46
N PRO A 99 11.96 -10.24 15.37
CA PRO A 99 10.87 -9.68 14.56
C PRO A 99 11.12 -9.83 13.07
N PRO A 100 10.04 -10.12 12.32
CA PRO A 100 10.12 -10.29 10.86
C PRO A 100 10.41 -8.99 10.13
N LYS A 101 11.42 -9.00 9.27
CA LYS A 101 11.78 -7.82 8.50
C LYS A 101 10.56 -7.15 7.90
N THR A 102 10.10 -6.07 8.52
CA THR A 102 8.93 -5.35 8.04
C THR A 102 9.34 -4.04 7.35
N ASP A 103 8.89 -3.88 6.12
CA ASP A 103 9.20 -2.68 5.34
C ASP A 103 8.00 -1.76 5.25
N LYS A 104 8.19 -0.49 5.59
CA LYS A 104 7.11 0.49 5.55
C LYS A 104 7.15 1.28 4.24
N ALA A 105 6.01 1.39 3.58
CA ALA A 105 5.92 2.12 2.33
C ALA A 105 4.76 3.12 2.36
N THR A 106 5.09 4.40 2.26
CA THR A 106 4.08 5.45 2.28
C THR A 106 3.17 5.37 1.06
N VAL A 107 1.87 5.53 1.28
CA VAL A 107 0.90 5.47 0.20
C VAL A 107 0.03 6.73 0.18
N VAL A 108 0.41 7.69 -0.67
CA VAL A 108 -0.35 8.93 -0.79
C VAL A 108 -1.43 8.82 -1.86
N LEU A 109 -2.68 8.78 -1.41
CA LEU A 109 -3.81 8.67 -2.32
C LEU A 109 -4.53 10.01 -2.45
N ASN A 110 -4.34 10.68 -3.58
CA ASN A 110 -4.98 11.97 -3.83
C ASN A 110 -6.43 11.79 -4.25
N ILE A 111 -7.33 12.44 -3.53
CA ILE A 111 -8.76 12.35 -3.83
C ILE A 111 -9.10 13.12 -5.10
N LYS A 112 -9.29 12.39 -6.19
CA LYS A 112 -9.64 12.99 -7.47
C LYS A 112 -11.14 13.16 -7.62
N ASP A 113 -11.56 14.06 -8.50
CA ASP A 113 -12.97 14.31 -8.73
C ASP A 113 -13.39 13.80 -10.11
N GLU A 114 -14.42 12.98 -10.15
CA GLU A 114 -14.92 12.43 -11.40
C GLU A 114 -15.90 13.40 -12.07
N ASN A 115 -16.74 14.02 -11.26
CA ASN A 115 -17.73 14.97 -11.76
C ASN A 115 -17.11 15.90 -12.80
N ASP A 116 -16.06 16.61 -12.39
CA ASP A 116 -15.37 17.54 -13.28
C ASP A 116 -14.83 16.83 -14.51
N ASN A 117 -14.34 17.60 -15.47
CA ASN A 117 -13.80 17.03 -16.71
C ASN A 117 -12.29 17.16 -16.75
N VAL A 118 -11.59 16.05 -16.56
CA VAL A 118 -10.14 16.04 -16.58
C VAL A 118 -9.61 15.10 -17.66
N PRO A 119 -8.67 15.61 -18.47
CA PRO A 119 -8.06 14.83 -19.55
C PRO A 119 -7.14 13.73 -19.03
N GLY A 1 17.65 -0.03 5.81
CA GLY A 1 18.95 -0.66 5.99
C GLY A 1 19.31 -0.83 7.46
N SER A 2 19.04 -2.02 7.99
CA SER A 2 19.33 -2.31 9.39
C SER A 2 20.44 -3.35 9.51
N SER A 3 21.54 -2.96 10.14
CA SER A 3 22.68 -3.86 10.32
C SER A 3 22.26 -5.13 11.07
N GLY A 4 22.94 -6.23 10.77
CA GLY A 4 22.62 -7.49 11.43
C GLY A 4 22.80 -8.68 10.50
N SER A 5 21.68 -9.20 9.99
CA SER A 5 21.72 -10.35 9.10
C SER A 5 22.84 -10.21 8.09
N SER A 6 23.71 -11.23 8.05
CA SER A 6 24.84 -11.22 7.13
C SER A 6 24.53 -12.04 5.88
N GLY A 7 24.07 -11.36 4.83
CA GLY A 7 23.73 -12.03 3.58
C GLY A 7 23.10 -11.10 2.57
N ASN A 8 22.25 -11.66 1.71
CA ASN A 8 21.59 -10.87 0.69
C ASN A 8 20.15 -11.36 0.48
N ASP A 9 19.27 -10.44 0.11
CA ASP A 9 17.87 -10.78 -0.12
C ASP A 9 17.22 -11.34 1.14
N ASN A 10 17.50 -10.69 2.27
CA ASN A 10 16.94 -11.13 3.54
C ASN A 10 15.94 -10.11 4.09
N SER A 11 15.85 -8.97 3.41
CA SER A 11 14.93 -7.91 3.82
C SER A 11 14.01 -7.53 2.68
N PRO A 12 12.69 -7.57 2.95
CA PRO A 12 11.67 -7.23 1.95
C PRO A 12 11.65 -5.74 1.62
N ARG A 13 11.69 -5.42 0.33
CA ARG A 13 11.68 -4.03 -0.11
C ARG A 13 10.63 -3.81 -1.19
N PHE A 14 9.87 -2.73 -1.06
CA PHE A 14 8.82 -2.41 -2.01
C PHE A 14 9.41 -1.80 -3.29
N GLU A 15 8.60 -1.73 -4.33
CA GLU A 15 9.04 -1.17 -5.61
C GLU A 15 9.27 0.33 -5.50
N LYS A 16 8.28 1.03 -4.94
CA LYS A 16 8.38 2.47 -4.78
C LYS A 16 8.35 2.86 -3.30
N SER A 17 9.25 3.74 -2.90
CA SER A 17 9.34 4.18 -1.51
C SER A 17 8.01 4.74 -1.05
N VAL A 18 7.36 5.52 -1.92
CA VAL A 18 6.07 6.12 -1.59
C VAL A 18 5.06 5.87 -2.70
N TYR A 19 4.24 4.83 -2.53
CA TYR A 19 3.23 4.48 -3.51
C TYR A 19 2.20 5.61 -3.67
N GLU A 20 2.29 6.33 -4.77
CA GLU A 20 1.38 7.44 -5.03
C GLU A 20 0.38 7.07 -6.13
N ALA A 21 -0.86 6.84 -5.75
CA ALA A 21 -1.90 6.49 -6.70
C ALA A 21 -3.06 7.49 -6.66
N ASP A 22 -3.72 7.65 -7.79
CA ASP A 22 -4.84 8.58 -7.89
C ASP A 22 -6.17 7.86 -7.72
N LEU A 23 -6.73 7.94 -6.51
CA LEU A 23 -8.00 7.29 -6.22
C LEU A 23 -9.17 8.25 -6.41
N ALA A 24 -10.10 7.87 -7.28
CA ALA A 24 -11.27 8.70 -7.56
C ALA A 24 -12.21 8.74 -6.35
N GLU A 25 -12.52 9.94 -5.89
CA GLU A 25 -13.41 10.11 -4.74
C GLU A 25 -14.72 9.34 -4.95
N ASN A 26 -15.18 9.33 -6.20
CA ASN A 26 -16.42 8.63 -6.53
C ASN A 26 -16.27 7.12 -6.36
N SER A 27 -15.02 6.65 -6.40
CA SER A 27 -14.75 5.23 -6.25
C SER A 27 -15.65 4.60 -5.20
N ALA A 28 -16.47 3.63 -5.63
CA ALA A 28 -17.39 2.96 -4.72
C ALA A 28 -16.64 2.08 -3.73
N PRO A 29 -17.33 1.66 -2.67
CA PRO A 29 -16.76 0.81 -1.63
C PRO A 29 -16.45 -0.60 -2.12
N GLY A 30 -15.31 -0.75 -2.80
CA GLY A 30 -14.92 -2.05 -3.31
C GLY A 30 -13.93 -1.94 -4.45
N THR A 31 -13.92 -0.80 -5.12
CA THR A 31 -13.03 -0.57 -6.24
C THR A 31 -11.57 -0.76 -5.83
N PRO A 32 -10.83 -1.55 -6.62
CA PRO A 32 -9.41 -1.82 -6.35
C PRO A 32 -8.53 -0.60 -6.58
N ILE A 33 -7.52 -0.44 -5.73
CA ILE A 33 -6.61 0.69 -5.83
C ILE A 33 -5.33 0.29 -6.55
N LEU A 34 -4.57 -0.61 -5.95
CA LEU A 34 -3.32 -1.08 -6.53
C LEU A 34 -2.86 -2.38 -5.86
N GLN A 35 -1.87 -3.03 -6.47
CA GLN A 35 -1.34 -4.28 -5.93
C GLN A 35 0.12 -4.12 -5.53
N LEU A 36 0.39 -4.31 -4.24
CA LEU A 36 1.75 -4.18 -3.72
C LEU A 36 2.63 -5.32 -4.22
N ARG A 37 3.87 -4.98 -4.60
CA ARG A 37 4.81 -5.98 -5.10
C ARG A 37 6.17 -5.81 -4.43
N ALA A 38 6.74 -6.93 -3.98
CA ALA A 38 8.04 -6.91 -3.32
C ALA A 38 9.17 -7.11 -4.34
N ALA A 39 9.03 -6.46 -5.50
CA ALA A 39 10.04 -6.57 -6.55
C ALA A 39 11.38 -6.01 -6.08
N ASP A 40 12.33 -6.90 -5.84
CA ASP A 40 13.66 -6.50 -5.39
C ASP A 40 14.74 -7.16 -6.23
N LEU A 41 14.65 -8.47 -6.39
CA LEU A 41 15.62 -9.22 -7.18
C LEU A 41 14.92 -10.21 -8.11
N ASP A 42 14.15 -11.12 -7.53
CA ASP A 42 13.42 -12.11 -8.32
C ASP A 42 11.93 -11.81 -8.35
N VAL A 43 11.57 -10.75 -9.08
CA VAL A 43 10.17 -10.35 -9.19
C VAL A 43 9.32 -11.45 -9.82
N GLY A 44 10.00 -12.47 -10.37
CA GLY A 44 9.30 -13.57 -10.99
C GLY A 44 8.72 -14.55 -9.98
N VAL A 45 8.05 -14.01 -8.97
CA VAL A 45 7.45 -14.85 -7.93
C VAL A 45 6.12 -14.27 -7.46
N ASN A 46 5.34 -15.08 -6.76
CA ASN A 46 4.04 -14.65 -6.25
C ASN A 46 4.21 -13.82 -4.98
N GLY A 47 5.15 -12.88 -5.01
CA GLY A 47 5.39 -12.04 -3.85
C GLY A 47 5.17 -12.77 -2.55
N GLN A 48 6.21 -13.45 -2.07
CA GLN A 48 6.12 -14.19 -0.82
C GLN A 48 6.29 -13.26 0.38
N ILE A 49 5.64 -12.11 0.32
CA ILE A 49 5.72 -11.13 1.40
C ILE A 49 4.34 -10.64 1.79
N GLU A 50 3.99 -10.82 3.07
CA GLU A 50 2.69 -10.39 3.58
C GLU A 50 2.54 -8.88 3.48
N TYR A 51 1.30 -8.41 3.49
CA TYR A 51 1.02 -6.98 3.39
C TYR A 51 -0.03 -6.56 4.42
N VAL A 52 0.43 -6.15 5.60
CA VAL A 52 -0.47 -5.73 6.67
C VAL A 52 -0.43 -4.21 6.84
N PHE A 53 -1.35 -3.69 7.65
CA PHE A 53 -1.42 -2.26 7.91
C PHE A 53 -0.34 -1.82 8.90
N GLY A 54 0.66 -1.12 8.39
CA GLY A 54 1.75 -0.66 9.24
C GLY A 54 1.32 0.47 10.15
N ALA A 55 1.76 1.68 9.84
CA ALA A 55 1.42 2.85 10.65
C ALA A 55 0.17 3.54 10.11
N ALA A 56 -0.86 2.74 9.82
CA ALA A 56 -2.12 3.27 9.30
C ALA A 56 -3.08 3.59 10.43
N THR A 57 -4.04 4.48 10.16
CA THR A 57 -5.02 4.87 11.16
C THR A 57 -6.32 4.09 10.98
N GLU A 58 -7.05 3.90 12.08
CA GLU A 58 -8.31 3.17 12.05
C GLU A 58 -9.19 3.66 10.89
N SER A 59 -8.98 4.89 10.48
CA SER A 59 -9.76 5.48 9.39
C SER A 59 -9.32 4.90 8.05
N VAL A 60 -8.03 4.60 7.93
CA VAL A 60 -7.48 4.05 6.71
C VAL A 60 -7.89 2.59 6.53
N ARG A 61 -7.87 1.84 7.63
CA ARG A 61 -8.24 0.42 7.60
C ARG A 61 -9.73 0.26 7.38
N ARG A 62 -10.52 1.10 8.05
CA ARG A 62 -11.97 1.04 7.95
C ARG A 62 -12.43 1.57 6.58
N LEU A 63 -11.74 2.58 6.08
CA LEU A 63 -12.07 3.18 4.79
C LEU A 63 -11.51 2.35 3.64
N LEU A 64 -10.34 1.76 3.87
CA LEU A 64 -9.69 0.94 2.86
C LEU A 64 -9.33 -0.43 3.42
N ARG A 65 -9.48 -1.46 2.59
CA ARG A 65 -9.17 -2.82 3.01
C ARG A 65 -7.93 -3.35 2.29
N LEU A 66 -7.00 -3.89 3.05
CA LEU A 66 -5.76 -4.42 2.49
C LEU A 66 -5.65 -5.92 2.73
N ASP A 67 -5.08 -6.64 1.77
CA ASP A 67 -4.92 -8.09 1.89
C ASP A 67 -3.46 -8.43 2.19
N GLU A 68 -3.25 -9.65 2.67
CA GLU A 68 -1.90 -10.11 2.99
C GLU A 68 -1.57 -11.39 2.24
N THR A 69 -2.58 -12.21 1.97
CA THR A 69 -2.40 -13.46 1.26
C THR A 69 -2.02 -13.21 -0.20
N SER A 70 -2.65 -12.21 -0.81
CA SER A 70 -2.39 -11.87 -2.19
C SER A 70 -1.62 -10.56 -2.30
N GLY A 71 -2.03 -9.58 -1.51
CA GLY A 71 -1.36 -8.28 -1.52
C GLY A 71 -2.07 -7.27 -2.40
N TRP A 72 -3.39 -7.36 -2.45
CA TRP A 72 -4.20 -6.45 -3.25
C TRP A 72 -4.91 -5.44 -2.38
N LEU A 73 -4.77 -4.16 -2.71
CA LEU A 73 -5.41 -3.09 -1.95
C LEU A 73 -6.64 -2.55 -2.69
N SER A 74 -7.74 -2.40 -1.96
CA SER A 74 -8.97 -1.89 -2.54
C SER A 74 -9.75 -1.05 -1.54
N VAL A 75 -10.84 -0.45 -1.99
CA VAL A 75 -11.66 0.39 -1.13
C VAL A 75 -12.69 -0.44 -0.37
N LEU A 76 -12.95 -0.06 0.87
CA LEU A 76 -13.91 -0.78 1.70
C LEU A 76 -15.20 0.03 1.88
N HIS A 77 -15.04 1.33 2.11
CA HIS A 77 -16.19 2.21 2.29
C HIS A 77 -16.13 3.38 1.31
N ARG A 78 -17.29 3.74 0.76
CA ARG A 78 -17.37 4.84 -0.20
C ARG A 78 -16.53 6.03 0.27
N ILE A 79 -15.91 6.72 -0.69
CA ILE A 79 -15.09 7.88 -0.37
C ILE A 79 -15.74 9.17 -0.85
N ASP A 80 -15.58 10.23 -0.06
CA ASP A 80 -16.16 11.52 -0.39
C ASP A 80 -15.15 12.64 -0.19
N ARG A 81 -14.58 13.13 -1.28
CA ARG A 81 -13.59 14.20 -1.22
C ARG A 81 -13.89 15.15 -0.08
N GLU A 82 -15.17 15.39 0.17
CA GLU A 82 -15.59 16.29 1.25
C GLU A 82 -15.10 15.79 2.59
N GLU A 83 -15.56 14.60 2.98
CA GLU A 83 -15.17 14.00 4.25
C GLU A 83 -13.65 13.86 4.35
N VAL A 84 -13.02 13.55 3.22
CA VAL A 84 -11.58 13.39 3.17
C VAL A 84 -11.00 13.96 1.89
N ASN A 85 -9.97 14.79 2.03
CA ASN A 85 -9.32 15.42 0.87
C ASN A 85 -8.11 14.62 0.44
N GLN A 86 -7.41 14.04 1.42
CA GLN A 86 -6.22 13.25 1.13
C GLN A 86 -6.14 12.03 2.05
N LEU A 87 -5.59 10.94 1.53
CA LEU A 87 -5.45 9.71 2.30
C LEU A 87 -4.00 9.24 2.34
N ARG A 88 -3.34 9.48 3.46
CA ARG A 88 -1.93 9.08 3.62
C ARG A 88 -1.80 8.03 4.72
N PHE A 89 -1.22 6.88 4.35
CA PHE A 89 -1.02 5.80 5.30
C PHE A 89 0.27 5.04 5.01
N THR A 90 0.58 4.07 5.86
CA THR A 90 1.79 3.26 5.69
C THR A 90 1.47 1.77 5.75
N VAL A 91 2.16 0.99 4.92
CA VAL A 91 1.95 -0.45 4.87
C VAL A 91 3.25 -1.19 5.19
N MET A 92 3.11 -2.30 5.92
CA MET A 92 4.27 -3.10 6.29
C MET A 92 4.30 -4.41 5.52
N ALA A 93 5.48 -5.02 5.40
CA ALA A 93 5.64 -6.27 4.69
C ALA A 93 6.61 -7.20 5.41
N ARG A 94 6.08 -8.27 5.99
CA ARG A 94 6.91 -9.23 6.71
C ARG A 94 6.75 -10.63 6.13
N ASP A 95 7.75 -11.47 6.35
CA ASP A 95 7.72 -12.84 5.84
C ASP A 95 7.89 -13.84 6.98
N ARG A 96 7.72 -15.12 6.67
CA ARG A 96 7.86 -16.18 7.67
C ARG A 96 9.29 -16.23 8.20
N GLY A 97 9.63 -15.29 9.07
CA GLY A 97 10.96 -15.25 9.65
C GLY A 97 11.00 -14.56 10.99
N GLN A 98 11.99 -14.90 11.81
CA GLN A 98 12.14 -14.30 13.12
C GLN A 98 13.61 -13.99 13.43
N PRO A 99 13.89 -12.70 13.68
CA PRO A 99 12.87 -11.65 13.68
C PRO A 99 12.35 -11.35 12.29
N PRO A 100 11.01 -11.20 12.17
CA PRO A 100 10.36 -10.91 10.89
C PRO A 100 10.66 -9.50 10.39
N LYS A 101 11.41 -9.41 9.31
CA LYS A 101 11.77 -8.13 8.73
C LYS A 101 10.54 -7.45 8.11
N THR A 102 10.30 -6.20 8.50
CA THR A 102 9.17 -5.44 7.98
C THR A 102 9.63 -4.15 7.30
N ASP A 103 8.92 -3.76 6.25
CA ASP A 103 9.26 -2.54 5.53
C ASP A 103 8.02 -1.65 5.37
N LYS A 104 8.15 -0.39 5.81
CA LYS A 104 7.06 0.56 5.71
C LYS A 104 7.08 1.30 4.37
N ALA A 105 5.90 1.60 3.84
CA ALA A 105 5.79 2.30 2.58
C ALA A 105 4.64 3.30 2.60
N THR A 106 4.97 4.59 2.55
CA THR A 106 3.96 5.64 2.56
C THR A 106 3.16 5.64 1.27
N VAL A 107 1.84 5.49 1.40
CA VAL A 107 0.95 5.47 0.24
C VAL A 107 0.14 6.77 0.15
N VAL A 108 0.56 7.65 -0.75
CA VAL A 108 -0.12 8.93 -0.93
C VAL A 108 -1.23 8.81 -1.96
N LEU A 109 -2.47 8.75 -1.48
CA LEU A 109 -3.63 8.64 -2.37
C LEU A 109 -4.34 9.98 -2.52
N ASN A 110 -4.06 10.67 -3.62
CA ASN A 110 -4.66 11.96 -3.88
C ASN A 110 -6.12 11.80 -4.33
N ILE A 111 -7.04 12.40 -3.57
CA ILE A 111 -8.46 12.32 -3.90
C ILE A 111 -8.79 13.19 -5.11
N LYS A 112 -8.96 12.54 -6.25
CA LYS A 112 -9.30 13.24 -7.49
C LYS A 112 -10.78 13.59 -7.54
N ASP A 113 -11.13 14.56 -8.38
CA ASP A 113 -12.52 14.97 -8.52
C ASP A 113 -13.02 14.70 -9.93
N GLU A 114 -13.59 13.52 -10.12
CA GLU A 114 -14.12 13.13 -11.43
C GLU A 114 -15.21 14.09 -11.89
N ASN A 115 -16.27 14.19 -11.09
CA ASN A 115 -17.38 15.07 -11.42
C ASN A 115 -16.89 16.36 -12.07
N ASP A 116 -15.98 17.05 -11.39
CA ASP A 116 -15.42 18.29 -11.90
C ASP A 116 -14.76 18.08 -13.25
N ASN A 117 -14.58 19.16 -13.99
CA ASN A 117 -13.96 19.09 -15.32
C ASN A 117 -12.85 20.13 -15.46
N VAL A 118 -11.85 19.82 -16.28
CA VAL A 118 -10.74 20.74 -16.50
C VAL A 118 -10.34 20.77 -17.97
N PRO A 119 -9.96 21.96 -18.46
CA PRO A 119 -9.55 22.15 -19.86
C PRO A 119 -8.21 21.50 -20.17
N GLY A 1 18.20 -8.76 -11.64
CA GLY A 1 19.12 -9.85 -11.97
C GLY A 1 20.45 -9.34 -12.50
N SER A 2 20.89 -9.91 -13.62
CA SER A 2 22.15 -9.51 -14.22
C SER A 2 23.24 -9.34 -13.16
N SER A 3 23.27 -10.26 -12.20
CA SER A 3 24.25 -10.19 -11.12
C SER A 3 24.40 -8.77 -10.60
N GLY A 4 23.26 -8.10 -10.40
CA GLY A 4 23.29 -6.73 -9.91
C GLY A 4 22.69 -6.60 -8.53
N SER A 5 23.52 -6.77 -7.50
CA SER A 5 23.06 -6.68 -6.12
C SER A 5 21.83 -7.56 -5.90
N SER A 6 21.86 -8.76 -6.47
CA SER A 6 20.75 -9.70 -6.33
C SER A 6 20.78 -10.39 -4.97
N GLY A 7 20.25 -9.72 -3.96
CA GLY A 7 20.22 -10.27 -2.62
C GLY A 7 20.50 -9.24 -1.55
N ASN A 8 19.47 -8.49 -1.17
CA ASN A 8 19.61 -7.45 -0.16
C ASN A 8 19.45 -8.05 1.25
N ASP A 9 20.08 -9.20 1.47
CA ASP A 9 20.01 -9.87 2.77
C ASP A 9 18.62 -10.43 3.00
N ASN A 10 18.06 -11.09 1.99
CA ASN A 10 16.74 -11.67 2.09
C ASN A 10 15.78 -10.73 2.82
N SER A 11 15.84 -9.45 2.48
CA SER A 11 14.98 -8.45 3.10
C SER A 11 13.91 -7.97 2.12
N PRO A 12 12.66 -7.87 2.60
CA PRO A 12 11.53 -7.42 1.79
C PRO A 12 11.62 -5.93 1.45
N ARG A 13 11.50 -5.62 0.16
CA ARG A 13 11.57 -4.24 -0.29
C ARG A 13 10.35 -3.89 -1.15
N PHE A 14 9.53 -2.97 -0.66
CA PHE A 14 8.33 -2.55 -1.38
C PHE A 14 8.69 -2.03 -2.76
N GLU A 15 7.91 -2.45 -3.76
CA GLU A 15 8.15 -2.03 -5.14
C GLU A 15 8.67 -0.59 -5.19
N LYS A 16 8.06 0.27 -4.39
CA LYS A 16 8.45 1.67 -4.35
C LYS A 16 8.39 2.21 -2.91
N SER A 17 9.16 3.26 -2.64
CA SER A 17 9.19 3.86 -1.32
C SER A 17 7.85 4.48 -0.97
N VAL A 18 7.11 4.91 -1.99
CA VAL A 18 5.81 5.52 -1.80
C VAL A 18 4.88 5.25 -2.98
N TYR A 19 3.89 4.39 -2.75
CA TYR A 19 2.95 4.04 -3.80
C TYR A 19 1.97 5.18 -4.07
N GLU A 20 2.29 6.01 -5.06
CA GLU A 20 1.45 7.14 -5.41
C GLU A 20 0.33 6.70 -6.36
N ALA A 21 -0.91 6.77 -5.87
CA ALA A 21 -2.07 6.39 -6.66
C ALA A 21 -3.09 7.51 -6.71
N ASP A 22 -4.17 7.29 -7.47
CA ASP A 22 -5.23 8.29 -7.60
C ASP A 22 -6.59 7.67 -7.31
N LEU A 23 -7.12 7.93 -6.13
CA LEU A 23 -8.42 7.39 -5.73
C LEU A 23 -9.51 8.43 -5.91
N ALA A 24 -10.56 8.06 -6.65
CA ALA A 24 -11.68 8.97 -6.90
C ALA A 24 -12.64 8.99 -5.70
N GLU A 25 -12.97 10.19 -5.25
CA GLU A 25 -13.88 10.35 -4.11
C GLU A 25 -15.19 9.58 -4.36
N ASN A 26 -15.59 9.50 -5.62
CA ASN A 26 -16.82 8.80 -5.99
C ASN A 26 -16.60 7.29 -6.00
N SER A 27 -15.34 6.88 -6.01
CA SER A 27 -15.00 5.47 -6.02
C SER A 27 -15.89 4.68 -5.08
N ALA A 28 -16.32 3.49 -5.52
CA ALA A 28 -17.18 2.64 -4.70
C ALA A 28 -16.42 2.08 -3.50
N PRO A 29 -17.17 1.51 -2.55
CA PRO A 29 -16.58 0.93 -1.34
C PRO A 29 -15.81 -0.35 -1.63
N GLY A 30 -15.70 -0.70 -2.90
CA GLY A 30 -14.98 -1.90 -3.30
C GLY A 30 -14.18 -1.71 -4.57
N THR A 31 -13.62 -0.51 -4.73
CA THR A 31 -12.82 -0.21 -5.91
C THR A 31 -11.34 -0.48 -5.67
N PRO A 32 -10.71 -1.21 -6.59
CA PRO A 32 -9.29 -1.56 -6.49
C PRO A 32 -8.39 -0.35 -6.71
N ILE A 33 -7.40 -0.18 -5.83
CA ILE A 33 -6.47 0.93 -5.93
C ILE A 33 -5.15 0.48 -6.55
N LEU A 34 -4.45 -0.42 -5.88
CA LEU A 34 -3.18 -0.93 -6.37
C LEU A 34 -2.88 -2.30 -5.78
N GLN A 35 -1.83 -2.94 -6.28
CA GLN A 35 -1.44 -4.26 -5.80
C GLN A 35 0.06 -4.32 -5.52
N LEU A 36 0.41 -4.28 -4.24
CA LEU A 36 1.81 -4.32 -3.83
C LEU A 36 2.44 -5.67 -4.16
N ARG A 37 3.63 -5.64 -4.73
CA ARG A 37 4.35 -6.86 -5.11
C ARG A 37 5.62 -7.02 -4.28
N ALA A 38 5.78 -6.17 -3.28
CA ALA A 38 6.95 -6.22 -2.42
C ALA A 38 8.16 -6.75 -3.17
N ALA A 39 8.39 -6.22 -4.37
CA ALA A 39 9.52 -6.64 -5.19
C ALA A 39 9.85 -5.59 -6.25
N ASP A 40 10.98 -5.78 -6.92
CA ASP A 40 11.41 -4.84 -7.95
C ASP A 40 11.58 -5.56 -9.29
N LEU A 41 12.13 -6.77 -9.25
CA LEU A 41 12.35 -7.56 -10.46
C LEU A 41 11.83 -8.98 -10.27
N ASP A 42 11.87 -9.46 -9.04
CA ASP A 42 11.40 -10.81 -8.74
C ASP A 42 12.14 -11.85 -9.57
N VAL A 43 13.45 -11.66 -9.72
CA VAL A 43 14.28 -12.58 -10.49
C VAL A 43 14.16 -14.00 -9.96
N GLY A 44 13.56 -14.14 -8.78
CA GLY A 44 13.39 -15.45 -8.19
C GLY A 44 13.26 -15.39 -6.68
N VAL A 45 12.27 -14.65 -6.20
CA VAL A 45 12.05 -14.51 -4.76
C VAL A 45 11.10 -15.59 -4.26
N ASN A 46 10.36 -16.20 -5.16
CA ASN A 46 9.40 -17.25 -4.80
C ASN A 46 8.79 -16.97 -3.45
N GLY A 47 8.55 -15.70 -3.16
CA GLY A 47 7.95 -15.32 -1.88
C GLY A 47 7.17 -14.02 -1.97
N GLN A 48 5.85 -14.13 -1.86
CA GLN A 48 4.98 -12.96 -1.92
C GLN A 48 4.84 -12.31 -0.55
N ILE A 49 5.85 -11.54 -0.16
CA ILE A 49 5.84 -10.86 1.13
C ILE A 49 4.43 -10.46 1.52
N GLU A 50 4.15 -10.51 2.82
CA GLU A 50 2.82 -10.16 3.33
C GLU A 50 2.59 -8.65 3.22
N TYR A 51 1.42 -8.21 3.67
CA TYR A 51 1.06 -6.80 3.61
C TYR A 51 0.04 -6.45 4.68
N VAL A 52 0.44 -5.63 5.65
CA VAL A 52 -0.44 -5.21 6.73
C VAL A 52 -0.38 -3.71 6.95
N PHE A 53 -1.36 -3.18 7.68
CA PHE A 53 -1.40 -1.75 7.97
C PHE A 53 -0.38 -1.37 9.04
N GLY A 54 0.81 -0.98 8.59
CA GLY A 54 1.86 -0.60 9.53
C GLY A 54 1.48 0.59 10.38
N ALA A 55 1.48 1.78 9.77
CA ALA A 55 1.13 3.00 10.48
C ALA A 55 -0.02 3.72 9.79
N ALA A 56 -1.24 3.24 10.03
CA ALA A 56 -2.43 3.83 9.44
C ALA A 56 -3.39 4.35 10.51
N THR A 57 -4.35 5.16 10.11
CA THR A 57 -5.33 5.72 11.04
C THR A 57 -6.53 4.78 11.19
N GLU A 58 -7.50 5.22 12.00
CA GLU A 58 -8.70 4.42 12.23
C GLU A 58 -9.72 4.65 11.13
N SER A 59 -9.63 5.79 10.46
CA SER A 59 -10.55 6.13 9.38
C SER A 59 -10.06 5.58 8.05
N VAL A 60 -8.76 5.28 7.98
CA VAL A 60 -8.16 4.74 6.77
C VAL A 60 -8.22 3.22 6.75
N ARG A 61 -7.66 2.60 7.78
CA ARG A 61 -7.65 1.14 7.88
C ARG A 61 -9.05 0.57 7.68
N ARG A 62 -10.06 1.40 7.92
CA ARG A 62 -11.45 0.98 7.76
C ARG A 62 -12.03 1.50 6.45
N LEU A 63 -11.54 2.63 5.99
CA LEU A 63 -12.00 3.23 4.74
C LEU A 63 -11.42 2.50 3.54
N LEU A 64 -10.34 1.76 3.76
CA LEU A 64 -9.69 1.02 2.70
C LEU A 64 -9.32 -0.39 3.17
N ARG A 65 -9.44 -1.36 2.27
CA ARG A 65 -9.12 -2.75 2.60
C ARG A 65 -7.84 -3.18 1.89
N LEU A 66 -6.94 -3.82 2.64
CA LEU A 66 -5.67 -4.28 2.09
C LEU A 66 -5.44 -5.75 2.43
N ASP A 67 -5.25 -6.58 1.41
CA ASP A 67 -5.01 -7.99 1.60
C ASP A 67 -3.53 -8.27 1.86
N GLU A 68 -3.25 -8.96 2.97
CA GLU A 68 -1.88 -9.28 3.33
C GLU A 68 -1.42 -10.57 2.64
N THR A 69 -2.37 -11.45 2.33
CA THR A 69 -2.07 -12.70 1.68
C THR A 69 -1.85 -12.50 0.19
N SER A 70 -2.62 -11.60 -0.42
CA SER A 70 -2.50 -11.32 -1.83
C SER A 70 -1.73 -10.03 -2.07
N GLY A 71 -2.11 -8.97 -1.37
CA GLY A 71 -1.44 -7.70 -1.52
C GLY A 71 -2.22 -6.73 -2.40
N TRP A 72 -3.52 -6.94 -2.50
CA TRP A 72 -4.37 -6.08 -3.32
C TRP A 72 -5.03 -5.01 -2.46
N LEU A 73 -4.61 -3.77 -2.66
CA LEU A 73 -5.16 -2.65 -1.90
C LEU A 73 -6.34 -2.03 -2.63
N SER A 74 -7.50 -2.04 -2.00
CA SER A 74 -8.72 -1.47 -2.59
C SER A 74 -9.51 -0.68 -1.56
N VAL A 75 -10.66 -0.15 -1.98
CA VAL A 75 -11.52 0.61 -1.09
C VAL A 75 -12.50 -0.29 -0.35
N LEU A 76 -12.83 0.09 0.88
CA LEU A 76 -13.76 -0.69 1.69
C LEU A 76 -15.07 0.07 1.90
N HIS A 77 -14.96 1.38 2.10
CA HIS A 77 -16.14 2.22 2.31
C HIS A 77 -16.11 3.44 1.39
N ARG A 78 -17.29 3.93 1.03
CA ARG A 78 -17.39 5.09 0.16
C ARG A 78 -16.54 6.25 0.67
N ILE A 79 -16.19 7.17 -0.22
CA ILE A 79 -15.38 8.32 0.15
C ILE A 79 -16.02 9.63 -0.31
N ASP A 80 -15.73 10.70 0.41
CA ASP A 80 -16.29 12.01 0.09
C ASP A 80 -15.21 13.10 0.16
N ARG A 81 -14.85 13.64 -0.99
CA ARG A 81 -13.84 14.68 -1.07
C ARG A 81 -13.98 15.67 0.10
N GLU A 82 -15.22 15.93 0.48
CA GLU A 82 -15.50 16.85 1.58
C GLU A 82 -14.97 16.29 2.90
N GLU A 83 -15.15 15.00 3.10
CA GLU A 83 -14.69 14.35 4.33
C GLU A 83 -13.17 14.15 4.30
N VAL A 84 -12.62 14.01 3.11
CA VAL A 84 -11.18 13.82 2.94
C VAL A 84 -10.69 14.44 1.65
N ASN A 85 -9.49 15.02 1.69
CA ASN A 85 -8.91 15.66 0.52
C ASN A 85 -7.70 14.86 0.01
N GLN A 86 -7.10 14.07 0.91
CA GLN A 86 -5.95 13.27 0.55
C GLN A 86 -5.58 12.31 1.68
N LEU A 87 -5.78 11.01 1.44
CA LEU A 87 -5.47 10.00 2.44
C LEU A 87 -3.97 9.70 2.47
N ARG A 88 -3.49 9.26 3.63
CA ARG A 88 -2.08 8.94 3.80
C ARG A 88 -1.88 7.91 4.90
N PHE A 89 -1.21 6.81 4.57
CA PHE A 89 -0.96 5.74 5.54
C PHE A 89 0.33 5.00 5.19
N THR A 90 0.62 3.95 5.96
CA THR A 90 1.82 3.16 5.74
C THR A 90 1.52 1.67 5.83
N VAL A 91 2.21 0.88 5.01
CA VAL A 91 2.02 -0.56 5.00
C VAL A 91 3.31 -1.30 5.34
N MET A 92 3.19 -2.37 6.11
CA MET A 92 4.35 -3.16 6.50
C MET A 92 4.43 -4.47 5.71
N ALA A 93 5.64 -4.99 5.53
CA ALA A 93 5.84 -6.23 4.79
C ALA A 93 6.75 -7.18 5.55
N ARG A 94 6.20 -8.32 5.95
CA ARG A 94 6.97 -9.32 6.68
C ARG A 94 7.56 -10.37 5.74
N ASP A 95 8.81 -10.73 5.97
CA ASP A 95 9.48 -11.71 5.13
C ASP A 95 9.64 -13.04 5.88
N ARG A 96 9.94 -14.10 5.14
CA ARG A 96 10.10 -15.42 5.73
C ARG A 96 11.40 -15.49 6.55
N GLY A 97 11.34 -15.01 7.79
CA GLY A 97 12.50 -15.03 8.64
C GLY A 97 12.20 -14.54 10.05
N GLN A 98 13.14 -14.73 10.96
CA GLN A 98 12.97 -14.31 12.34
C GLN A 98 14.27 -13.78 12.92
N PRO A 99 14.27 -12.51 13.36
CA PRO A 99 13.07 -11.66 13.30
C PRO A 99 12.71 -11.28 11.87
N PRO A 100 11.41 -11.29 11.56
CA PRO A 100 10.91 -10.94 10.22
C PRO A 100 11.07 -9.46 9.92
N LYS A 101 11.96 -9.14 8.99
CA LYS A 101 12.21 -7.76 8.61
C LYS A 101 10.94 -7.11 8.06
N THR A 102 10.49 -6.05 8.73
CA THR A 102 9.28 -5.34 8.32
C THR A 102 9.63 -3.99 7.70
N ASP A 103 9.22 -3.80 6.45
CA ASP A 103 9.48 -2.55 5.74
C ASP A 103 8.21 -1.71 5.64
N LYS A 104 8.33 -0.43 5.98
CA LYS A 104 7.19 0.48 5.94
C LYS A 104 7.19 1.27 4.63
N ALA A 105 5.99 1.45 4.06
CA ALA A 105 5.85 2.18 2.81
C ALA A 105 4.61 3.08 2.83
N THR A 106 4.80 4.35 2.49
CA THR A 106 3.70 5.30 2.47
C THR A 106 2.87 5.17 1.20
N VAL A 107 1.55 5.12 1.36
CA VAL A 107 0.65 5.00 0.22
C VAL A 107 -0.18 6.26 0.04
N VAL A 108 0.31 7.18 -0.79
CA VAL A 108 -0.39 8.44 -1.04
C VAL A 108 -1.53 8.23 -2.05
N LEU A 109 -2.72 8.64 -1.66
CA LEU A 109 -3.90 8.50 -2.52
C LEU A 109 -4.56 9.86 -2.76
N ASN A 110 -4.28 10.45 -3.92
CA ASN A 110 -4.84 11.75 -4.27
C ASN A 110 -6.34 11.63 -4.54
N ILE A 111 -7.14 12.21 -3.66
CA ILE A 111 -8.59 12.17 -3.81
C ILE A 111 -9.04 12.99 -5.02
N LYS A 112 -9.29 12.30 -6.12
CA LYS A 112 -9.73 12.95 -7.35
C LYS A 112 -11.25 13.02 -7.42
N ASP A 113 -11.77 13.83 -8.34
CA ASP A 113 -13.20 13.97 -8.51
C ASP A 113 -13.66 13.38 -9.84
N GLU A 114 -14.35 12.25 -9.78
CA GLU A 114 -14.84 11.58 -10.98
C GLU A 114 -16.02 12.34 -11.57
N ASN A 115 -16.97 12.70 -10.73
CA ASN A 115 -18.16 13.43 -11.16
C ASN A 115 -17.77 14.68 -11.95
N ASP A 116 -17.00 15.55 -11.31
CA ASP A 116 -16.55 16.79 -11.94
C ASP A 116 -17.71 17.47 -12.67
N ASN A 117 -18.88 17.46 -12.06
CA ASN A 117 -20.06 18.08 -12.64
C ASN A 117 -19.79 19.53 -13.02
N VAL A 118 -19.51 19.77 -14.30
CA VAL A 118 -19.23 21.11 -14.78
C VAL A 118 -20.52 21.88 -15.05
N PRO A 119 -20.66 23.03 -14.37
CA PRO A 119 -21.85 23.89 -14.52
C PRO A 119 -21.92 24.56 -15.89
N GLY A 1 13.32 2.53 -8.14
CA GLY A 1 14.03 1.46 -7.48
C GLY A 1 15.04 1.98 -6.46
N SER A 2 15.42 1.12 -5.52
CA SER A 2 16.36 1.49 -4.49
C SER A 2 17.23 0.30 -4.08
N SER A 3 18.55 0.47 -4.18
CA SER A 3 19.49 -0.60 -3.84
C SER A 3 20.35 -0.18 -2.65
N GLY A 4 21.04 -1.16 -2.06
CA GLY A 4 21.89 -0.88 -0.92
C GLY A 4 23.35 -0.71 -1.32
N SER A 5 23.70 0.49 -1.78
CA SER A 5 25.06 0.79 -2.20
C SER A 5 26.05 0.45 -1.08
N SER A 6 27.18 -0.12 -1.47
CA SER A 6 28.22 -0.50 -0.51
C SER A 6 27.59 -1.17 0.72
N GLY A 7 26.63 -2.04 0.49
CA GLY A 7 25.96 -2.72 1.59
C GLY A 7 25.14 -3.91 1.11
N ASN A 8 25.18 -5.00 1.88
CA ASN A 8 24.44 -6.20 1.54
C ASN A 8 23.49 -6.60 2.66
N ASP A 9 22.19 -6.44 2.43
CA ASP A 9 21.19 -6.79 3.42
C ASP A 9 20.11 -7.68 2.82
N ASN A 10 19.42 -8.43 3.68
CA ASN A 10 18.37 -9.33 3.23
C ASN A 10 17.03 -8.97 3.89
N SER A 11 16.30 -8.05 3.26
CA SER A 11 15.01 -7.62 3.80
C SER A 11 14.01 -7.39 2.67
N PRO A 12 12.72 -7.55 2.99
CA PRO A 12 11.63 -7.37 2.02
C PRO A 12 11.46 -5.91 1.60
N ARG A 13 11.87 -5.60 0.38
CA ARG A 13 11.76 -4.24 -0.13
C ARG A 13 10.56 -4.10 -1.07
N PHE A 14 10.02 -2.89 -1.16
CA PHE A 14 8.87 -2.63 -2.02
C PHE A 14 9.32 -2.12 -3.39
N GLU A 15 8.38 -2.06 -4.33
CA GLU A 15 8.68 -1.59 -5.68
C GLU A 15 8.87 -0.07 -5.70
N LYS A 16 8.02 0.63 -4.96
CA LYS A 16 8.09 2.09 -4.89
C LYS A 16 8.14 2.56 -3.44
N SER A 17 8.99 3.56 -3.18
CA SER A 17 9.12 4.10 -1.83
C SER A 17 7.80 4.64 -1.32
N VAL A 18 7.11 5.40 -2.17
CA VAL A 18 5.82 5.98 -1.81
C VAL A 18 4.76 5.67 -2.86
N TYR A 19 3.95 4.65 -2.59
CA TYR A 19 2.89 4.25 -3.51
C TYR A 19 1.87 5.37 -3.70
N GLU A 20 2.13 6.25 -4.66
CA GLU A 20 1.24 7.37 -4.94
C GLU A 20 0.26 7.01 -6.05
N ALA A 21 -0.99 6.75 -5.66
CA ALA A 21 -2.03 6.40 -6.63
C ALA A 21 -3.27 7.26 -6.43
N ASP A 22 -3.75 7.86 -7.52
CA ASP A 22 -4.93 8.71 -7.47
C ASP A 22 -6.21 7.87 -7.45
N LEU A 23 -6.95 7.97 -6.35
CA LEU A 23 -8.19 7.22 -6.20
C LEU A 23 -9.40 8.14 -6.32
N ALA A 24 -10.38 7.73 -7.13
CA ALA A 24 -11.59 8.52 -7.33
C ALA A 24 -12.49 8.45 -6.10
N GLU A 25 -12.72 9.60 -5.48
CA GLU A 25 -13.57 9.67 -4.29
C GLU A 25 -14.89 8.95 -4.52
N ASN A 26 -15.46 9.12 -5.72
CA ASN A 26 -16.71 8.48 -6.07
C ASN A 26 -16.56 6.96 -6.13
N SER A 27 -15.33 6.50 -6.38
CA SER A 27 -15.04 5.08 -6.47
C SER A 27 -15.95 4.29 -5.53
N ALA A 28 -16.61 3.26 -6.08
CA ALA A 28 -17.50 2.43 -5.31
C ALA A 28 -16.74 1.64 -4.26
N PRO A 29 -17.46 1.14 -3.24
CA PRO A 29 -16.87 0.35 -2.14
C PRO A 29 -16.41 -1.02 -2.61
N GLY A 30 -15.23 -1.07 -3.22
CA GLY A 30 -14.70 -2.34 -3.70
C GLY A 30 -13.71 -2.15 -4.84
N THR A 31 -13.78 -0.99 -5.50
CA THR A 31 -12.88 -0.71 -6.61
C THR A 31 -11.43 -0.91 -6.21
N PRO A 32 -10.68 -1.60 -7.08
CA PRO A 32 -9.25 -1.87 -6.84
C PRO A 32 -8.40 -0.62 -6.94
N ILE A 33 -7.37 -0.53 -6.08
CA ILE A 33 -6.48 0.61 -6.07
C ILE A 33 -5.11 0.25 -6.64
N LEU A 34 -4.43 -0.67 -5.95
CA LEU A 34 -3.11 -1.12 -6.38
C LEU A 34 -2.70 -2.39 -5.66
N GLN A 35 -1.78 -3.14 -6.26
CA GLN A 35 -1.30 -4.39 -5.67
C GLN A 35 0.16 -4.27 -5.26
N LEU A 36 0.41 -4.28 -3.96
CA LEU A 36 1.77 -4.17 -3.44
C LEU A 36 2.63 -5.35 -3.92
N ARG A 37 3.89 -5.07 -4.21
CA ARG A 37 4.82 -6.09 -4.68
C ARG A 37 6.17 -5.96 -3.98
N ALA A 38 6.85 -7.10 -3.84
CA ALA A 38 8.16 -7.11 -3.19
C ALA A 38 9.27 -7.39 -4.20
N ALA A 39 9.13 -6.84 -5.39
CA ALA A 39 10.12 -7.03 -6.45
C ALA A 39 10.91 -8.32 -6.23
N ASP A 40 10.20 -9.43 -6.11
CA ASP A 40 10.84 -10.72 -5.90
C ASP A 40 11.51 -11.21 -7.18
N LEU A 41 11.04 -10.71 -8.31
CA LEU A 41 11.60 -11.10 -9.61
C LEU A 41 11.41 -12.59 -9.86
N ASP A 42 10.35 -13.15 -9.28
CA ASP A 42 10.05 -14.57 -9.44
C ASP A 42 8.58 -14.78 -9.75
N VAL A 43 7.96 -13.80 -10.41
CA VAL A 43 6.56 -13.89 -10.77
C VAL A 43 5.72 -14.38 -9.59
N GLY A 44 5.91 -13.76 -8.43
CA GLY A 44 5.17 -14.14 -7.24
C GLY A 44 5.79 -15.33 -6.54
N VAL A 45 7.00 -15.13 -6.00
CA VAL A 45 7.70 -16.19 -5.29
C VAL A 45 6.83 -16.80 -4.22
N ASN A 46 7.02 -18.09 -3.96
CA ASN A 46 6.25 -18.80 -2.94
C ASN A 46 6.05 -17.93 -1.71
N GLY A 47 7.08 -17.17 -1.35
CA GLY A 47 7.00 -16.31 -0.19
C GLY A 47 6.15 -15.08 -0.44
N GLN A 48 4.83 -15.26 -0.45
CA GLN A 48 3.91 -14.15 -0.69
C GLN A 48 4.00 -13.12 0.43
N ILE A 49 5.06 -12.33 0.43
CA ILE A 49 5.26 -11.31 1.44
C ILE A 49 3.93 -10.76 1.93
N GLU A 50 3.85 -10.48 3.23
CA GLU A 50 2.63 -9.94 3.82
C GLU A 50 2.49 -8.45 3.54
N TYR A 51 1.26 -7.97 3.51
CA TYR A 51 0.99 -6.56 3.24
C TYR A 51 -0.05 -6.01 4.21
N VAL A 52 0.37 -5.77 5.45
CA VAL A 52 -0.53 -5.24 6.47
C VAL A 52 -0.45 -3.72 6.53
N PHE A 53 -1.27 -3.13 7.39
CA PHE A 53 -1.30 -1.68 7.56
C PHE A 53 -0.29 -1.23 8.61
N GLY A 54 0.96 -1.07 8.20
CA GLY A 54 2.00 -0.65 9.11
C GLY A 54 1.55 0.48 10.03
N ALA A 55 1.51 1.69 9.47
CA ALA A 55 1.09 2.86 10.24
C ALA A 55 -0.11 3.54 9.60
N ALA A 56 -1.30 3.03 9.88
CA ALA A 56 -2.53 3.58 9.33
C ALA A 56 -3.47 4.04 10.43
N THR A 57 -4.63 4.56 10.04
CA THR A 57 -5.62 5.04 11.00
C THR A 57 -6.91 4.24 10.91
N GLU A 58 -7.72 4.30 11.96
CA GLU A 58 -8.98 3.58 12.01
C GLU A 58 -9.84 3.92 10.78
N SER A 59 -10.00 5.21 10.53
CA SER A 59 -10.79 5.67 9.39
C SER A 59 -10.30 5.03 8.09
N VAL A 60 -8.99 5.06 7.88
CA VAL A 60 -8.40 4.48 6.68
C VAL A 60 -8.55 2.98 6.67
N ARG A 61 -8.42 2.36 7.84
CA ARG A 61 -8.53 0.90 7.96
C ARG A 61 -9.94 0.45 7.59
N ARG A 62 -10.94 1.15 8.09
CA ARG A 62 -12.33 0.81 7.82
C ARG A 62 -12.75 1.33 6.45
N LEU A 63 -12.18 2.46 6.05
CA LEU A 63 -12.50 3.06 4.76
C LEU A 63 -11.88 2.28 3.61
N LEU A 64 -10.69 1.74 3.85
CA LEU A 64 -9.99 0.95 2.84
C LEU A 64 -9.64 -0.44 3.37
N ARG A 65 -9.72 -1.43 2.50
CA ARG A 65 -9.41 -2.81 2.87
C ARG A 65 -8.16 -3.31 2.16
N LEU A 66 -7.18 -3.75 2.93
CA LEU A 66 -5.93 -4.25 2.37
C LEU A 66 -5.74 -5.73 2.70
N ASP A 67 -5.15 -6.46 1.76
CA ASP A 67 -4.91 -7.89 1.94
C ASP A 67 -3.43 -8.16 2.26
N GLU A 68 -3.14 -9.35 2.75
CA GLU A 68 -1.78 -9.73 3.09
C GLU A 68 -1.38 -11.02 2.39
N THR A 69 -2.35 -11.91 2.19
CA THR A 69 -2.10 -13.18 1.53
C THR A 69 -1.71 -12.97 0.08
N SER A 70 -2.39 -12.05 -0.59
CA SER A 70 -2.11 -11.76 -2.00
C SER A 70 -1.43 -10.40 -2.15
N GLY A 71 -1.93 -9.41 -1.42
CA GLY A 71 -1.35 -8.08 -1.49
C GLY A 71 -2.09 -7.18 -2.46
N TRP A 72 -3.41 -7.15 -2.36
CA TRP A 72 -4.23 -6.33 -3.25
C TRP A 72 -4.99 -5.28 -2.44
N LEU A 73 -4.73 -4.01 -2.75
CA LEU A 73 -5.39 -2.90 -2.06
C LEU A 73 -6.65 -2.47 -2.81
N SER A 74 -7.72 -2.22 -2.07
CA SER A 74 -8.99 -1.80 -2.66
C SER A 74 -9.84 -1.05 -1.64
N VAL A 75 -10.89 -0.41 -2.13
CA VAL A 75 -11.79 0.35 -1.26
C VAL A 75 -12.74 -0.59 -0.50
N LEU A 76 -13.16 -0.15 0.68
CA LEU A 76 -14.07 -0.94 1.50
C LEU A 76 -15.39 -0.21 1.73
N HIS A 77 -15.30 1.08 1.98
CA HIS A 77 -16.50 1.90 2.21
C HIS A 77 -16.49 3.14 1.32
N ARG A 78 -17.67 3.54 0.86
CA ARG A 78 -17.80 4.70 0.00
C ARG A 78 -16.87 5.82 0.45
N ILE A 79 -16.19 6.45 -0.51
CA ILE A 79 -15.27 7.54 -0.21
C ILE A 79 -15.87 8.90 -0.61
N ASP A 80 -15.64 9.90 0.23
CA ASP A 80 -16.15 11.24 -0.03
C ASP A 80 -15.03 12.27 0.06
N ARG A 81 -14.74 12.92 -1.05
CA ARG A 81 -13.68 13.93 -1.10
C ARG A 81 -13.86 14.95 0.02
N GLU A 82 -15.11 15.24 0.35
CA GLU A 82 -15.43 16.21 1.41
C GLU A 82 -14.80 15.78 2.72
N GLU A 83 -15.27 14.67 3.28
CA GLU A 83 -14.75 14.15 4.54
C GLU A 83 -13.23 14.00 4.48
N VAL A 84 -12.73 13.55 3.33
CA VAL A 84 -11.30 13.36 3.15
C VAL A 84 -10.84 13.92 1.80
N ASN A 85 -9.82 14.78 1.84
CA ASN A 85 -9.29 15.38 0.63
C ASN A 85 -8.05 14.62 0.14
N GLN A 86 -7.28 14.10 1.08
CA GLN A 86 -6.08 13.34 0.74
C GLN A 86 -5.66 12.44 1.89
N LEU A 87 -5.62 11.13 1.63
CA LEU A 87 -5.24 10.16 2.64
C LEU A 87 -3.73 10.09 2.79
N ARG A 88 -3.27 9.33 3.78
CA ARG A 88 -1.84 9.18 4.03
C ARG A 88 -1.58 8.13 5.11
N PHE A 89 -1.07 6.98 4.69
CA PHE A 89 -0.79 5.89 5.61
C PHE A 89 0.46 5.12 5.19
N THR A 90 0.84 4.12 5.97
CA THR A 90 2.02 3.32 5.67
C THR A 90 1.67 1.83 5.65
N VAL A 91 2.45 1.06 4.89
CA VAL A 91 2.22 -0.37 4.78
C VAL A 91 3.50 -1.15 5.11
N MET A 92 3.34 -2.20 5.92
CA MET A 92 4.48 -3.03 6.30
C MET A 92 4.52 -4.32 5.48
N ALA A 93 5.69 -4.95 5.44
CA ALA A 93 5.86 -6.19 4.69
C ALA A 93 6.66 -7.21 5.50
N ARG A 94 5.98 -8.23 6.00
CA ARG A 94 6.62 -9.27 6.79
C ARG A 94 7.21 -10.35 5.89
N ASP A 95 8.45 -10.73 6.15
CA ASP A 95 9.12 -11.76 5.36
C ASP A 95 9.07 -13.11 6.07
N ARG A 96 9.37 -14.16 5.33
CA ARG A 96 9.35 -15.52 5.89
C ARG A 96 10.64 -15.81 6.66
N GLY A 97 11.07 -14.83 7.44
CA GLY A 97 12.29 -15.00 8.22
C GLY A 97 12.10 -14.63 9.68
N GLN A 98 13.18 -14.68 10.44
CA GLN A 98 13.13 -14.35 11.86
C GLN A 98 14.44 -13.72 12.33
N PRO A 99 14.37 -12.45 12.75
CA PRO A 99 13.11 -11.70 12.78
C PRO A 99 12.61 -11.36 11.38
N PRO A 100 11.28 -11.37 11.20
CA PRO A 100 10.65 -11.07 9.91
C PRO A 100 10.78 -9.60 9.54
N LYS A 101 11.90 -9.26 8.90
CA LYS A 101 12.14 -7.89 8.48
C LYS A 101 10.87 -7.24 7.94
N THR A 102 10.54 -6.06 8.45
CA THR A 102 9.35 -5.34 8.01
C THR A 102 9.71 -4.02 7.35
N ASP A 103 9.27 -3.84 6.12
CA ASP A 103 9.55 -2.62 5.38
C ASP A 103 8.31 -1.74 5.28
N LYS A 104 8.44 -0.48 5.66
CA LYS A 104 7.33 0.47 5.62
C LYS A 104 7.32 1.23 4.30
N ALA A 105 6.12 1.57 3.83
CA ALA A 105 5.97 2.32 2.59
C ALA A 105 4.80 3.29 2.66
N THR A 106 5.10 4.58 2.47
CA THR A 106 4.07 5.61 2.52
C THR A 106 3.16 5.53 1.30
N VAL A 107 1.87 5.26 1.53
CA VAL A 107 0.90 5.18 0.46
C VAL A 107 0.04 6.42 0.39
N VAL A 108 0.40 7.33 -0.52
CA VAL A 108 -0.34 8.57 -0.69
C VAL A 108 -1.42 8.43 -1.76
N LEU A 109 -2.67 8.33 -1.33
CA LEU A 109 -3.79 8.18 -2.27
C LEU A 109 -4.48 9.53 -2.48
N ASN A 110 -4.31 10.09 -3.67
CA ASN A 110 -4.91 11.36 -4.02
C ASN A 110 -6.41 11.20 -4.30
N ILE A 111 -7.24 11.86 -3.50
CA ILE A 111 -8.68 11.79 -3.67
C ILE A 111 -9.15 12.74 -4.76
N LYS A 112 -9.28 12.22 -5.98
CA LYS A 112 -9.74 13.03 -7.11
C LYS A 112 -11.22 13.37 -6.96
N ASP A 113 -11.67 14.35 -7.76
CA ASP A 113 -13.06 14.78 -7.72
C ASP A 113 -13.75 14.48 -9.05
N GLU A 114 -14.58 13.44 -9.07
CA GLU A 114 -15.30 13.05 -10.27
C GLU A 114 -16.50 13.96 -10.50
N ASN A 115 -17.31 14.14 -9.46
CA ASN A 115 -18.50 14.98 -9.55
C ASN A 115 -18.12 16.45 -9.69
N ASP A 116 -17.36 16.96 -8.72
CA ASP A 116 -16.92 18.35 -8.73
C ASP A 116 -16.28 18.69 -10.07
N ASN A 117 -16.31 19.98 -10.44
CA ASN A 117 -15.74 20.44 -11.70
C ASN A 117 -15.47 21.94 -11.65
N VAL A 118 -14.70 22.42 -12.62
CA VAL A 118 -14.38 23.84 -12.70
C VAL A 118 -15.64 24.70 -12.75
N PRO A 119 -15.61 25.85 -12.07
CA PRO A 119 -16.74 26.78 -12.02
C PRO A 119 -16.97 27.47 -13.36
N GLY A 1 20.85 -8.20 -14.23
CA GLY A 1 20.71 -7.47 -12.99
C GLY A 1 21.87 -7.71 -12.03
N SER A 2 22.89 -6.86 -12.15
CA SER A 2 24.07 -6.98 -11.30
C SER A 2 23.75 -6.60 -9.85
N SER A 3 24.41 -7.25 -8.91
CA SER A 3 24.19 -6.98 -7.50
C SER A 3 25.45 -7.24 -6.69
N GLY A 4 25.72 -6.38 -5.72
CA GLY A 4 26.91 -6.54 -4.89
C GLY A 4 27.44 -5.22 -4.37
N SER A 5 28.49 -4.72 -5.00
CA SER A 5 29.10 -3.45 -4.59
C SER A 5 28.04 -2.47 -4.14
N SER A 6 26.97 -2.36 -4.92
CA SER A 6 25.88 -1.44 -4.59
C SER A 6 25.50 -1.54 -3.11
N GLY A 7 25.23 -2.75 -2.66
CA GLY A 7 24.86 -2.95 -1.27
C GLY A 7 23.39 -3.23 -1.09
N ASN A 8 22.93 -4.38 -1.59
CA ASN A 8 21.53 -4.75 -1.49
C ASN A 8 21.32 -5.78 -0.38
N ASP A 9 20.47 -5.42 0.58
CA ASP A 9 20.18 -6.32 1.70
C ASP A 9 19.23 -7.43 1.28
N ASN A 10 18.94 -8.34 2.20
CA ASN A 10 18.05 -9.46 1.92
C ASN A 10 16.73 -9.31 2.68
N SER A 11 16.17 -8.11 2.65
CA SER A 11 14.91 -7.85 3.35
C SER A 11 13.82 -7.46 2.35
N PRO A 12 12.55 -7.68 2.76
CA PRO A 12 11.40 -7.37 1.91
C PRO A 12 11.18 -5.87 1.76
N ARG A 13 11.31 -5.40 0.52
CA ARG A 13 11.12 -3.98 0.23
C ARG A 13 10.10 -3.77 -0.88
N PHE A 14 9.36 -2.67 -0.80
CA PHE A 14 8.34 -2.36 -1.80
C PHE A 14 8.98 -1.87 -3.09
N GLU A 15 8.26 -2.02 -4.20
CA GLU A 15 8.75 -1.60 -5.50
C GLU A 15 9.01 -0.09 -5.52
N LYS A 16 8.11 0.66 -4.90
CA LYS A 16 8.24 2.12 -4.85
C LYS A 16 8.22 2.61 -3.40
N SER A 17 9.13 3.54 -3.09
CA SER A 17 9.22 4.10 -1.75
C SER A 17 7.88 4.66 -1.30
N VAL A 18 7.24 5.43 -2.16
CA VAL A 18 5.95 6.03 -1.86
C VAL A 18 4.95 5.79 -2.98
N TYR A 19 4.02 4.87 -2.76
CA TYR A 19 3.01 4.54 -3.75
C TYR A 19 2.04 5.71 -3.94
N GLU A 20 2.20 6.43 -5.04
CA GLU A 20 1.35 7.57 -5.34
C GLU A 20 0.29 7.20 -6.39
N ALA A 21 -0.94 7.04 -5.95
CA ALA A 21 -2.03 6.69 -6.86
C ALA A 21 -3.18 7.71 -6.76
N ASP A 22 -4.10 7.63 -7.72
CA ASP A 22 -5.24 8.55 -7.74
C ASP A 22 -6.53 7.80 -7.49
N LEU A 23 -7.08 7.98 -6.29
CA LEU A 23 -8.33 7.32 -5.92
C LEU A 23 -9.53 8.22 -6.20
N ALA A 24 -10.56 7.67 -6.83
CA ALA A 24 -11.76 8.41 -7.15
C ALA A 24 -12.70 8.49 -5.95
N GLU A 25 -12.87 9.69 -5.41
CA GLU A 25 -13.74 9.89 -4.25
C GLU A 25 -14.99 9.02 -4.36
N ASN A 26 -15.49 8.87 -5.58
CA ASN A 26 -16.69 8.06 -5.82
C ASN A 26 -16.32 6.61 -6.09
N SER A 27 -15.42 6.06 -5.28
CA SER A 27 -14.98 4.68 -5.43
C SER A 27 -15.84 3.74 -4.59
N ALA A 28 -16.30 2.66 -5.22
CA ALA A 28 -17.14 1.68 -4.54
C ALA A 28 -16.40 1.07 -3.35
N PRO A 29 -17.14 0.36 -2.49
CA PRO A 29 -16.58 -0.29 -1.30
C PRO A 29 -15.70 -1.47 -1.65
N GLY A 30 -15.32 -1.57 -2.93
CA GLY A 30 -14.47 -2.65 -3.37
C GLY A 30 -13.66 -2.30 -4.60
N THR A 31 -13.29 -1.03 -4.71
CA THR A 31 -12.51 -0.56 -5.86
C THR A 31 -11.02 -0.78 -5.62
N PRO A 32 -10.35 -1.37 -6.63
CA PRO A 32 -8.92 -1.65 -6.57
C PRO A 32 -8.08 -0.37 -6.62
N ILE A 33 -7.20 -0.20 -5.64
CA ILE A 33 -6.34 0.97 -5.57
C ILE A 33 -4.98 0.69 -6.20
N LEU A 34 -4.21 -0.19 -5.55
CA LEU A 34 -2.88 -0.54 -6.05
C LEU A 34 -2.45 -1.90 -5.50
N GLN A 35 -1.67 -2.63 -6.30
CA GLN A 35 -1.19 -3.95 -5.89
C GLN A 35 0.17 -3.84 -5.22
N LEU A 36 0.21 -4.09 -3.92
CA LEU A 36 1.44 -4.03 -3.15
C LEU A 36 2.38 -5.17 -3.54
N ARG A 37 3.47 -4.83 -4.23
CA ARG A 37 4.45 -5.83 -4.65
C ARG A 37 5.81 -5.55 -4.04
N ALA A 38 6.46 -6.61 -3.56
CA ALA A 38 7.77 -6.47 -2.95
C ALA A 38 8.83 -7.26 -3.73
N ALA A 39 8.76 -7.17 -5.05
CA ALA A 39 9.69 -7.86 -5.92
C ALA A 39 11.13 -7.49 -5.58
N ASP A 40 12.07 -7.96 -6.39
CA ASP A 40 13.49 -7.66 -6.18
C ASP A 40 13.92 -8.06 -4.77
N LEU A 41 13.68 -9.32 -4.41
CA LEU A 41 14.04 -9.82 -3.09
C LEU A 41 15.18 -10.82 -3.18
N ASP A 42 14.87 -12.00 -3.72
CA ASP A 42 15.88 -13.05 -3.87
C ASP A 42 15.93 -13.55 -5.32
N VAL A 43 16.10 -12.63 -6.25
CA VAL A 43 16.17 -12.98 -7.67
C VAL A 43 14.88 -13.69 -8.12
N GLY A 44 13.74 -13.08 -7.82
CA GLY A 44 12.47 -13.67 -8.20
C GLY A 44 12.12 -14.87 -7.34
N VAL A 45 11.15 -14.69 -6.44
CA VAL A 45 10.71 -15.76 -5.56
C VAL A 45 9.28 -16.18 -5.88
N ASN A 46 8.81 -17.22 -5.19
CA ASN A 46 7.45 -17.72 -5.40
C ASN A 46 6.42 -16.65 -5.05
N GLY A 47 6.67 -15.92 -3.98
CA GLY A 47 5.75 -14.87 -3.56
C GLY A 47 5.24 -15.08 -2.15
N GLN A 48 6.10 -14.83 -1.17
CA GLN A 48 5.72 -15.00 0.23
C GLN A 48 5.99 -13.71 1.02
N ILE A 49 5.04 -12.79 0.96
CA ILE A 49 5.17 -11.52 1.67
C ILE A 49 3.83 -11.06 2.23
N GLU A 50 3.73 -11.02 3.55
CA GLU A 50 2.49 -10.59 4.21
C GLU A 50 2.40 -9.07 4.27
N TYR A 51 1.44 -8.52 3.55
CA TYR A 51 1.24 -7.07 3.51
C TYR A 51 0.09 -6.65 4.43
N VAL A 52 0.42 -5.90 5.48
CA VAL A 52 -0.58 -5.44 6.43
C VAL A 52 -0.48 -3.93 6.63
N PHE A 53 -1.48 -3.36 7.29
CA PHE A 53 -1.51 -1.92 7.56
C PHE A 53 -0.51 -1.56 8.66
N GLY A 54 0.69 -1.17 8.25
CA GLY A 54 1.72 -0.80 9.21
C GLY A 54 1.29 0.36 10.09
N ALA A 55 1.66 1.58 9.68
CA ALA A 55 1.31 2.78 10.44
C ALA A 55 0.08 3.45 9.86
N ALA A 56 -1.08 2.89 10.12
CA ALA A 56 -2.34 3.44 9.61
C ALA A 56 -3.32 3.70 10.75
N THR A 57 -4.43 4.38 10.44
CA THR A 57 -5.44 4.68 11.43
C THR A 57 -6.62 3.72 11.33
N GLU A 58 -7.31 3.51 12.44
CA GLU A 58 -8.45 2.61 12.48
C GLU A 58 -9.49 3.01 11.43
N SER A 59 -9.41 4.25 10.98
CA SER A 59 -10.35 4.77 9.98
C SER A 59 -9.95 4.31 8.58
N VAL A 60 -8.65 4.08 8.39
CA VAL A 60 -8.13 3.63 7.10
C VAL A 60 -8.40 2.16 6.88
N ARG A 61 -8.31 1.38 7.95
CA ARG A 61 -8.54 -0.06 7.88
C ARG A 61 -10.01 -0.37 7.63
N ARG A 62 -10.89 0.47 8.19
CA ARG A 62 -12.32 0.28 8.04
C ARG A 62 -12.79 0.83 6.69
N LEU A 63 -12.28 2.00 6.32
CA LEU A 63 -12.66 2.63 5.05
C LEU A 63 -11.91 1.98 3.89
N LEU A 64 -10.71 1.49 4.15
CA LEU A 64 -9.90 0.85 3.12
C LEU A 64 -9.43 -0.53 3.58
N ARG A 65 -9.47 -1.49 2.66
CA ARG A 65 -9.05 -2.85 2.97
C ARG A 65 -7.76 -3.20 2.22
N LEU A 66 -6.86 -3.92 2.91
CA LEU A 66 -5.60 -4.32 2.31
C LEU A 66 -5.41 -5.83 2.41
N ASP A 67 -4.77 -6.41 1.40
CA ASP A 67 -4.52 -7.84 1.37
C ASP A 67 -3.04 -8.14 1.63
N GLU A 68 -2.75 -9.40 1.96
CA GLU A 68 -1.38 -9.81 2.23
C GLU A 68 -1.00 -11.03 1.39
N THR A 69 -1.92 -11.98 1.28
CA THR A 69 -1.68 -13.18 0.51
C THR A 69 -1.62 -12.88 -0.99
N SER A 70 -2.37 -11.87 -1.41
CA SER A 70 -2.41 -11.48 -2.81
C SER A 70 -1.63 -10.18 -3.03
N GLY A 71 -1.71 -9.29 -2.05
CA GLY A 71 -1.01 -8.02 -2.15
C GLY A 71 -1.81 -6.98 -2.91
N TRP A 72 -3.12 -7.16 -2.93
CA TRP A 72 -4.01 -6.23 -3.63
C TRP A 72 -4.79 -5.36 -2.64
N LEU A 73 -4.69 -4.05 -2.81
CA LEU A 73 -5.39 -3.12 -1.93
C LEU A 73 -6.59 -2.50 -2.63
N SER A 74 -7.70 -2.40 -1.92
CA SER A 74 -8.92 -1.83 -2.48
C SER A 74 -9.76 -1.17 -1.39
N VAL A 75 -10.84 -0.51 -1.80
CA VAL A 75 -11.73 0.17 -0.85
C VAL A 75 -12.68 -0.82 -0.19
N LEU A 76 -13.13 -0.46 1.01
CA LEU A 76 -14.05 -1.32 1.76
C LEU A 76 -15.40 -0.64 1.94
N HIS A 77 -15.37 0.67 2.18
CA HIS A 77 -16.59 1.44 2.37
C HIS A 77 -16.59 2.69 1.50
N ARG A 78 -17.77 3.14 1.10
CA ARG A 78 -17.91 4.31 0.26
C ARG A 78 -17.06 5.47 0.81
N ILE A 79 -16.50 6.27 -0.11
CA ILE A 79 -15.68 7.40 0.28
C ILE A 79 -16.26 8.71 -0.23
N ASP A 80 -16.16 9.75 0.59
CA ASP A 80 -16.68 11.06 0.22
C ASP A 80 -15.57 12.12 0.24
N ARG A 81 -15.32 12.73 -0.91
CA ARG A 81 -14.28 13.75 -1.02
C ARG A 81 -14.42 14.78 0.09
N GLU A 82 -15.65 14.99 0.56
CA GLU A 82 -15.90 15.95 1.62
C GLU A 82 -15.29 15.48 2.94
N GLU A 83 -15.65 14.26 3.36
CA GLU A 83 -15.14 13.71 4.61
C GLU A 83 -13.62 13.50 4.53
N VAL A 84 -13.13 13.18 3.34
CA VAL A 84 -11.71 12.95 3.14
C VAL A 84 -11.24 13.58 1.82
N ASN A 85 -10.09 14.25 1.87
CA ASN A 85 -9.54 14.89 0.68
C ASN A 85 -8.25 14.20 0.24
N GLN A 86 -7.56 13.58 1.20
CA GLN A 86 -6.31 12.89 0.90
C GLN A 86 -6.06 11.77 1.93
N LEU A 87 -5.91 10.55 1.44
CA LEU A 87 -5.67 9.40 2.30
C LEU A 87 -4.19 9.04 2.32
N ARG A 88 -3.57 9.14 3.49
CA ARG A 88 -2.15 8.81 3.64
C ARG A 88 -1.94 7.78 4.74
N PHE A 89 -1.47 6.60 4.35
CA PHE A 89 -1.22 5.52 5.31
C PHE A 89 -0.01 4.71 4.91
N THR A 90 0.63 4.08 5.90
CA THR A 90 1.81 3.26 5.64
C THR A 90 1.46 1.78 5.63
N VAL A 91 2.17 1.01 4.82
CA VAL A 91 1.93 -0.43 4.72
C VAL A 91 3.20 -1.21 5.06
N MET A 92 3.03 -2.32 5.76
CA MET A 92 4.17 -3.17 6.14
C MET A 92 4.16 -4.46 5.34
N ALA A 93 5.36 -5.03 5.14
CA ALA A 93 5.50 -6.27 4.39
C ALA A 93 6.34 -7.28 5.15
N ARG A 94 5.69 -8.19 5.86
CA ARG A 94 6.40 -9.21 6.64
C ARG A 94 6.96 -10.29 5.72
N ASP A 95 7.88 -11.08 6.27
CA ASP A 95 8.50 -12.15 5.50
C ASP A 95 8.51 -13.46 6.30
N ARG A 96 8.87 -14.55 5.64
CA ARG A 96 8.93 -15.86 6.28
C ARG A 96 10.27 -16.07 6.97
N GLY A 97 10.46 -15.40 8.10
CA GLY A 97 11.70 -15.52 8.85
C GLY A 97 11.60 -14.94 10.24
N GLN A 98 12.64 -15.16 11.04
CA GLN A 98 12.66 -14.64 12.41
C GLN A 98 14.08 -14.24 12.82
N PRO A 99 14.24 -12.97 13.21
CA PRO A 99 13.14 -12.00 13.25
C PRO A 99 12.65 -11.61 11.86
N PRO A 100 11.32 -11.56 11.69
CA PRO A 100 10.70 -11.19 10.42
C PRO A 100 10.91 -9.73 10.07
N LYS A 101 11.54 -9.48 8.92
CA LYS A 101 11.81 -8.11 8.46
C LYS A 101 10.53 -7.48 7.91
N THR A 102 10.33 -6.20 8.24
CA THR A 102 9.16 -5.48 7.77
C THR A 102 9.55 -4.11 7.22
N ASP A 103 9.02 -3.78 6.05
CA ASP A 103 9.30 -2.50 5.40
C ASP A 103 8.07 -1.62 5.38
N LYS A 104 8.23 -0.36 5.78
CA LYS A 104 7.13 0.59 5.80
C LYS A 104 7.14 1.46 4.54
N ALA A 105 6.04 1.40 3.79
CA ALA A 105 5.92 2.19 2.56
C ALA A 105 4.80 3.20 2.68
N THR A 106 5.07 4.43 2.23
CA THR A 106 4.08 5.49 2.29
C THR A 106 3.14 5.44 1.08
N VAL A 107 1.83 5.40 1.36
CA VAL A 107 0.84 5.35 0.29
C VAL A 107 0.04 6.64 0.22
N VAL A 108 0.35 7.46 -0.78
CA VAL A 108 -0.34 8.74 -0.96
C VAL A 108 -1.42 8.63 -2.02
N LEU A 109 -2.68 8.72 -1.59
CA LEU A 109 -3.81 8.64 -2.51
C LEU A 109 -4.49 9.99 -2.66
N ASN A 110 -4.54 10.48 -3.90
CA ASN A 110 -5.17 11.76 -4.19
C ASN A 110 -6.66 11.59 -4.50
N ILE A 111 -7.50 12.14 -3.63
CA ILE A 111 -8.94 12.04 -3.81
C ILE A 111 -9.40 12.86 -5.02
N LYS A 112 -9.57 12.18 -6.14
CA LYS A 112 -10.02 12.84 -7.37
C LYS A 112 -11.53 12.99 -7.40
N ASP A 113 -12.03 13.73 -8.37
CA ASP A 113 -13.47 13.95 -8.52
C ASP A 113 -14.00 13.24 -9.75
N GLU A 114 -14.81 12.20 -9.54
CA GLU A 114 -15.39 11.44 -10.64
C GLU A 114 -16.66 12.12 -11.15
N ASN A 115 -17.57 12.42 -10.24
CA ASN A 115 -18.83 13.06 -10.61
C ASN A 115 -18.59 14.45 -11.19
N ASP A 116 -17.73 15.22 -10.52
CA ASP A 116 -17.41 16.58 -10.97
C ASP A 116 -17.07 16.58 -12.46
N ASN A 117 -16.20 15.67 -12.86
CA ASN A 117 -15.79 15.57 -14.26
C ASN A 117 -16.63 14.53 -15.01
N VAL A 118 -17.61 15.01 -15.77
CA VAL A 118 -18.48 14.13 -16.54
C VAL A 118 -18.66 14.63 -17.96
N PRO A 119 -18.31 13.77 -18.94
CA PRO A 119 -18.41 14.11 -20.37
C PRO A 119 -19.87 14.20 -20.82
#